data_1GQK
#
_entry.id   1GQK
#
_cell.length_a   69.707
_cell.length_b   74.879
_cell.length_c   87.481
_cell.angle_alpha   115.34
_cell.angle_beta   93.06
_cell.angle_gamma   109.20
#
_symmetry.space_group_name_H-M   'P 1'
#
loop_
_entity.id
_entity.type
_entity.pdbx_description
1 polymer ALPHA-D-GLUCURONIDASE
2 non-polymer 'beta-D-glucopyranuronic acid'
3 non-polymer 1,2-ETHANEDIOL
4 non-polymer 'COBALT (II) ION'
5 water water
#
_entity_poly.entity_id   1
_entity_poly.type   'polypeptide(L)'
_entity_poly.pdbx_seq_one_letter_code
;EDGYDMWLRYQPIADQTLLKTYQKQIRHLHVAGDSPTINAAAAELQRGLSGLLNKPIVARDEKLKDYSLVIGTPDNSPLI
ASLNLGERLQALGAEGYLLEQTRINKRHVVIVAANSDVGVLYGSFHLLRLIQTQHALEKLSLSSAPRLQHRVVNHWDNLN
RVVERGYAGLSLWDWGSLPNYLAPRYTDYARINASLGINGTVINNVNADPRVLSDQFLQKIAALADAFRPYGIKMYLSIN
FNSPRAFGDVDTADPLDPRVQQWWKTRAQKIYSYIPDFGGFLVKADSEGQPGPQGYGRDHAEGANMLAAALKPFGGVVFW
RAFVYHPDIEDRFRGAYDEFMPLDGKFADNVILQIKNGPIDFQPREPFSALFAGMSRTNMMMEFQITQEYFGFATHLAYQ
GPLFEESLKTETHARGEGSTIGNILEGKVFKTRHTGMAGVINPGTDRNWTGHPFVQSSWYAFGRMAWDHQISAATAADEW
LRMTFSNQPAFIEPVKQMMLVSREAGVNYRSPLGLTHLYSQGDHYGPAPWTDDLPRADWTAVYYHRASKTGIGFNRTKTG
SNALAQYPEPIAKAWGDLNSVPEDLILWFHHLSWDHRMQSGRNLWQELVHKYYQGVEQVRAMQRTWDQQEAYVDAARFAQ
VKALLQVQEREAVRWRNSCVLYFQSVAGRPIPANYEQPEHDLEYYKMLARTTYVPEPWHPASSSRVLK
;
_entity_poly.pdbx_strand_id   A,B
#
# COMPACT_ATOMS: atom_id res chain seq x y z
N GLU A 1 11.04 6.64 -15.25
CA GLU A 1 10.52 7.58 -14.20
C GLU A 1 9.29 6.97 -13.49
N ASP A 2 9.50 6.51 -12.28
CA ASP A 2 8.39 6.01 -11.49
C ASP A 2 8.04 6.89 -10.32
N GLY A 3 8.61 8.08 -10.26
CA GLY A 3 8.24 9.07 -9.28
C GLY A 3 8.78 8.89 -7.90
N TYR A 4 9.56 7.85 -7.68
CA TYR A 4 10.11 7.61 -6.36
C TYR A 4 11.04 8.73 -5.91
N ASP A 5 11.78 9.32 -6.84
CA ASP A 5 12.70 10.38 -6.46
C ASP A 5 12.04 11.75 -6.28
N MET A 6 10.75 11.86 -6.66
CA MET A 6 9.97 13.10 -6.62
C MET A 6 10.74 14.19 -7.32
N TRP A 7 11.04 15.30 -6.67
CA TRP A 7 11.74 16.40 -7.33
C TRP A 7 13.23 16.34 -7.16
N LEU A 8 13.76 15.28 -6.55
CA LEU A 8 15.18 15.17 -6.37
C LEU A 8 15.71 14.21 -7.44
N ARG A 9 15.54 14.62 -8.69
CA ARG A 9 15.97 13.84 -9.83
C ARG A 9 17.33 14.38 -10.28
N TYR A 10 18.37 13.64 -9.99
CA TYR A 10 19.68 14.13 -10.31
C TYR A 10 20.16 13.51 -11.61
N GLN A 11 19.62 14.01 -12.69
CA GLN A 11 19.94 13.53 -14.00
C GLN A 11 20.80 14.57 -14.67
N PRO A 12 21.66 14.18 -15.60
CA PRO A 12 22.56 15.16 -16.25
C PRO A 12 21.81 16.32 -16.90
N ILE A 13 22.34 17.52 -16.72
CA ILE A 13 21.76 18.73 -17.30
C ILE A 13 21.70 18.53 -18.82
N ALA A 14 20.50 18.72 -19.37
CA ALA A 14 20.24 18.49 -20.80
C ALA A 14 20.89 19.52 -21.72
N ASP A 15 20.91 20.77 -21.28
CA ASP A 15 21.55 21.85 -22.01
C ASP A 15 23.06 21.62 -21.93
N GLN A 16 23.65 21.23 -23.04
CA GLN A 16 25.07 20.93 -23.09
C GLN A 16 25.97 22.11 -22.76
N THR A 17 25.62 23.30 -23.21
CA THR A 17 26.41 24.50 -22.91
C THR A 17 26.37 24.80 -21.40
N LEU A 18 25.18 24.77 -20.83
CA LEU A 18 25.02 25.02 -19.41
C LEU A 18 25.75 23.94 -18.61
N LEU A 19 25.63 22.70 -19.02
CA LEU A 19 26.29 21.59 -18.35
C LEU A 19 27.81 21.83 -18.26
N LYS A 20 28.43 22.22 -19.37
CA LYS A 20 29.87 22.50 -19.41
C LYS A 20 30.20 23.60 -18.44
N THR A 21 29.36 24.61 -18.38
CA THR A 21 29.62 25.70 -17.43
C THR A 21 29.64 25.20 -15.96
N TYR A 22 28.65 24.40 -15.59
CA TYR A 22 28.58 23.85 -14.25
C TYR A 22 29.82 22.98 -13.96
N GLN A 23 30.19 22.19 -14.95
CA GLN A 23 31.36 21.31 -14.85
C GLN A 23 32.66 22.08 -14.64
N LYS A 24 32.79 23.26 -15.23
CA LYS A 24 33.97 24.10 -15.04
C LYS A 24 33.96 24.76 -13.66
N GLN A 25 32.78 25.09 -13.18
CA GLN A 25 32.67 25.78 -11.90
C GLN A 25 32.80 24.83 -10.70
N ILE A 26 32.22 23.65 -10.79
CA ILE A 26 32.26 22.73 -9.65
C ILE A 26 33.03 21.49 -10.01
N ARG A 27 34.31 21.48 -9.70
CA ARG A 27 35.19 20.38 -10.04
C ARG A 27 35.48 19.50 -8.83
N HIS A 28 35.40 20.10 -7.64
CA HIS A 28 35.61 19.36 -6.39
C HIS A 28 34.58 19.75 -5.33
N LEU A 29 34.43 18.87 -4.34
CA LEU A 29 33.53 19.07 -3.23
C LEU A 29 34.31 19.01 -1.94
N HIS A 30 34.39 20.14 -1.26
CA HIS A 30 35.13 20.26 0.00
C HIS A 30 34.25 20.35 1.24
N VAL A 31 34.41 19.36 2.10
CA VAL A 31 33.64 19.28 3.34
C VAL A 31 34.56 18.93 4.47
N ALA A 32 34.81 19.90 5.36
CA ALA A 32 35.68 19.65 6.52
C ALA A 32 34.93 18.98 7.70
N GLY A 33 33.65 19.28 7.84
CA GLY A 33 32.85 18.74 8.94
C GLY A 33 32.55 17.26 8.83
N ASP A 34 32.10 16.67 9.93
CA ASP A 34 31.77 15.26 9.95
C ASP A 34 30.65 14.86 10.91
N SER A 35 29.86 15.82 11.34
CA SER A 35 28.66 15.55 12.10
C SER A 35 27.67 14.77 11.19
N PRO A 36 26.70 14.08 11.78
CA PRO A 36 25.69 13.39 10.97
C PRO A 36 24.98 14.31 9.97
N THR A 37 24.65 15.52 10.38
CA THR A 37 23.94 16.48 9.50
C THR A 37 24.86 16.91 8.35
N ILE A 38 26.13 17.19 8.67
CA ILE A 38 27.07 17.57 7.61
C ILE A 38 27.31 16.41 6.66
N ASN A 39 27.46 15.21 7.19
CA ASN A 39 27.61 13.98 6.42
C ASN A 39 26.40 13.77 5.52
N ALA A 40 25.20 14.11 6.02
CA ALA A 40 24.01 13.97 5.21
C ALA A 40 24.04 14.99 4.04
N ALA A 41 24.53 16.19 4.30
CA ALA A 41 24.66 17.23 3.29
C ALA A 41 25.67 16.82 2.23
N ALA A 42 26.80 16.28 2.69
CA ALA A 42 27.85 15.81 1.84
C ALA A 42 27.36 14.70 0.93
N ALA A 43 26.63 13.75 1.47
CA ALA A 43 26.10 12.66 0.71
C ALA A 43 25.12 13.13 -0.34
N GLU A 44 24.30 14.12 -0.01
CA GLU A 44 23.37 14.65 -0.97
C GLU A 44 24.08 15.36 -2.13
N LEU A 45 25.09 16.15 -1.79
CA LEU A 45 25.84 16.87 -2.81
C LEU A 45 26.63 15.90 -3.64
N GLN A 46 27.15 14.87 -3.01
CA GLN A 46 27.88 13.87 -3.78
C GLN A 46 27.00 13.21 -4.85
N ARG A 47 25.85 12.68 -4.45
CA ARG A 47 24.92 12.04 -5.37
C ARG A 47 24.29 13.05 -6.32
N GLY A 48 23.99 14.25 -5.84
CA GLY A 48 23.34 15.27 -6.64
C GLY A 48 24.25 15.89 -7.69
N LEU A 49 25.41 16.36 -7.28
CA LEU A 49 26.38 16.91 -8.25
C LEU A 49 26.85 15.83 -9.28
N SER A 50 27.13 14.62 -8.79
CA SER A 50 27.60 13.54 -9.66
C SER A 50 26.56 13.24 -10.72
N GLY A 51 25.28 13.23 -10.35
CA GLY A 51 24.23 12.96 -11.30
C GLY A 51 23.95 14.09 -12.30
N LEU A 52 23.81 15.32 -11.79
CA LEU A 52 23.52 16.48 -12.57
C LEU A 52 24.68 16.89 -13.46
N LEU A 53 25.91 16.67 -13.01
CA LEU A 53 27.09 17.08 -13.75
C LEU A 53 27.72 15.95 -14.56
N ASN A 54 27.12 14.77 -14.47
CA ASN A 54 27.55 13.56 -15.19
C ASN A 54 29.06 13.24 -15.06
N LYS A 55 29.57 13.37 -13.84
CA LYS A 55 30.95 13.04 -13.52
C LYS A 55 31.07 12.76 -12.02
N PRO A 56 32.06 11.96 -11.62
CA PRO A 56 32.15 11.59 -10.22
C PRO A 56 32.65 12.71 -9.35
N ILE A 57 31.81 13.19 -8.45
CA ILE A 57 32.19 14.22 -7.51
C ILE A 57 32.12 13.53 -6.13
N VAL A 58 33.23 13.51 -5.39
CA VAL A 58 33.31 12.87 -4.09
C VAL A 58 33.68 13.88 -3.03
N ALA A 59 32.92 13.93 -1.95
CA ALA A 59 33.19 14.83 -0.84
C ALA A 59 34.52 14.44 -0.20
N ARG A 60 35.40 15.43 -0.01
CA ARG A 60 36.74 15.20 0.56
C ARG A 60 37.13 16.34 1.48
N ASP A 61 37.96 16.03 2.47
CA ASP A 61 38.51 17.04 3.34
C ASP A 61 39.99 17.03 2.98
N GLU A 62 40.35 17.90 2.06
CA GLU A 62 41.71 17.96 1.56
C GLU A 62 42.11 19.40 1.33
N LYS A 63 43.40 19.62 1.04
CA LYS A 63 43.90 20.95 0.72
C LYS A 63 43.05 21.51 -0.47
N LEU A 64 42.54 22.71 -0.28
CA LEU A 64 41.64 23.32 -1.23
C LEU A 64 42.14 23.35 -2.69
N LYS A 65 41.33 22.81 -3.58
CA LYS A 65 41.61 22.87 -4.99
C LYS A 65 40.78 24.00 -5.66
N ASP A 66 41.30 24.48 -6.79
CA ASP A 66 40.60 25.47 -7.60
C ASP A 66 39.29 24.88 -8.13
N TYR A 67 38.25 25.71 -8.14
CA TYR A 67 36.92 25.37 -8.63
C TYR A 67 36.22 24.30 -7.78
N SER A 68 36.09 24.62 -6.51
CA SER A 68 35.49 23.74 -5.53
C SER A 68 34.19 24.29 -4.99
N LEU A 69 33.31 23.37 -4.56
CA LEU A 69 32.14 23.80 -3.80
C LEU A 69 32.58 23.55 -2.38
N VAL A 70 32.59 24.58 -1.53
CA VAL A 70 33.03 24.42 -0.16
C VAL A 70 31.86 24.62 0.80
N ILE A 71 31.58 23.63 1.63
CA ILE A 71 30.46 23.74 2.55
C ILE A 71 30.88 23.71 4.03
N GLY A 72 30.10 24.39 4.87
CA GLY A 72 30.32 24.34 6.30
C GLY A 72 29.90 25.59 7.05
N THR A 73 30.18 25.57 8.36
CA THR A 73 30.01 26.71 9.24
C THR A 73 31.43 27.16 9.66
N PRO A 74 31.54 28.39 10.17
CA PRO A 74 32.81 28.88 10.75
C PRO A 74 33.33 27.94 11.83
N ASP A 75 32.44 27.27 12.55
CA ASP A 75 32.81 26.34 13.59
C ASP A 75 33.42 25.01 13.07
N ASN A 76 32.99 24.53 11.91
CA ASN A 76 33.50 23.26 11.44
C ASN A 76 34.32 23.29 10.16
N SER A 77 34.47 24.45 9.54
CA SER A 77 35.26 24.56 8.32
C SER A 77 36.15 25.80 8.39
N PRO A 78 37.42 25.60 8.74
CA PRO A 78 38.36 26.73 8.80
C PRO A 78 38.41 27.57 7.52
N LEU A 79 38.21 26.97 6.36
CA LEU A 79 38.16 27.72 5.11
C LEU A 79 37.01 28.74 5.14
N ILE A 80 35.84 28.32 5.62
CA ILE A 80 34.68 29.19 5.72
C ILE A 80 34.92 30.29 6.76
N ALA A 81 35.51 29.92 7.89
CA ALA A 81 35.82 30.89 8.95
C ALA A 81 36.78 31.97 8.46
N SER A 82 37.72 31.60 7.60
CA SER A 82 38.72 32.55 7.06
C SER A 82 38.12 33.68 6.24
N LEU A 83 36.93 33.47 5.72
CA LEU A 83 36.27 34.51 4.96
C LEU A 83 35.75 35.66 5.83
N ASN A 84 35.75 35.48 7.15
CA ASN A 84 35.26 36.47 8.09
C ASN A 84 33.92 37.08 7.67
N LEU A 85 32.93 36.22 7.44
CA LEU A 85 31.66 36.68 6.93
C LEU A 85 30.91 37.57 7.90
N GLY A 86 31.21 37.40 9.19
CA GLY A 86 30.66 38.23 10.25
C GLY A 86 29.14 38.41 10.34
N GLU A 87 28.74 39.67 10.53
CA GLU A 87 27.34 40.03 10.69
C GLU A 87 26.42 39.52 9.56
N ARG A 88 26.95 39.53 8.33
CA ARG A 88 26.21 39.14 7.16
C ARG A 88 25.70 37.70 7.27
N LEU A 89 26.57 36.83 7.76
CA LEU A 89 26.25 35.42 7.95
C LEU A 89 25.45 35.25 9.22
N GLN A 90 25.87 35.91 10.27
CA GLN A 90 25.22 35.79 11.57
C GLN A 90 23.75 36.16 11.57
N ALA A 91 23.38 37.18 10.79
CA ALA A 91 22.00 37.61 10.65
C ALA A 91 21.06 36.54 10.10
N LEU A 92 21.59 35.53 9.42
CA LEU A 92 20.79 34.45 8.87
C LEU A 92 20.29 33.42 9.92
N GLY A 93 20.74 33.56 11.15
CA GLY A 93 20.24 32.76 12.24
C GLY A 93 20.58 31.29 12.23
N ALA A 94 19.81 30.55 13.04
CA ALA A 94 20.05 29.14 13.28
C ALA A 94 19.65 28.18 12.14
N GLU A 95 18.95 28.66 11.12
CA GLU A 95 18.58 27.76 9.98
C GLU A 95 18.92 28.36 8.60
N GLY A 96 19.42 29.59 8.56
CA GLY A 96 19.74 30.23 7.29
C GLY A 96 21.10 29.89 6.72
N TYR A 97 21.39 30.39 5.52
CA TYR A 97 22.60 30.07 4.80
C TYR A 97 22.91 31.11 3.73
N LEU A 98 24.17 31.12 3.32
CA LEU A 98 24.65 31.99 2.26
C LEU A 98 25.24 31.11 1.16
N LEU A 99 24.82 31.34 -0.07
CA LEU A 99 25.36 30.67 -1.26
C LEU A 99 26.10 31.77 -2.01
N GLU A 100 27.40 31.60 -2.21
CA GLU A 100 28.20 32.67 -2.84
C GLU A 100 29.42 32.19 -3.60
N GLN A 101 29.56 32.67 -4.83
CA GLN A 101 30.79 32.48 -5.60
C GLN A 101 31.78 33.50 -5.09
N THR A 102 32.96 33.05 -4.67
CA THR A 102 33.97 33.96 -4.09
C THR A 102 35.37 33.35 -4.27
N ARG A 103 36.34 33.83 -3.49
CA ARG A 103 37.70 33.29 -3.54
C ARG A 103 38.16 32.96 -2.15
N ILE A 104 38.88 31.85 -2.01
CA ILE A 104 39.53 31.49 -0.76
C ILE A 104 40.98 31.07 -1.09
N ASN A 105 41.94 31.82 -0.56
CA ASN A 105 43.37 31.59 -0.82
C ASN A 105 43.64 31.45 -2.32
N LYS A 106 43.16 32.43 -3.09
CA LYS A 106 43.25 32.55 -4.55
C LYS A 106 42.52 31.42 -5.34
N ARG A 107 41.86 30.52 -4.63
CA ARG A 107 41.13 29.47 -5.30
C ARG A 107 39.71 29.96 -5.58
N HIS A 108 39.20 29.63 -6.76
CA HIS A 108 37.83 29.96 -7.15
C HIS A 108 36.93 28.98 -6.41
N VAL A 109 35.94 29.50 -5.72
CA VAL A 109 34.99 28.63 -5.00
C VAL A 109 33.55 29.15 -5.01
N VAL A 110 32.62 28.25 -4.70
CA VAL A 110 31.30 28.61 -4.37
C VAL A 110 31.09 28.03 -3.03
N ILE A 111 30.65 28.84 -2.10
CA ILE A 111 30.44 28.39 -0.73
C ILE A 111 28.96 28.17 -0.43
N VAL A 112 28.75 27.22 0.48
CA VAL A 112 27.52 27.01 1.13
C VAL A 112 27.81 27.19 2.57
N ALA A 113 27.54 28.37 3.08
CA ALA A 113 27.93 28.74 4.44
C ALA A 113 26.72 29.01 5.32
N ALA A 114 26.84 28.64 6.59
CA ALA A 114 25.76 28.82 7.53
C ALA A 114 26.31 28.91 8.95
N ASN A 115 25.44 29.27 9.89
CA ASN A 115 25.79 29.28 11.30
C ASN A 115 25.65 27.90 11.95
N SER A 116 24.77 27.04 11.44
CA SER A 116 24.52 25.73 12.02
C SER A 116 24.66 24.65 10.96
N ASP A 117 24.77 23.41 11.38
CA ASP A 117 24.85 22.30 10.43
C ASP A 117 23.57 22.13 9.60
N VAL A 118 22.40 22.29 10.18
CA VAL A 118 21.18 22.16 9.40
C VAL A 118 21.07 23.28 8.36
N GLY A 119 21.63 24.44 8.67
CA GLY A 119 21.69 25.55 7.71
C GLY A 119 22.53 25.15 6.48
N VAL A 120 23.63 24.44 6.75
CA VAL A 120 24.44 23.91 5.67
C VAL A 120 23.66 22.92 4.81
N LEU A 121 22.89 22.07 5.48
CA LEU A 121 22.05 21.10 4.80
C LEU A 121 21.00 21.78 3.92
N TYR A 122 20.28 22.77 4.47
CA TYR A 122 19.28 23.49 3.70
C TYR A 122 19.94 24.21 2.52
N GLY A 123 21.09 24.84 2.78
CA GLY A 123 21.83 25.54 1.75
C GLY A 123 22.32 24.57 0.65
N SER A 124 22.70 23.36 1.04
CA SER A 124 23.14 22.36 0.10
C SER A 124 21.99 22.00 -0.85
N PHE A 125 20.79 21.79 -0.32
CA PHE A 125 19.64 21.47 -1.15
C PHE A 125 19.31 22.61 -2.10
N HIS A 126 19.45 23.85 -1.64
CA HIS A 126 19.20 25.01 -2.50
C HIS A 126 20.26 25.08 -3.59
N LEU A 127 21.53 24.82 -3.26
CA LEU A 127 22.57 24.80 -4.28
C LEU A 127 22.19 23.80 -5.37
N LEU A 128 21.76 22.63 -4.97
CA LEU A 128 21.33 21.63 -5.94
C LEU A 128 20.12 22.12 -6.75
N ARG A 129 19.18 22.79 -6.09
CA ARG A 129 18.00 23.31 -6.75
C ARG A 129 18.37 24.34 -7.85
N LEU A 130 19.38 25.18 -7.61
CA LEU A 130 19.83 26.14 -8.62
C LEU A 130 20.24 25.41 -9.88
N ILE A 131 20.98 24.30 -9.69
CA ILE A 131 21.45 23.50 -10.80
C ILE A 131 20.33 22.74 -11.46
N GLN A 132 19.46 22.09 -10.67
CA GLN A 132 18.32 21.38 -11.22
C GLN A 132 17.38 22.28 -12.04
N THR A 133 17.26 23.54 -11.65
CA THR A 133 16.43 24.53 -12.34
C THR A 133 17.19 25.41 -13.31
N GLN A 134 18.42 25.02 -13.61
CA GLN A 134 19.28 25.68 -14.62
C GLN A 134 19.53 27.17 -14.38
N HIS A 135 19.76 27.53 -13.12
CA HIS A 135 20.16 28.87 -12.77
C HIS A 135 21.67 28.97 -12.79
N ALA A 136 22.17 30.14 -13.19
CA ALA A 136 23.60 30.36 -13.33
C ALA A 136 24.28 30.57 -11.99
N LEU A 137 25.48 30.00 -11.85
CA LEU A 137 26.25 30.17 -10.61
C LEU A 137 27.22 31.38 -10.66
N GLU A 138 27.53 31.87 -11.86
CA GLU A 138 28.45 33.01 -11.97
C GLU A 138 27.91 34.21 -11.22
N LYS A 139 28.74 34.78 -10.37
CA LYS A 139 28.40 35.92 -9.55
C LYS A 139 27.29 35.61 -8.54
N LEU A 140 27.07 34.33 -8.23
CA LEU A 140 26.07 33.98 -7.24
C LEU A 140 26.38 34.57 -5.89
N SER A 141 25.37 35.22 -5.32
CA SER A 141 25.47 35.72 -3.96
C SER A 141 24.03 35.79 -3.44
N LEU A 142 23.61 34.75 -2.75
CA LEU A 142 22.26 34.78 -2.22
C LEU A 142 22.21 34.18 -0.85
N SER A 143 21.35 34.75 -0.02
CA SER A 143 21.16 34.28 1.34
C SER A 143 19.68 34.07 1.53
N SER A 144 19.35 33.16 2.46
CA SER A 144 17.96 32.93 2.80
C SER A 144 17.91 32.43 4.22
N ALA A 145 16.80 32.74 4.87
CA ALA A 145 16.50 32.21 6.22
C ALA A 145 15.01 31.99 6.20
N PRO A 146 14.52 30.99 6.92
CA PRO A 146 13.08 30.69 6.92
C PRO A 146 12.29 31.71 7.69
N ARG A 147 11.07 31.97 7.27
CA ARG A 147 10.25 32.98 7.93
C ARG A 147 9.35 32.44 9.05
N LEU A 148 9.23 31.13 9.18
CA LEU A 148 8.45 30.49 10.22
C LEU A 148 9.32 29.47 10.93
N GLN A 149 9.15 29.33 12.22
CA GLN A 149 9.95 28.45 13.07
C GLN A 149 9.65 26.96 12.90
N HIS A 150 8.36 26.63 12.96
CA HIS A 150 7.94 25.23 12.90
C HIS A 150 7.31 24.97 11.53
N ARG A 151 8.01 24.23 10.69
CA ARG A 151 7.61 23.96 9.31
C ARG A 151 7.39 22.46 9.24
N VAL A 152 6.15 22.06 9.45
CA VAL A 152 5.87 20.69 9.79
C VAL A 152 4.87 20.04 8.84
N VAL A 153 5.03 18.74 8.67
CA VAL A 153 4.05 17.95 7.92
C VAL A 153 3.20 17.13 8.91
N ASN A 154 1.95 16.87 8.56
CA ASN A 154 1.06 16.02 9.37
C ASN A 154 0.63 14.80 8.54
N HIS A 155 0.63 13.63 9.19
CA HIS A 155 0.20 12.39 8.58
C HIS A 155 -0.96 11.90 9.40
N TRP A 156 -2.11 11.69 8.76
CA TRP A 156 -3.25 11.17 9.49
C TRP A 156 -3.26 9.64 9.39
N ASP A 157 -2.18 9.02 9.89
CA ASP A 157 -2.00 7.58 9.77
C ASP A 157 -2.48 6.84 11.01
N ASN A 158 -3.27 5.79 10.78
CA ASN A 158 -3.67 4.90 11.86
C ASN A 158 -2.59 3.83 12.00
N LEU A 159 -2.46 3.26 13.18
CA LEU A 159 -1.45 2.25 13.48
C LEU A 159 -1.61 0.96 12.65
N ASN A 160 -2.82 0.65 12.19
CA ASN A 160 -3.04 -0.49 11.28
C ASN A 160 -2.44 -0.22 9.90
N ARG A 161 -1.95 1.00 9.72
CA ARG A 161 -1.29 1.48 8.52
C ARG A 161 -2.24 1.96 7.42
N VAL A 162 -3.52 2.02 7.73
CA VAL A 162 -4.49 2.64 6.81
C VAL A 162 -4.46 4.15 7.09
N VAL A 163 -4.35 4.96 6.04
CA VAL A 163 -4.31 6.42 6.20
C VAL A 163 -5.71 7.06 6.03
N GLU A 164 -6.13 7.86 7.01
CA GLU A 164 -7.41 8.58 6.97
C GLU A 164 -7.24 9.77 6.00
N ARG A 165 -8.10 9.82 4.98
CA ARG A 165 -7.95 10.80 3.88
C ARG A 165 -6.58 10.58 3.19
N GLY A 166 -6.33 9.30 2.88
CA GLY A 166 -5.08 8.81 2.31
C GLY A 166 -5.30 8.13 1.00
N TYR A 167 -4.76 8.76 -0.04
CA TYR A 167 -5.04 8.32 -1.37
C TYR A 167 -3.78 7.89 -2.08
N ALA A 168 -2.77 7.58 -1.28
CA ALA A 168 -1.46 7.31 -1.81
C ALA A 168 -0.87 6.07 -1.23
N GLY A 169 -1.69 5.20 -0.69
CA GLY A 169 -1.21 3.95 -0.16
C GLY A 169 -1.25 3.85 1.37
N LEU A 170 -0.61 2.80 1.87
CA LEU A 170 -0.54 2.54 3.30
C LEU A 170 0.46 3.50 3.93
N SER A 171 0.36 3.63 5.23
CA SER A 171 1.31 4.40 6.00
C SER A 171 2.73 3.93 5.76
N LEU A 172 3.65 4.88 5.62
CA LEU A 172 5.05 4.59 5.40
C LEU A 172 5.68 3.81 6.59
N TRP A 173 5.13 3.96 7.80
CA TRP A 173 5.74 3.38 8.98
C TRP A 173 5.38 1.89 9.14
N ASP A 174 6.38 1.04 8.97
CA ASP A 174 6.18 -0.40 9.02
C ASP A 174 6.37 -0.90 10.44
N TRP A 175 5.35 -0.70 11.24
CA TRP A 175 5.44 -1.01 12.67
C TRP A 175 5.82 -2.46 12.96
N GLY A 176 5.41 -3.37 12.10
CA GLY A 176 5.75 -4.76 12.30
C GLY A 176 7.25 -5.08 12.24
N SER A 177 8.03 -4.30 11.49
CA SER A 177 9.47 -4.53 11.38
C SER A 177 10.30 -3.53 12.15
N LEU A 178 9.64 -2.59 12.77
CA LEU A 178 10.32 -1.60 13.61
C LEU A 178 10.44 -2.12 15.04
N PRO A 179 11.47 -1.75 15.80
CA PRO A 179 12.57 -0.86 15.37
C PRO A 179 13.69 -1.49 14.62
N ASN A 180 13.66 -2.81 14.45
CA ASN A 180 14.77 -3.57 13.88
C ASN A 180 15.14 -3.19 12.48
N TYR A 181 14.15 -2.98 11.60
CA TYR A 181 14.43 -2.64 10.20
C TYR A 181 14.38 -1.14 9.91
N LEU A 182 15.56 -0.56 9.72
CA LEU A 182 15.69 0.85 9.32
C LEU A 182 15.66 0.93 7.80
N ALA A 183 14.45 0.93 7.26
CA ALA A 183 14.22 0.95 5.84
C ALA A 183 14.85 2.21 5.19
N PRO A 184 15.47 2.04 4.03
CA PRO A 184 15.97 3.17 3.25
C PRO A 184 14.88 4.22 3.03
N ARG A 185 13.64 3.79 2.87
CA ARG A 185 12.58 4.77 2.58
C ARG A 185 12.45 5.83 3.69
N TYR A 186 12.72 5.45 4.94
CA TYR A 186 12.67 6.38 6.04
C TYR A 186 13.65 7.52 5.79
N THR A 187 14.84 7.18 5.33
CA THR A 187 15.82 8.21 5.00
C THR A 187 15.42 9.04 3.75
N ASP A 188 14.82 8.41 2.75
CA ASP A 188 14.39 9.11 1.55
C ASP A 188 13.25 10.08 1.92
N TYR A 189 12.39 9.69 2.87
CA TYR A 189 11.31 10.57 3.35
C TYR A 189 11.88 11.81 4.02
N ALA A 190 12.96 11.61 4.74
CA ALA A 190 13.64 12.70 5.44
C ALA A 190 14.35 13.63 4.43
N ARG A 191 14.97 13.05 3.43
CA ARG A 191 15.61 13.81 2.36
C ARG A 191 14.57 14.70 1.64
N ILE A 192 13.42 14.12 1.27
CA ILE A 192 12.35 14.85 0.61
C ILE A 192 11.96 16.08 1.43
N ASN A 193 11.67 15.88 2.70
CA ASN A 193 11.23 16.99 3.53
C ASN A 193 12.33 18.02 3.83
N ALA A 194 13.56 17.57 4.04
CA ALA A 194 14.69 18.45 4.30
C ALA A 194 14.99 19.28 3.09
N SER A 195 14.74 18.74 1.90
CA SER A 195 14.99 19.50 0.67
C SER A 195 14.15 20.78 0.64
N LEU A 196 13.08 20.80 1.41
CA LEU A 196 12.18 21.95 1.44
C LEU A 196 12.35 22.75 2.70
N GLY A 197 13.19 22.28 3.59
CA GLY A 197 13.37 22.94 4.86
C GLY A 197 12.35 22.55 5.91
N ILE A 198 11.57 21.52 5.64
CA ILE A 198 10.58 21.03 6.62
C ILE A 198 11.38 20.43 7.78
N ASN A 199 11.11 20.87 9.01
CA ASN A 199 11.88 20.51 10.18
C ASN A 199 11.10 19.80 11.24
N GLY A 200 9.94 19.26 10.88
CA GLY A 200 9.12 18.55 11.83
C GLY A 200 8.10 17.68 11.15
N THR A 201 7.71 16.60 11.79
CA THR A 201 6.66 15.71 11.31
C THR A 201 5.80 15.15 12.47
N VAL A 202 4.49 15.18 12.27
CA VAL A 202 3.57 14.51 13.14
C VAL A 202 3.14 13.24 12.35
N ILE A 203 3.58 12.06 12.82
CA ILE A 203 3.45 10.85 12.01
C ILE A 203 2.14 10.08 12.16
N ASN A 204 1.33 10.42 13.15
CA ASN A 204 0.13 9.68 13.43
C ASN A 204 -1.13 10.55 13.47
N ASN A 205 -2.25 9.89 13.23
CA ASN A 205 -3.57 10.50 13.12
C ASN A 205 -3.99 11.36 14.33
N VAL A 206 -4.60 12.47 13.99
CA VAL A 206 -5.15 13.39 14.98
C VAL A 206 -6.30 12.73 15.73
N ASN A 207 -6.98 11.81 15.06
CA ASN A 207 -7.92 10.95 15.71
C ASN A 207 -7.06 9.91 16.32
N ALA A 208 -6.56 10.26 17.50
CA ALA A 208 -5.37 9.62 18.02
C ALA A 208 -5.53 8.31 18.79
N ASP A 209 -4.57 7.45 18.56
CA ASP A 209 -4.48 6.11 19.17
C ASP A 209 -3.53 6.20 20.36
N PRO A 210 -3.97 5.88 21.57
CA PRO A 210 -3.11 5.98 22.75
C PRO A 210 -1.88 5.08 22.74
N ARG A 211 -1.88 4.04 21.89
CA ARG A 211 -0.77 3.12 21.83
C ARG A 211 0.54 3.77 21.46
N VAL A 212 0.50 4.90 20.76
CA VAL A 212 1.74 5.56 20.32
C VAL A 212 2.57 6.01 21.50
N LEU A 213 1.94 6.16 22.66
CA LEU A 213 2.66 6.54 23.88
C LEU A 213 3.14 5.36 24.71
N SER A 214 2.84 4.13 24.30
CA SER A 214 3.28 2.96 25.01
C SER A 214 4.73 2.68 24.68
N ASP A 215 5.40 2.01 25.56
CA ASP A 215 6.79 1.59 25.34
C ASP A 215 6.97 0.84 24.02
N GLN A 216 6.06 -0.10 23.74
CA GLN A 216 6.09 -0.87 22.50
C GLN A 216 6.24 0.04 21.30
N PHE A 217 5.42 1.09 21.21
CA PHE A 217 5.51 2.01 20.08
C PHE A 217 6.59 3.06 20.19
N LEU A 218 6.89 3.54 21.40
CA LEU A 218 7.97 4.49 21.56
C LEU A 218 9.32 3.95 21.05
N GLN A 219 9.57 2.65 21.22
CA GLN A 219 10.77 2.04 20.67
C GLN A 219 10.80 2.11 19.17
N LYS A 220 9.64 1.93 18.54
CA LYS A 220 9.55 1.98 17.11
C LYS A 220 9.67 3.42 16.61
N ILE A 221 8.97 4.32 17.26
CA ILE A 221 8.98 5.75 16.91
C ILE A 221 10.37 6.35 17.05
N ALA A 222 11.12 5.88 18.04
CA ALA A 222 12.49 6.36 18.25
C ALA A 222 13.43 5.98 17.10
N ALA A 223 13.21 4.83 16.47
CA ALA A 223 14.04 4.46 15.34
C ALA A 223 13.76 5.37 14.16
N LEU A 224 12.51 5.80 14.02
CA LEU A 224 12.13 6.74 12.97
C LEU A 224 12.77 8.06 13.30
N ALA A 225 12.65 8.48 14.56
CA ALA A 225 13.27 9.74 14.97
C ALA A 225 14.79 9.75 14.67
N ASP A 226 15.46 8.64 14.93
CA ASP A 226 16.87 8.49 14.66
C ASP A 226 17.20 8.68 13.17
N ALA A 227 16.36 8.13 12.31
CA ALA A 227 16.54 8.28 10.86
C ALA A 227 16.27 9.71 10.38
N PHE A 228 15.38 10.44 11.06
CA PHE A 228 15.03 11.76 10.64
C PHE A 228 15.99 12.82 11.18
N ARG A 229 16.55 12.55 12.36
CA ARG A 229 17.44 13.48 13.07
C ARG A 229 18.55 14.14 12.22
N PRO A 230 19.36 13.39 11.48
CA PRO A 230 20.45 14.04 10.75
C PRO A 230 19.94 14.99 9.68
N TYR A 231 18.66 14.88 9.34
CA TYR A 231 18.05 15.74 8.35
C TYR A 231 17.33 16.92 8.98
N GLY A 232 17.49 17.10 10.29
CA GLY A 232 16.92 18.23 11.00
C GLY A 232 15.42 18.15 11.31
N ILE A 233 14.83 16.99 11.13
CA ILE A 233 13.39 16.83 11.35
C ILE A 233 13.09 16.24 12.72
N LYS A 234 12.37 17.00 13.54
CA LYS A 234 11.99 16.55 14.85
C LYS A 234 10.70 15.75 14.75
N MET A 235 10.58 14.85 15.70
CA MET A 235 9.43 13.97 15.80
C MET A 235 8.35 14.58 16.69
N TYR A 236 7.10 14.52 16.24
CA TYR A 236 5.95 14.90 17.02
C TYR A 236 4.88 13.81 16.95
N LEU A 237 4.03 13.70 17.98
CA LEU A 237 2.95 12.75 17.99
C LEU A 237 1.62 13.45 18.25
N SER A 238 0.58 12.95 17.61
CA SER A 238 -0.77 13.32 17.97
C SER A 238 -1.13 12.53 19.18
N ILE A 239 -1.82 13.13 20.15
CA ILE A 239 -2.16 12.45 21.38
C ILE A 239 -3.64 12.38 21.59
N ASN A 240 -4.05 11.33 22.32
CA ASN A 240 -5.45 11.15 22.74
C ASN A 240 -5.53 11.70 24.13
N PHE A 241 -6.40 12.69 24.35
CA PHE A 241 -6.49 13.34 25.65
C PHE A 241 -6.81 12.37 26.80
N ASN A 242 -7.56 11.30 26.49
CA ASN A 242 -7.98 10.32 27.48
C ASN A 242 -6.93 9.26 27.76
N SER A 243 -5.71 9.46 27.31
CA SER A 243 -4.65 8.46 27.49
C SER A 243 -4.45 7.88 28.89
N PRO A 244 -4.46 8.69 29.96
CA PRO A 244 -4.30 8.15 31.31
C PRO A 244 -5.36 7.06 31.62
N ARG A 245 -6.59 7.25 31.15
CA ARG A 245 -7.64 6.24 31.28
C ARG A 245 -7.42 5.02 30.34
N ALA A 246 -6.99 5.28 29.11
CA ALA A 246 -6.77 4.21 28.16
C ALA A 246 -5.69 3.23 28.63
N PHE A 247 -4.66 3.74 29.30
CA PHE A 247 -3.57 2.95 29.85
C PHE A 247 -3.96 2.26 31.15
N GLY A 248 -5.12 2.60 31.68
CA GLY A 248 -5.66 2.02 32.90
C GLY A 248 -5.00 2.56 34.14
N ASP A 249 -4.34 3.69 34.03
CA ASP A 249 -3.55 4.24 35.16
C ASP A 249 -4.31 5.23 36.05
N VAL A 250 -5.28 5.95 35.50
CA VAL A 250 -6.06 6.94 36.24
C VAL A 250 -7.49 6.79 35.77
N ASP A 251 -8.44 6.99 36.68
CA ASP A 251 -9.86 6.84 36.39
C ASP A 251 -10.48 8.11 35.82
N THR A 252 -9.65 9.08 35.48
CA THR A 252 -10.14 10.30 34.84
C THR A 252 -9.02 10.90 33.97
N ALA A 253 -9.37 11.83 33.09
CA ALA A 253 -8.36 12.59 32.32
C ALA A 253 -8.49 14.08 32.57
N ASP A 254 -9.29 14.45 33.56
CA ASP A 254 -9.47 15.83 33.98
C ASP A 254 -8.08 16.49 34.23
N PRO A 255 -7.74 17.50 33.43
CA PRO A 255 -6.41 18.13 33.52
C PRO A 255 -6.16 18.84 34.85
N LEU A 256 -7.21 19.10 35.62
CA LEU A 256 -7.01 19.74 36.92
C LEU A 256 -6.69 18.72 38.01
N ASP A 257 -6.78 17.44 37.70
CA ASP A 257 -6.51 16.41 38.69
C ASP A 257 -5.01 16.14 38.75
N PRO A 258 -4.42 16.24 39.94
CA PRO A 258 -2.99 16.02 40.14
C PRO A 258 -2.47 14.70 39.57
N ARG A 259 -3.23 13.64 39.69
CA ARG A 259 -2.83 12.36 39.12
C ARG A 259 -2.72 12.40 37.57
N VAL A 260 -3.55 13.22 36.95
CA VAL A 260 -3.50 13.38 35.51
C VAL A 260 -2.26 14.19 35.08
N GLN A 261 -2.01 15.27 35.80
CA GLN A 261 -0.85 16.10 35.60
C GLN A 261 0.41 15.26 35.73
N GLN A 262 0.45 14.42 36.75
CA GLN A 262 1.59 13.54 37.02
C GLN A 262 1.76 12.46 35.88
N TRP A 263 0.64 11.92 35.42
CA TRP A 263 0.69 10.89 34.38
C TRP A 263 1.39 11.48 33.14
N TRP A 264 0.99 12.69 32.75
CA TRP A 264 1.58 13.27 31.56
C TRP A 264 3.05 13.68 31.78
N LYS A 265 3.40 14.09 33.02
CA LYS A 265 4.77 14.45 33.34
C LYS A 265 5.66 13.20 33.22
N THR A 266 5.21 12.10 33.82
CA THR A 266 5.90 10.83 33.73
C THR A 266 5.99 10.33 32.27
N ARG A 267 4.90 10.47 31.53
CA ARG A 267 4.93 10.03 30.14
C ARG A 267 5.92 10.86 29.31
N ALA A 268 5.96 12.16 29.55
CA ALA A 268 6.90 13.01 28.84
C ALA A 268 8.32 12.58 29.14
N GLN A 269 8.60 12.26 30.39
CA GLN A 269 9.92 11.77 30.79
C GLN A 269 10.27 10.48 30.02
N LYS A 270 9.29 9.60 29.88
CA LYS A 270 9.51 8.37 29.15
C LYS A 270 9.79 8.69 27.68
N ILE A 271 8.98 9.54 27.09
CA ILE A 271 9.22 9.90 25.68
C ILE A 271 10.62 10.46 25.45
N TYR A 272 11.02 11.41 26.29
CA TYR A 272 12.31 12.06 26.13
C TYR A 272 13.53 11.15 26.40
N SER A 273 13.34 10.08 27.15
CA SER A 273 14.40 9.12 27.36
C SER A 273 14.63 8.36 26.05
N TYR A 274 13.56 8.17 25.26
CA TYR A 274 13.70 7.52 23.95
C TYR A 274 14.13 8.46 22.81
N ILE A 275 13.62 9.69 22.86
CA ILE A 275 13.86 10.68 21.82
C ILE A 275 14.18 12.01 22.54
N PRO A 276 15.45 12.24 22.80
CA PRO A 276 15.91 13.40 23.60
C PRO A 276 15.58 14.78 23.03
N ASP A 277 15.32 14.87 21.73
CA ASP A 277 14.93 16.09 21.10
C ASP A 277 13.49 16.09 20.57
N PHE A 278 12.64 15.26 21.15
CA PHE A 278 11.24 15.15 20.76
C PHE A 278 10.65 16.53 20.68
N GLY A 279 9.88 16.76 19.64
CA GLY A 279 9.30 18.08 19.40
C GLY A 279 8.10 18.44 20.24
N GLY A 280 7.22 17.47 20.45
CA GLY A 280 5.99 17.74 21.20
C GLY A 280 4.73 17.07 20.63
N PHE A 281 3.59 17.63 20.97
CA PHE A 281 2.30 17.00 20.72
C PHE A 281 1.41 17.85 19.83
N LEU A 282 0.66 17.15 18.97
CA LEU A 282 -0.45 17.71 18.19
C LEU A 282 -1.71 17.21 18.87
N VAL A 283 -2.72 18.05 19.01
CA VAL A 283 -3.91 17.66 19.72
C VAL A 283 -5.21 18.07 19.06
N LYS A 284 -6.00 17.05 18.76
CA LYS A 284 -7.37 17.18 18.36
C LYS A 284 -8.22 16.76 19.55
N ALA A 285 -8.86 17.72 20.17
CA ALA A 285 -9.60 17.52 21.41
C ALA A 285 -10.98 18.16 21.36
N ASP A 286 -11.96 17.45 21.93
CA ASP A 286 -13.39 17.88 21.99
C ASP A 286 -13.92 18.22 20.59
N SER A 287 -13.61 17.37 19.63
CA SER A 287 -13.99 17.61 18.24
C SER A 287 -14.32 16.30 17.58
N GLU A 288 -15.49 16.23 16.99
CA GLU A 288 -15.89 15.05 16.22
C GLU A 288 -15.81 13.75 17.02
N GLY A 289 -16.10 13.82 18.33
CA GLY A 289 -16.07 12.66 19.21
C GLY A 289 -14.75 12.38 19.87
N GLN A 290 -13.71 13.14 19.56
CA GLN A 290 -12.43 12.93 20.18
C GLN A 290 -12.47 13.53 21.59
N PRO A 291 -11.88 12.84 22.57
CA PRO A 291 -11.92 13.31 23.95
C PRO A 291 -11.16 14.60 24.16
N GLY A 292 -11.42 15.27 25.28
CA GLY A 292 -10.77 16.51 25.58
C GLY A 292 -11.21 17.08 26.91
N PRO A 293 -10.64 18.21 27.23
CA PRO A 293 -10.90 18.87 28.50
C PRO A 293 -12.38 19.18 28.71
N GLN A 294 -13.12 19.50 27.64
CA GLN A 294 -14.54 19.80 27.83
C GLN A 294 -15.34 18.61 28.33
N GLY A 295 -14.82 17.41 28.09
CA GLY A 295 -15.43 16.21 28.65
C GLY A 295 -15.38 16.13 30.18
N TYR A 296 -14.57 16.97 30.80
CA TYR A 296 -14.40 16.99 32.26
C TYR A 296 -14.81 18.35 32.82
N GLY A 297 -15.54 19.08 31.99
CA GLY A 297 -16.00 20.42 32.31
C GLY A 297 -14.89 21.44 32.42
N ARG A 298 -13.79 21.19 31.70
CA ARG A 298 -12.66 22.11 31.68
C ARG A 298 -12.52 22.81 30.32
N ASP A 299 -11.69 23.84 30.24
CA ASP A 299 -11.59 24.44 28.91
C ASP A 299 -10.25 24.13 28.25
N HIS A 300 -10.16 24.49 26.95
CA HIS A 300 -9.02 24.04 26.15
C HIS A 300 -7.67 24.59 26.65
N ALA A 301 -7.74 25.75 27.33
CA ALA A 301 -6.50 26.28 27.90
C ALA A 301 -5.99 25.41 29.05
N GLU A 302 -6.93 25.05 29.95
CA GLU A 302 -6.58 24.17 31.06
C GLU A 302 -6.06 22.83 30.52
N GLY A 303 -6.63 22.32 29.42
CA GLY A 303 -6.11 21.11 28.85
C GLY A 303 -4.73 21.27 28.21
N ALA A 304 -4.61 22.28 27.39
CA ALA A 304 -3.34 22.57 26.73
C ALA A 304 -2.17 22.86 27.70
N ASN A 305 -2.42 23.70 28.69
CA ASN A 305 -1.39 24.07 29.66
C ASN A 305 -0.89 22.92 30.49
N MET A 306 -1.79 21.99 30.78
CA MET A 306 -1.46 20.78 31.50
C MET A 306 -0.45 19.97 30.69
N LEU A 307 -0.76 19.74 29.42
CA LEU A 307 0.19 19.08 28.53
C LEU A 307 1.49 19.89 28.33
N ALA A 308 1.34 21.21 28.19
CA ALA A 308 2.49 22.09 28.06
C ALA A 308 3.43 22.04 29.25
N ALA A 309 2.87 21.94 30.45
CA ALA A 309 3.71 21.88 31.66
C ALA A 309 4.54 20.59 31.69
N ALA A 310 3.96 19.51 31.16
CA ALA A 310 4.68 18.26 31.05
C ALA A 310 5.85 18.31 30.06
N LEU A 311 5.66 19.05 28.98
CA LEU A 311 6.67 19.15 27.96
C LEU A 311 7.72 20.24 28.21
N LYS A 312 7.35 21.25 29.00
CA LYS A 312 8.24 22.41 29.23
C LYS A 312 9.70 22.12 29.66
N PRO A 313 9.93 21.29 30.65
CA PRO A 313 11.30 21.06 31.08
C PRO A 313 12.15 20.41 30.02
N PHE A 314 11.53 19.87 28.97
CA PHE A 314 12.27 19.21 27.90
C PHE A 314 12.28 20.03 26.64
N GLY A 315 11.65 21.21 26.68
CA GLY A 315 11.63 22.10 25.55
C GLY A 315 10.63 21.74 24.44
N GLY A 316 9.64 20.91 24.79
CA GLY A 316 8.60 20.50 23.88
C GLY A 316 7.48 21.52 23.74
N VAL A 317 6.75 21.43 22.64
CA VAL A 317 5.63 22.33 22.41
C VAL A 317 4.35 21.58 22.17
N VAL A 318 3.23 22.25 22.42
CA VAL A 318 1.92 21.71 22.17
C VAL A 318 1.27 22.45 20.98
N PHE A 319 1.00 21.72 19.91
CA PHE A 319 0.28 22.24 18.78
C PHE A 319 -1.20 21.87 19.08
N TRP A 320 -1.94 22.82 19.62
CA TRP A 320 -3.33 22.59 19.98
C TRP A 320 -4.25 23.00 18.85
N ARG A 321 -4.99 22.04 18.30
CA ARG A 321 -5.80 22.40 17.13
C ARG A 321 -7.07 23.16 17.44
N ALA A 322 -7.38 24.14 16.62
CA ALA A 322 -8.57 24.96 16.78
C ALA A 322 -9.77 24.41 16.03
N PHE A 323 -9.63 23.23 15.44
CA PHE A 323 -10.68 22.61 14.66
C PHE A 323 -11.70 21.99 15.61
N VAL A 324 -12.54 22.84 16.14
CA VAL A 324 -13.53 22.47 17.15
C VAL A 324 -14.80 23.20 16.76
N TYR A 325 -15.94 22.51 16.85
CA TYR A 325 -17.25 23.10 16.54
C TYR A 325 -18.34 22.19 17.14
N HIS A 326 -19.16 22.75 18.01
CA HIS A 326 -20.22 21.99 18.70
C HIS A 326 -21.48 21.93 17.86
N PRO A 327 -22.15 20.80 17.85
CA PRO A 327 -23.37 20.59 17.02
C PRO A 327 -24.47 21.58 17.30
N ASP A 328 -24.37 22.24 18.42
CA ASP A 328 -25.53 22.97 18.92
C ASP A 328 -25.47 24.45 18.69
N ILE A 329 -24.40 24.95 18.09
CA ILE A 329 -24.38 26.36 17.80
C ILE A 329 -25.14 26.66 16.54
N GLU A 330 -25.40 27.93 16.36
CA GLU A 330 -26.26 28.29 15.30
C GLU A 330 -25.57 28.31 13.97
N ASP A 331 -24.29 28.65 13.96
CA ASP A 331 -23.56 28.70 12.70
C ASP A 331 -22.16 28.14 12.84
N ARG A 332 -21.89 26.98 12.22
CA ARG A 332 -20.58 26.37 12.28
C ARG A 332 -19.42 27.32 11.94
N PHE A 333 -19.64 28.21 10.98
CA PHE A 333 -18.66 29.22 10.58
C PHE A 333 -18.10 30.01 11.78
N ARG A 334 -18.96 30.29 12.74
CA ARG A 334 -18.60 31.02 13.96
C ARG A 334 -17.84 30.22 14.98
N GLY A 335 -17.89 28.90 14.89
CA GLY A 335 -17.40 28.00 15.92
C GLY A 335 -16.04 28.21 16.56
N ALA A 336 -14.99 28.10 15.77
CA ALA A 336 -13.63 28.20 16.32
C ALA A 336 -13.38 29.55 17.01
N TYR A 337 -13.75 30.62 16.33
CA TYR A 337 -13.57 31.94 16.88
C TYR A 337 -14.28 32.05 18.22
N ASP A 338 -15.54 31.64 18.32
CA ASP A 338 -16.30 31.77 19.55
C ASP A 338 -15.73 30.88 20.65
N GLU A 339 -15.10 29.78 20.27
CA GLU A 339 -14.50 28.89 21.27
C GLU A 339 -13.19 29.42 21.86
N PHE A 340 -12.36 30.00 21.00
CA PHE A 340 -11.03 30.35 21.41
C PHE A 340 -10.76 31.81 21.75
N MET A 341 -11.51 32.74 21.19
CA MET A 341 -11.29 34.14 21.57
C MET A 341 -11.35 34.41 23.05
N PRO A 342 -12.29 33.84 23.82
CA PRO A 342 -12.29 34.01 25.28
C PRO A 342 -11.04 33.49 25.96
N LEU A 343 -10.25 32.66 25.29
CA LEU A 343 -9.08 32.07 25.92
C LEU A 343 -7.78 32.76 25.52
N ASP A 344 -7.90 33.75 24.66
CA ASP A 344 -6.73 34.48 24.19
C ASP A 344 -5.99 35.04 25.38
N GLY A 345 -4.73 34.65 25.51
CA GLY A 345 -3.87 35.10 26.59
C GLY A 345 -3.78 34.09 27.70
N LYS A 346 -4.61 33.07 27.69
CA LYS A 346 -4.61 32.07 28.77
C LYS A 346 -3.74 30.85 28.47
N PHE A 347 -3.20 30.76 27.26
CA PHE A 347 -2.36 29.62 26.92
C PHE A 347 -0.93 29.87 27.32
N ALA A 348 -0.24 28.83 27.76
CA ALA A 348 1.17 28.88 28.12
C ALA A 348 2.00 29.21 26.90
N ASP A 349 3.23 29.68 27.14
CA ASP A 349 4.00 30.17 25.98
C ASP A 349 4.52 29.06 25.07
N ASN A 350 4.44 27.80 25.47
CA ASN A 350 4.81 26.68 24.61
C ASN A 350 3.60 25.94 24.02
N VAL A 351 2.48 26.63 24.03
CA VAL A 351 1.25 26.20 23.33
C VAL A 351 1.10 27.08 22.09
N ILE A 352 0.88 26.43 20.94
CA ILE A 352 0.62 27.10 19.69
C ILE A 352 -0.73 26.62 19.15
N LEU A 353 -1.64 27.55 18.89
CA LEU A 353 -2.93 27.18 18.39
C LEU A 353 -2.83 26.97 16.88
N GLN A 354 -3.07 25.74 16.45
CA GLN A 354 -3.00 25.33 15.06
C GLN A 354 -4.37 25.44 14.37
N ILE A 355 -4.45 26.37 13.46
CA ILE A 355 -5.72 26.77 12.82
C ILE A 355 -5.73 26.51 11.31
N LYS A 356 -6.77 25.83 10.83
CA LYS A 356 -6.97 25.61 9.43
C LYS A 356 -7.14 26.95 8.70
N ASN A 357 -6.91 26.93 7.41
CA ASN A 357 -6.92 28.19 6.67
C ASN A 357 -8.27 28.91 6.74
N GLY A 358 -9.35 28.14 6.76
CA GLY A 358 -10.69 28.68 6.86
C GLY A 358 -11.46 28.11 8.03
N PRO A 359 -12.62 28.67 8.33
CA PRO A 359 -13.40 28.24 9.50
C PRO A 359 -14.26 26.99 9.32
N ILE A 360 -14.36 26.44 8.11
CA ILE A 360 -15.15 25.23 7.93
C ILE A 360 -14.22 24.02 7.89
N ASP A 361 -13.78 23.56 6.72
CA ASP A 361 -13.02 22.31 6.65
C ASP A 361 -12.33 22.10 5.30
N PHE A 362 -11.30 22.91 5.02
CA PHE A 362 -10.49 22.72 3.85
C PHE A 362 -11.26 22.72 2.50
N GLN A 363 -12.38 23.41 2.43
CA GLN A 363 -13.21 23.43 1.23
C GLN A 363 -12.46 24.15 0.11
N PRO A 364 -12.82 23.88 -1.14
CA PRO A 364 -12.04 24.42 -2.28
C PRO A 364 -11.77 25.91 -2.23
N ARG A 365 -12.70 26.69 -1.70
CA ARG A 365 -12.44 28.06 -1.30
C ARG A 365 -13.19 28.40 -0.02
N GLU A 366 -12.45 28.96 0.92
CA GLU A 366 -13.01 29.45 2.17
C GLU A 366 -12.36 30.84 2.47
N PRO A 367 -13.11 31.72 3.10
CA PRO A 367 -12.53 32.97 3.59
C PRO A 367 -11.58 32.60 4.72
N PHE A 368 -10.68 33.51 5.07
CA PHE A 368 -9.71 33.22 6.10
C PHE A 368 -10.37 33.06 7.48
N SER A 369 -9.79 32.17 8.27
CA SER A 369 -10.20 31.95 9.65
C SER A 369 -10.08 33.25 10.43
N ALA A 370 -11.20 33.71 10.96
CA ALA A 370 -11.21 34.97 11.76
C ALA A 370 -10.24 34.95 12.96
N LEU A 371 -9.96 33.76 13.50
CA LEU A 371 -9.02 33.63 14.61
C LEU A 371 -7.65 34.25 14.31
N PHE A 372 -7.20 34.13 13.06
CA PHE A 372 -5.88 34.66 12.68
C PHE A 372 -5.79 36.16 12.92
N ALA A 373 -6.89 36.88 12.71
CA ALA A 373 -6.92 38.33 12.88
C ALA A 373 -7.42 38.75 14.25
N GLY A 374 -7.89 37.78 15.02
CA GLY A 374 -8.46 38.06 16.33
C GLY A 374 -7.57 37.76 17.51
N MET A 375 -6.85 36.65 17.50
CA MET A 375 -6.02 36.24 18.64
C MET A 375 -4.74 37.06 18.69
N SER A 376 -4.63 37.97 19.65
CA SER A 376 -3.44 38.85 19.72
C SER A 376 -2.43 38.52 20.81
N ARG A 377 -2.73 37.55 21.65
CA ARG A 377 -1.93 37.20 22.77
C ARG A 377 -1.66 35.71 22.81
N THR A 378 -1.81 35.05 21.65
CA THR A 378 -1.61 33.60 21.58
C THR A 378 -0.78 33.22 20.36
N ASN A 379 0.14 32.29 20.55
CA ASN A 379 0.91 31.78 19.43
C ASN A 379 -0.05 31.06 18.48
N MET A 380 0.14 31.28 17.19
CA MET A 380 -0.69 30.64 16.19
C MET A 380 0.14 30.00 15.09
N MET A 381 -0.40 28.96 14.48
CA MET A 381 0.21 28.43 13.27
C MET A 381 -0.90 27.98 12.31
N MET A 382 -0.54 27.92 11.05
CA MET A 382 -1.48 27.60 9.97
C MET A 382 -1.47 26.11 9.72
N GLU A 383 -2.66 25.60 9.37
CA GLU A 383 -2.83 24.24 8.93
C GLU A 383 -3.44 24.21 7.52
N PHE A 384 -2.68 23.70 6.57
CA PHE A 384 -3.14 23.57 5.19
C PHE A 384 -3.32 22.09 4.87
N GLN A 385 -4.17 21.79 3.90
CA GLN A 385 -4.33 20.42 3.42
C GLN A 385 -3.73 20.24 2.01
N ILE A 386 -2.91 19.21 1.87
CA ILE A 386 -2.25 18.87 0.63
C ILE A 386 -2.94 17.64 0.05
N THR A 387 -3.16 16.61 0.88
CA THR A 387 -3.91 15.42 0.45
C THR A 387 -5.25 15.90 -0.08
N GLN A 388 -5.70 15.34 -1.19
CA GLN A 388 -6.87 15.87 -1.86
C GLN A 388 -8.23 15.34 -1.36
N GLU A 389 -8.49 15.52 -0.08
CA GLU A 389 -9.77 15.08 0.48
C GLU A 389 -10.96 15.71 -0.23
N TYR A 390 -10.79 16.97 -0.60
CA TYR A 390 -11.86 17.74 -1.20
C TYR A 390 -11.54 18.15 -2.65
N PHE A 391 -10.42 17.68 -3.18
CA PHE A 391 -10.00 18.02 -4.50
C PHE A 391 -9.82 16.80 -5.38
N GLY A 392 -10.42 15.67 -4.99
CA GLY A 392 -10.47 14.54 -5.89
C GLY A 392 -9.52 13.38 -5.69
N PHE A 393 -9.09 13.16 -4.43
CA PHE A 393 -8.36 11.99 -4.04
C PHE A 393 -7.11 11.89 -4.91
N ALA A 394 -6.86 10.74 -5.52
CA ALA A 394 -5.68 10.59 -6.35
C ALA A 394 -6.00 10.57 -7.84
N THR A 395 -7.20 10.96 -8.22
CA THR A 395 -7.57 10.91 -9.63
C THR A 395 -7.76 12.29 -10.26
N HIS A 396 -7.89 13.35 -9.48
CA HIS A 396 -7.98 14.70 -10.04
C HIS A 396 -6.64 15.45 -9.93
N LEU A 397 -6.29 16.22 -10.95
CA LEU A 397 -5.12 17.04 -10.95
C LEU A 397 -5.51 18.37 -10.33
N ALA A 398 -4.88 18.70 -9.19
CA ALA A 398 -5.25 19.91 -8.44
C ALA A 398 -4.08 20.49 -7.63
N TYR A 399 -3.20 21.22 -8.31
CA TYR A 399 -2.07 21.93 -7.68
C TYR A 399 -2.62 22.90 -6.66
N GLN A 400 -2.16 22.78 -5.43
CA GLN A 400 -2.74 23.55 -4.35
C GLN A 400 -1.97 24.85 -4.03
N GLY A 401 -0.86 25.05 -4.74
CA GLY A 401 -0.12 26.28 -4.66
C GLY A 401 -0.99 27.56 -4.64
N PRO A 402 -1.91 27.73 -5.58
CA PRO A 402 -2.77 28.93 -5.57
C PRO A 402 -3.65 29.04 -4.36
N LEU A 403 -4.10 27.95 -3.74
CA LEU A 403 -4.90 28.07 -2.53
C LEU A 403 -4.04 28.59 -1.38
N PHE A 404 -2.85 28.03 -1.25
CA PHE A 404 -1.94 28.41 -0.17
C PHE A 404 -1.58 29.88 -0.40
N GLU A 405 -1.23 30.24 -1.63
CA GLU A 405 -0.83 31.62 -1.89
C GLU A 405 -1.99 32.61 -1.60
N GLU A 406 -3.19 32.24 -2.02
CA GLU A 406 -4.36 33.07 -1.82
C GLU A 406 -4.54 33.33 -0.33
N SER A 407 -4.42 32.28 0.48
CA SER A 407 -4.50 32.42 1.91
C SER A 407 -3.43 33.34 2.47
N LEU A 408 -2.17 33.01 2.20
CA LEU A 408 -1.04 33.73 2.78
C LEU A 408 -0.98 35.22 2.42
N LYS A 409 -1.46 35.58 1.24
CA LYS A 409 -1.45 36.98 0.83
C LYS A 409 -2.76 37.72 1.12
N THR A 410 -3.69 37.05 1.78
CA THR A 410 -4.93 37.70 2.12
C THR A 410 -4.71 38.79 3.17
N GLU A 411 -5.16 40.01 2.85
CA GLU A 411 -5.13 41.13 3.78
C GLU A 411 -6.27 40.94 4.79
N THR A 412 -5.96 40.94 6.08
CA THR A 412 -6.97 40.79 7.09
C THR A 412 -7.33 42.10 7.79
N HIS A 413 -6.52 43.15 7.64
CA HIS A 413 -6.69 44.42 8.36
C HIS A 413 -6.66 44.28 9.89
N ALA A 414 -6.13 43.20 10.44
CA ALA A 414 -6.09 42.97 11.89
C ALA A 414 -5.55 44.17 12.66
N ARG A 415 -4.44 44.71 12.18
CA ARG A 415 -3.89 45.94 12.74
C ARG A 415 -3.61 46.91 11.60
N GLY A 416 -4.65 47.08 10.78
CA GLY A 416 -4.55 47.93 9.61
C GLY A 416 -3.94 47.23 8.42
N GLU A 417 -3.66 48.00 7.38
CA GLU A 417 -3.08 47.44 6.17
C GLU A 417 -1.74 46.82 6.46
N GLY A 418 -1.43 45.77 5.70
CA GLY A 418 -0.19 45.02 5.90
C GLY A 418 -0.36 43.81 6.81
N SER A 419 -1.56 43.61 7.34
CA SER A 419 -1.88 42.49 8.18
C SER A 419 -2.29 41.27 7.34
N THR A 420 -1.40 40.83 6.46
CA THR A 420 -1.68 39.63 5.67
C THR A 420 -1.59 38.40 6.60
N ILE A 421 -2.19 37.30 6.16
CA ILE A 421 -2.12 36.07 6.89
C ILE A 421 -0.66 35.67 7.08
N GLY A 422 0.12 35.79 6.02
CA GLY A 422 1.55 35.48 6.08
C GLY A 422 2.31 36.31 7.12
N ASN A 423 2.00 37.60 7.16
CA ASN A 423 2.64 38.49 8.10
C ASN A 423 2.20 38.20 9.53
N ILE A 424 0.94 37.78 9.71
CA ILE A 424 0.43 37.37 11.02
C ILE A 424 1.24 36.15 11.46
N LEU A 425 1.31 35.16 10.59
CA LEU A 425 2.02 33.93 10.94
C LEU A 425 3.45 34.20 11.26
N GLU A 426 4.09 35.10 10.51
CA GLU A 426 5.51 35.39 10.75
C GLU A 426 5.78 36.08 12.12
N GLY A 427 4.77 36.71 12.70
CA GLY A 427 4.94 37.39 13.96
C GLY A 427 5.14 38.88 13.80
N LYS A 428 4.92 39.36 12.59
CA LYS A 428 5.07 40.78 12.31
C LYS A 428 3.86 41.64 12.72
N VAL A 429 2.71 41.02 12.99
CA VAL A 429 1.51 41.78 13.32
C VAL A 429 1.33 41.86 14.84
N PHE A 430 1.13 40.72 15.47
CA PHE A 430 1.05 40.58 16.89
C PHE A 430 2.39 40.09 17.33
N LYS A 431 2.90 40.56 18.43
CA LYS A 431 4.22 40.05 18.87
C LYS A 431 3.99 38.66 19.44
N THR A 432 4.73 37.69 18.94
CA THR A 432 4.42 36.34 19.36
C THR A 432 5.69 35.52 19.56
N ARG A 433 5.59 34.37 20.20
CA ARG A 433 6.77 33.57 20.54
C ARG A 433 7.06 32.42 19.55
N HIS A 434 6.05 31.77 19.04
CA HIS A 434 6.26 30.60 18.21
C HIS A 434 5.46 30.76 16.92
N THR A 435 6.10 30.49 15.78
CA THR A 435 5.47 30.63 14.49
C THR A 435 5.54 29.34 13.70
N GLY A 436 4.66 29.17 12.75
CA GLY A 436 4.72 27.98 11.93
C GLY A 436 3.56 27.71 11.01
N MET A 437 3.71 26.62 10.27
CA MET A 437 2.66 26.10 9.39
C MET A 437 2.83 24.57 9.23
N ALA A 438 1.69 23.91 9.18
CA ALA A 438 1.61 22.47 9.12
C ALA A 438 0.83 22.11 7.87
N GLY A 439 1.24 21.03 7.24
CA GLY A 439 0.60 20.59 6.02
C GLY A 439 0.21 19.12 6.05
N VAL A 440 -1.07 18.86 5.83
CA VAL A 440 -1.55 17.50 5.87
C VAL A 440 -1.27 16.86 4.52
N ILE A 441 -0.17 16.13 4.42
CA ILE A 441 0.27 15.56 3.18
C ILE A 441 -0.25 14.18 2.91
N ASN A 442 -0.43 13.39 3.95
CA ASN A 442 -0.91 12.00 3.84
C ASN A 442 -0.38 11.14 2.70
N PRO A 443 0.93 11.08 2.52
CA PRO A 443 1.49 10.21 1.49
C PRO A 443 1.45 8.76 1.95
N GLY A 444 1.82 7.85 1.06
CA GLY A 444 1.83 6.45 1.39
C GLY A 444 2.86 5.62 0.64
N THR A 445 2.70 4.30 0.71
CA THR A 445 3.66 3.38 0.13
C THR A 445 3.63 3.29 -1.39
N ASP A 446 2.67 3.94 -2.06
CA ASP A 446 2.69 3.97 -3.52
C ASP A 446 4.05 4.40 -3.96
N ARG A 447 4.50 3.84 -5.08
CA ARG A 447 5.86 4.13 -5.59
C ARG A 447 6.21 5.62 -5.72
N ASN A 448 5.22 6.44 -6.09
CA ASN A 448 5.42 7.87 -6.26
C ASN A 448 5.02 8.73 -5.05
N TRP A 449 4.78 8.08 -3.92
CA TRP A 449 4.49 8.67 -2.62
C TRP A 449 3.10 9.33 -2.47
N THR A 450 2.59 9.90 -3.56
CA THR A 450 1.38 10.70 -3.55
C THR A 450 0.19 10.18 -4.37
N GLY A 451 0.35 9.08 -5.10
CA GLY A 451 -0.72 8.54 -5.88
C GLY A 451 -0.73 9.28 -7.22
N HIS A 452 -1.33 10.47 -7.21
CA HIS A 452 -1.34 11.33 -8.39
C HIS A 452 0.00 12.07 -8.42
N PRO A 453 0.71 12.01 -9.53
CA PRO A 453 1.99 12.68 -9.65
C PRO A 453 1.92 14.16 -9.30
N PHE A 454 0.81 14.83 -9.59
CA PHE A 454 0.72 16.26 -9.31
C PHE A 454 0.47 16.62 -7.85
N VAL A 455 0.08 15.66 -7.01
CA VAL A 455 0.00 15.96 -5.58
C VAL A 455 1.41 16.32 -5.05
N GLN A 456 2.45 15.76 -5.68
CA GLN A 456 3.83 16.10 -5.33
C GLN A 456 4.06 17.61 -5.41
N SER A 457 3.49 18.25 -6.41
CA SER A 457 3.62 19.69 -6.57
C SER A 457 3.05 20.47 -5.43
N SER A 458 2.01 19.93 -4.80
CA SER A 458 1.36 20.59 -3.68
C SER A 458 2.19 20.50 -2.42
N TRP A 459 2.79 19.32 -2.17
CA TRP A 459 3.69 19.10 -1.05
C TRP A 459 4.90 20.05 -1.26
N TYR A 460 5.42 20.10 -2.50
CA TYR A 460 6.52 20.98 -2.84
C TYR A 460 6.21 22.45 -2.49
N ALA A 461 5.07 22.93 -2.95
CA ALA A 461 4.68 24.32 -2.73
C ALA A 461 4.50 24.63 -1.27
N PHE A 462 3.88 23.71 -0.55
CA PHE A 462 3.68 23.84 0.87
C PHE A 462 5.04 24.08 1.57
N GLY A 463 6.01 23.23 1.33
CA GLY A 463 7.30 23.36 1.95
C GLY A 463 7.99 24.67 1.60
N ARG A 464 7.96 25.04 0.33
CA ARG A 464 8.57 26.28 -0.09
C ARG A 464 7.90 27.49 0.61
N MET A 465 6.58 27.46 0.70
CA MET A 465 5.86 28.56 1.33
C MET A 465 6.01 28.59 2.82
N ALA A 466 6.30 27.44 3.44
CA ALA A 466 6.57 27.37 4.90
C ALA A 466 7.89 28.06 5.20
N TRP A 467 8.77 27.95 4.25
CA TRP A 467 10.07 28.62 4.28
C TRP A 467 9.96 30.12 4.02
N ASP A 468 9.22 30.51 3.01
CA ASP A 468 8.99 31.90 2.67
C ASP A 468 7.55 32.02 2.17
N HIS A 469 6.69 32.56 3.02
CA HIS A 469 5.26 32.70 2.74
C HIS A 469 4.89 33.64 1.60
N GLN A 470 5.86 34.38 1.08
CA GLN A 470 5.64 35.27 -0.02
C GLN A 470 5.98 34.59 -1.35
N ILE A 471 6.52 33.38 -1.33
CA ILE A 471 6.74 32.67 -2.59
C ILE A 471 5.42 32.39 -3.30
N SER A 472 5.35 32.70 -4.58
CA SER A 472 4.10 32.53 -5.31
C SER A 472 3.93 31.10 -5.77
N ALA A 473 2.68 30.75 -6.09
CA ALA A 473 2.36 29.44 -6.65
C ALA A 473 3.07 29.23 -7.97
N ALA A 474 3.18 30.32 -8.71
CA ALA A 474 3.85 30.31 -9.99
C ALA A 474 5.32 29.95 -9.84
N THR A 475 6.00 30.61 -8.92
CA THR A 475 7.42 30.31 -8.75
C THR A 475 7.61 28.83 -8.39
N ALA A 476 6.82 28.37 -7.42
CA ALA A 476 6.99 27.03 -6.93
C ALA A 476 6.74 26.05 -8.07
N ALA A 477 5.73 26.40 -8.85
CA ALA A 477 5.42 25.54 -9.93
C ALA A 477 6.55 25.50 -10.92
N ASP A 478 7.17 26.66 -11.19
CA ASP A 478 8.24 26.68 -12.17
C ASP A 478 9.38 25.76 -11.70
N GLU A 479 9.75 25.92 -10.44
CA GLU A 479 10.79 25.10 -9.86
C GLU A 479 10.45 23.61 -9.93
N TRP A 480 9.27 23.25 -9.45
CA TRP A 480 8.85 21.86 -9.39
C TRP A 480 8.85 21.20 -10.76
N LEU A 481 8.37 21.89 -11.75
CA LEU A 481 8.33 21.35 -13.10
C LEU A 481 9.72 21.07 -13.69
N ARG A 482 10.64 21.99 -13.43
CA ARG A 482 12.02 21.85 -13.88
C ARG A 482 12.71 20.66 -13.23
N MET A 483 12.49 20.52 -11.91
CA MET A 483 13.16 19.45 -11.18
C MET A 483 12.52 18.08 -11.45
N THR A 484 11.22 18.12 -11.83
CA THR A 484 10.48 16.86 -11.91
C THR A 484 10.31 16.36 -13.35
N PHE A 485 10.08 17.30 -14.28
CA PHE A 485 9.79 16.89 -15.65
C PHE A 485 10.86 17.34 -16.64
N SER A 486 11.04 18.64 -16.79
CA SER A 486 11.78 19.15 -17.91
C SER A 486 12.15 20.62 -17.71
N ASN A 487 13.27 21.03 -18.29
CA ASN A 487 13.64 22.43 -18.32
C ASN A 487 13.31 23.12 -19.67
N GLN A 488 12.63 22.41 -20.56
CA GLN A 488 12.25 23.02 -21.86
C GLN A 488 11.21 24.11 -21.67
N PRO A 489 11.53 25.34 -22.10
CA PRO A 489 10.60 26.47 -21.95
C PRO A 489 9.25 26.21 -22.57
N ALA A 490 9.18 25.52 -23.71
CA ALA A 490 7.89 25.26 -24.37
C ALA A 490 7.01 24.35 -23.56
N PHE A 491 7.62 23.57 -22.68
CA PHE A 491 6.87 22.71 -21.76
C PHE A 491 6.43 23.50 -20.51
N ILE A 492 7.39 24.19 -19.90
CA ILE A 492 7.17 24.81 -18.64
C ILE A 492 5.94 25.74 -18.68
N GLU A 493 5.89 26.66 -19.63
CA GLU A 493 4.82 27.66 -19.69
C GLU A 493 3.40 27.10 -19.69
N PRO A 494 3.04 26.26 -20.67
CA PRO A 494 1.69 25.75 -20.70
C PRO A 494 1.39 24.83 -19.52
N VAL A 495 2.33 24.04 -19.06
CA VAL A 495 2.06 23.15 -17.93
C VAL A 495 1.97 23.95 -16.64
N LYS A 496 2.80 24.98 -16.47
CA LYS A 496 2.64 25.87 -15.33
C LYS A 496 1.21 26.51 -15.30
N GLN A 497 0.78 27.06 -16.42
CA GLN A 497 -0.56 27.64 -16.49
C GLN A 497 -1.63 26.60 -16.20
N MET A 498 -1.50 25.39 -16.73
CA MET A 498 -2.43 24.28 -16.42
C MET A 498 -2.53 24.02 -14.88
N MET A 499 -1.37 23.95 -14.24
CA MET A 499 -1.28 23.77 -12.81
C MET A 499 -1.98 24.90 -12.10
N LEU A 500 -1.69 26.12 -12.55
CA LEU A 500 -2.23 27.30 -11.93
C LEU A 500 -3.74 27.38 -12.08
N VAL A 501 -4.33 26.84 -13.14
CA VAL A 501 -5.78 26.89 -13.25
C VAL A 501 -6.51 25.71 -12.52
N SER A 502 -5.79 24.62 -12.27
CA SER A 502 -6.41 23.40 -11.75
C SER A 502 -7.16 23.59 -10.42
N ARG A 503 -6.63 24.44 -9.52
CA ARG A 503 -7.34 24.71 -8.30
C ARG A 503 -8.72 25.32 -8.58
N GLU A 504 -8.75 26.33 -9.43
CA GLU A 504 -9.99 27.03 -9.73
C GLU A 504 -10.99 26.14 -10.47
N ALA A 505 -10.49 25.29 -11.36
CA ALA A 505 -11.33 24.34 -12.05
C ALA A 505 -12.05 23.48 -10.98
N GLY A 506 -11.29 23.03 -9.99
CA GLY A 506 -11.81 22.25 -8.86
C GLY A 506 -12.86 22.97 -8.02
N VAL A 507 -12.75 24.29 -7.94
CA VAL A 507 -13.80 25.08 -7.28
C VAL A 507 -15.03 25.11 -8.17
N ASN A 508 -14.80 25.40 -9.45
CA ASN A 508 -15.87 25.64 -10.38
C ASN A 508 -16.82 24.48 -10.59
N TYR A 509 -16.30 23.25 -10.75
CA TYR A 509 -17.21 22.09 -10.97
C TYR A 509 -17.77 21.47 -9.69
N ARG A 510 -17.37 21.99 -8.52
CA ARG A 510 -17.89 21.51 -7.27
C ARG A 510 -18.83 22.48 -6.56
N SER A 511 -18.36 23.69 -6.35
CA SER A 511 -19.05 24.65 -5.52
C SER A 511 -18.48 26.04 -5.68
N PRO A 512 -18.84 26.73 -6.75
CA PRO A 512 -18.40 28.10 -6.98
C PRO A 512 -19.24 29.16 -6.24
N LEU A 513 -18.82 30.42 -6.35
CA LEU A 513 -19.56 31.58 -5.85
C LEU A 513 -19.77 31.62 -4.34
N GLY A 514 -18.99 30.86 -3.58
CA GLY A 514 -19.15 30.88 -2.16
C GLY A 514 -19.95 29.68 -1.69
N LEU A 515 -20.42 28.85 -2.62
CA LEU A 515 -20.99 27.59 -2.22
C LEU A 515 -19.86 26.74 -1.59
N THR A 516 -20.27 25.76 -0.80
CA THR A 516 -19.37 24.93 -0.02
C THR A 516 -20.05 23.68 0.54
N HIS A 517 -19.20 22.68 0.83
CA HIS A 517 -19.65 21.49 1.55
C HIS A 517 -20.75 20.74 0.81
N LEU A 518 -20.49 20.47 -0.51
CA LEU A 518 -21.51 19.77 -1.34
C LEU A 518 -21.18 18.29 -1.54
N TYR A 519 -20.22 17.82 -0.75
CA TYR A 519 -19.66 16.49 -0.97
C TYR A 519 -20.62 15.37 -0.51
N SER A 520 -20.44 14.19 -1.11
CA SER A 520 -20.97 12.97 -0.55
C SER A 520 -20.36 12.84 0.87
N GLN A 521 -21.17 12.53 1.84
CA GLN A 521 -20.72 12.36 3.22
C GLN A 521 -20.70 10.90 3.56
N GLY A 522 -19.70 10.41 4.28
CA GLY A 522 -18.56 11.16 4.77
C GLY A 522 -17.27 10.91 3.97
N ASP A 523 -17.40 10.25 2.81
CA ASP A 523 -16.26 9.89 1.99
C ASP A 523 -15.65 11.03 1.21
N HIS A 524 -16.49 11.98 0.79
CA HIS A 524 -16.03 13.19 0.10
C HIS A 524 -15.51 13.05 -1.32
N TYR A 525 -15.77 11.94 -2.01
CA TYR A 525 -15.29 11.83 -3.37
C TYR A 525 -16.13 12.59 -4.39
N GLY A 526 -17.43 12.32 -4.40
CA GLY A 526 -18.33 12.82 -5.41
C GLY A 526 -19.35 13.79 -4.86
N PRO A 527 -20.17 14.29 -5.76
CA PRO A 527 -21.23 15.24 -5.41
C PRO A 527 -22.39 14.62 -4.65
N ALA A 528 -22.90 15.43 -3.72
CA ALA A 528 -24.13 15.15 -3.02
C ALA A 528 -24.74 16.43 -2.43
N PRO A 529 -25.07 17.41 -3.28
CA PRO A 529 -25.59 18.70 -2.76
C PRO A 529 -26.98 18.61 -2.11
N TRP A 530 -27.69 17.49 -2.31
CA TRP A 530 -29.00 17.22 -1.70
C TRP A 530 -28.89 16.70 -0.25
N THR A 531 -27.68 16.36 0.17
CA THR A 531 -27.45 15.77 1.50
C THR A 531 -28.17 16.53 2.61
N ASP A 532 -29.04 15.79 3.29
CA ASP A 532 -29.83 16.34 4.35
C ASP A 532 -30.00 15.22 5.42
N ASP A 533 -30.75 15.50 6.46
CA ASP A 533 -31.04 14.48 7.52
C ASP A 533 -29.84 13.59 7.94
N LEU A 534 -28.83 14.19 8.55
CA LEU A 534 -27.75 13.45 9.17
C LEU A 534 -27.94 13.71 10.67
N PRO A 535 -27.29 12.98 11.55
CA PRO A 535 -27.40 13.21 13.01
C PRO A 535 -27.04 14.65 13.42
N ARG A 536 -26.19 15.30 12.63
CA ARG A 536 -25.98 16.72 12.91
C ARG A 536 -26.10 17.51 11.63
N ALA A 537 -26.94 18.55 11.69
CA ALA A 537 -27.25 19.37 10.52
C ALA A 537 -26.00 19.96 9.88
N ASP A 538 -25.00 20.29 10.71
CA ASP A 538 -23.77 20.88 10.16
C ASP A 538 -22.86 19.92 9.38
N TRP A 539 -23.29 18.68 9.19
CA TRP A 539 -22.61 17.72 8.35
C TRP A 539 -23.26 17.62 6.97
N THR A 540 -24.44 18.22 6.85
CA THR A 540 -25.19 18.12 5.60
C THR A 540 -24.75 19.16 4.59
N ALA A 541 -25.33 19.09 3.40
CA ALA A 541 -25.09 20.08 2.35
C ALA A 541 -26.10 21.22 2.44
N VAL A 542 -27.38 20.89 2.64
CA VAL A 542 -28.45 21.91 2.64
C VAL A 542 -28.25 22.98 3.71
N TYR A 543 -27.61 22.60 4.80
CA TYR A 543 -27.27 23.51 5.87
C TYR A 543 -26.48 24.72 5.36
N TYR A 544 -25.57 24.46 4.43
CA TYR A 544 -24.67 25.50 3.94
C TYR A 544 -25.21 26.32 2.80
N HIS A 545 -25.87 25.69 1.84
CA HIS A 545 -26.35 26.41 0.64
C HIS A 545 -27.73 27.06 0.79
N ARG A 546 -28.59 26.50 1.64
CA ARG A 546 -29.94 27.01 1.91
C ARG A 546 -30.72 27.35 0.64
N ALA A 547 -30.58 26.53 -0.38
CA ALA A 547 -31.25 26.78 -1.65
C ALA A 547 -32.73 26.59 -1.56
N SER A 548 -33.48 27.50 -2.20
CA SER A 548 -34.93 27.39 -2.27
C SER A 548 -35.39 27.94 -3.63
N LYS A 549 -36.69 27.99 -3.85
CA LYS A 549 -37.25 28.51 -5.08
C LYS A 549 -36.90 29.99 -5.23
N THR A 550 -36.71 30.70 -4.13
CA THR A 550 -36.45 32.10 -4.25
C THR A 550 -34.99 32.49 -4.27
N GLY A 551 -34.11 31.68 -3.68
CA GLY A 551 -32.70 32.02 -3.66
C GLY A 551 -31.75 31.01 -3.06
N ILE A 552 -30.54 31.48 -2.80
CA ILE A 552 -29.46 30.62 -2.33
C ILE A 552 -28.44 31.46 -1.56
N GLY A 553 -27.74 30.82 -0.62
CA GLY A 553 -26.71 31.48 0.16
C GLY A 553 -27.03 31.47 1.63
N PHE A 554 -26.03 31.82 2.42
CA PHE A 554 -26.13 31.80 3.88
C PHE A 554 -25.89 33.20 4.39
N ASN A 555 -26.89 33.78 5.06
CA ASN A 555 -26.78 35.12 5.61
C ASN A 555 -25.88 35.14 6.86
N ARG A 556 -24.71 35.73 6.71
CA ARG A 556 -23.74 35.87 7.77
C ARG A 556 -23.48 37.32 8.12
N THR A 557 -24.33 38.20 7.60
CA THR A 557 -24.27 39.64 7.92
C THR A 557 -24.95 39.91 9.27
N LYS A 558 -25.05 41.18 9.64
CA LYS A 558 -25.75 41.63 10.85
C LYS A 558 -27.21 41.13 10.92
N THR A 559 -27.84 40.93 9.78
CA THR A 559 -29.21 40.42 9.78
C THR A 559 -29.33 38.90 9.87
N GLY A 560 -28.19 38.22 9.79
CA GLY A 560 -28.16 36.76 9.83
C GLY A 560 -27.41 36.26 11.06
N SER A 561 -26.38 35.42 10.87
CA SER A 561 -25.62 34.90 12.01
C SER A 561 -24.59 35.91 12.51
N ASN A 562 -24.33 36.95 11.74
CA ASN A 562 -23.38 38.00 12.07
C ASN A 562 -21.96 37.49 12.34
N ALA A 563 -21.58 36.48 11.57
CA ALA A 563 -20.20 35.99 11.64
C ALA A 563 -19.25 37.05 11.13
N LEU A 564 -19.73 37.95 10.28
CA LEU A 564 -18.89 39.03 9.75
C LEU A 564 -18.33 39.95 10.86
N ALA A 565 -19.06 40.06 11.97
CA ALA A 565 -18.61 40.84 13.13
C ALA A 565 -17.42 40.20 13.84
N GLN A 566 -17.08 38.98 13.47
CA GLN A 566 -15.91 38.31 14.04
C GLN A 566 -14.62 38.74 13.34
N TYR A 567 -14.78 39.43 12.21
CA TYR A 567 -13.67 39.96 11.43
C TYR A 567 -13.39 41.45 11.77
N PRO A 568 -12.19 41.93 11.49
CA PRO A 568 -11.91 43.37 11.60
C PRO A 568 -12.87 44.17 10.74
N GLU A 569 -13.20 45.34 11.23
CA GLU A 569 -14.16 46.24 10.60
C GLU A 569 -14.04 46.38 9.09
N PRO A 570 -12.85 46.63 8.55
CA PRO A 570 -12.76 46.79 7.10
C PRO A 570 -13.20 45.55 6.33
N ILE A 571 -12.95 44.39 6.89
CA ILE A 571 -13.36 43.14 6.25
C ILE A 571 -14.88 43.01 6.37
N ALA A 572 -15.40 43.24 7.54
CA ALA A 572 -16.86 43.14 7.75
C ALA A 572 -17.61 44.08 6.81
N LYS A 573 -17.05 45.26 6.63
CA LYS A 573 -17.63 46.27 5.72
C LYS A 573 -17.57 45.82 4.26
N ALA A 574 -16.40 45.43 3.77
CA ALA A 574 -16.24 44.99 2.41
C ALA A 574 -17.14 43.81 2.04
N TRP A 575 -17.22 42.84 2.95
CA TRP A 575 -17.94 41.62 2.65
C TRP A 575 -19.42 41.76 2.93
N GLY A 576 -19.81 42.71 3.75
CA GLY A 576 -21.21 42.84 4.12
C GLY A 576 -21.98 43.69 3.12
N ASP A 577 -21.27 44.40 2.25
CA ASP A 577 -21.87 45.26 1.24
C ASP A 577 -21.87 44.54 -0.13
N LEU A 578 -23.05 44.40 -0.73
CA LEU A 578 -23.19 43.71 -2.00
C LEU A 578 -22.42 44.37 -3.10
N ASN A 579 -22.15 45.65 -2.93
CA ASN A 579 -21.39 46.35 -3.92
C ASN A 579 -19.89 46.01 -3.87
N SER A 580 -19.38 45.48 -2.74
CA SER A 580 -17.92 45.26 -2.62
C SER A 580 -17.53 43.81 -2.33
N VAL A 581 -18.49 42.99 -1.92
CA VAL A 581 -18.15 41.58 -1.59
C VAL A 581 -17.65 40.87 -2.83
N PRO A 582 -16.51 40.17 -2.76
CA PRO A 582 -16.03 39.41 -3.90
C PRO A 582 -17.03 38.34 -4.28
N GLU A 583 -17.27 38.20 -5.57
CA GLU A 583 -18.20 37.20 -6.05
C GLU A 583 -17.73 35.80 -5.73
N ASP A 584 -16.42 35.57 -5.66
CA ASP A 584 -15.95 34.25 -5.34
C ASP A 584 -16.17 33.84 -3.86
N LEU A 585 -16.70 34.73 -3.05
CA LEU A 585 -17.07 34.46 -1.67
C LEU A 585 -18.55 34.78 -1.35
N ILE A 586 -19.27 35.31 -2.32
CA ILE A 586 -20.58 35.94 -2.06
C ILE A 586 -21.60 35.10 -1.23
N LEU A 587 -21.77 33.82 -1.55
CA LEU A 587 -22.78 32.99 -0.90
C LEU A 587 -22.32 32.50 0.46
N TRP A 588 -21.09 32.81 0.85
CA TRP A 588 -20.70 32.54 2.21
C TRP A 588 -21.44 33.48 3.18
N PHE A 589 -21.79 34.66 2.68
CA PHE A 589 -22.26 35.71 3.56
C PHE A 589 -23.63 36.25 3.27
N HIS A 590 -24.13 35.97 2.06
CA HIS A 590 -25.40 36.52 1.60
C HIS A 590 -26.32 35.48 1.04
N HIS A 591 -27.56 35.56 1.45
CA HIS A 591 -28.61 34.78 0.85
C HIS A 591 -29.21 35.72 -0.17
N LEU A 592 -29.14 35.34 -1.44
CA LEU A 592 -29.55 36.19 -2.53
C LEU A 592 -30.60 35.55 -3.41
N SER A 593 -31.49 36.37 -3.92
CA SER A 593 -32.49 35.90 -4.84
C SER A 593 -31.80 35.44 -6.12
N TRP A 594 -32.41 34.49 -6.81
CA TRP A 594 -31.87 33.98 -8.05
C TRP A 594 -31.74 35.01 -9.17
N ASP A 595 -32.48 36.11 -9.06
CA ASP A 595 -32.50 37.16 -10.06
C ASP A 595 -31.45 38.23 -9.83
N HIS A 596 -30.70 38.16 -8.72
CA HIS A 596 -29.64 39.12 -8.48
C HIS A 596 -28.70 39.09 -9.69
N ARG A 597 -28.30 40.25 -10.20
CA ARG A 597 -27.38 40.28 -11.35
C ARG A 597 -25.91 40.38 -10.93
N MET A 598 -25.10 39.49 -11.48
CA MET A 598 -23.66 39.44 -11.22
C MET A 598 -22.92 40.38 -12.16
N GLN A 599 -21.64 40.58 -11.90
CA GLN A 599 -20.79 41.47 -12.68
C GLN A 599 -20.82 41.14 -14.14
N SER A 600 -20.93 39.85 -14.45
CA SER A 600 -20.97 39.40 -15.82
C SER A 600 -22.26 39.76 -16.57
N GLY A 601 -23.33 40.12 -15.89
CA GLY A 601 -24.55 40.38 -16.66
C GLY A 601 -25.63 39.31 -16.41
N ARG A 602 -25.15 38.11 -16.05
CA ARG A 602 -26.04 37.01 -15.71
C ARG A 602 -26.65 37.18 -14.36
N ASN A 603 -27.88 36.63 -14.21
CA ASN A 603 -28.40 36.52 -12.91
C ASN A 603 -27.69 35.39 -12.18
N LEU A 604 -27.99 35.27 -10.90
CA LEU A 604 -27.30 34.34 -10.04
C LEU A 604 -27.48 32.88 -10.52
N TRP A 605 -28.68 32.50 -10.96
CA TRP A 605 -28.89 31.16 -11.46
C TRP A 605 -27.98 30.86 -12.65
N GLN A 606 -27.96 31.80 -13.60
CA GLN A 606 -27.17 31.74 -14.81
C GLN A 606 -25.68 31.69 -14.54
N GLU A 607 -25.23 32.47 -13.56
CA GLU A 607 -23.82 32.52 -13.20
C GLU A 607 -23.44 31.18 -12.60
N LEU A 608 -24.30 30.65 -11.74
CA LEU A 608 -24.07 29.34 -11.13
C LEU A 608 -23.87 28.28 -12.21
N VAL A 609 -24.79 28.23 -13.16
CA VAL A 609 -24.68 27.30 -14.24
C VAL A 609 -23.38 27.53 -15.02
N HIS A 610 -23.06 28.80 -15.31
CA HIS A 610 -21.88 29.13 -16.08
C HIS A 610 -20.60 28.62 -15.42
N LYS A 611 -20.47 28.83 -14.11
CA LYS A 611 -19.25 28.40 -13.40
C LYS A 611 -19.06 26.86 -13.41
N TYR A 612 -20.14 26.13 -13.15
CA TYR A 612 -20.11 24.68 -13.12
C TYR A 612 -19.67 24.16 -14.47
N TYR A 613 -20.21 24.73 -15.53
CA TYR A 613 -19.83 24.33 -16.87
C TYR A 613 -18.38 24.78 -17.20
N GLN A 614 -17.96 25.94 -16.67
CA GLN A 614 -16.62 26.43 -16.89
C GLN A 614 -15.59 25.44 -16.33
N GLY A 615 -15.85 24.93 -15.13
CA GLY A 615 -14.97 23.96 -14.49
C GLY A 615 -14.69 22.78 -15.38
N VAL A 616 -15.74 22.18 -15.93
CA VAL A 616 -15.57 21.06 -16.84
C VAL A 616 -14.77 21.46 -18.09
N GLU A 617 -15.05 22.65 -18.61
CA GLU A 617 -14.29 23.13 -19.78
C GLU A 617 -12.83 23.32 -19.41
N GLN A 618 -12.57 23.75 -18.18
CA GLN A 618 -11.19 23.93 -17.74
C GLN A 618 -10.42 22.58 -17.69
N VAL A 619 -11.09 21.53 -17.22
CA VAL A 619 -10.49 20.19 -17.20
C VAL A 619 -10.24 19.69 -18.65
N ARG A 620 -11.19 19.96 -19.52
CA ARG A 620 -11.03 19.56 -20.94
C ARG A 620 -9.87 20.29 -21.57
N ALA A 621 -9.64 21.53 -21.19
CA ALA A 621 -8.51 22.31 -21.68
C ALA A 621 -7.19 21.77 -21.07
N MET A 622 -7.23 21.34 -19.83
CA MET A 622 -6.07 20.70 -19.20
C MET A 622 -5.67 19.44 -19.96
N GLN A 623 -6.65 18.64 -20.33
CA GLN A 623 -6.41 17.44 -21.14
C GLN A 623 -5.68 17.81 -22.44
N ARG A 624 -6.20 18.81 -23.12
CA ARG A 624 -5.60 19.23 -24.37
C ARG A 624 -4.17 19.71 -24.18
N THR A 625 -3.95 20.53 -23.18
CA THR A 625 -2.62 21.01 -22.83
C THR A 625 -1.67 19.87 -22.56
N TRP A 626 -2.12 18.88 -21.78
CA TRP A 626 -1.22 17.76 -21.42
C TRP A 626 -0.85 16.93 -22.65
N ASP A 627 -1.84 16.68 -23.50
CA ASP A 627 -1.58 15.97 -24.75
C ASP A 627 -0.49 16.62 -25.61
N GLN A 628 -0.37 17.93 -25.55
CA GLN A 628 0.61 18.63 -26.37
C GLN A 628 2.03 18.50 -25.83
N GLN A 629 2.20 17.84 -24.67
CA GLN A 629 3.49 17.77 -24.02
C GLN A 629 4.18 16.41 -24.15
N GLU A 630 3.63 15.53 -24.98
CA GLU A 630 4.18 14.17 -25.10
C GLU A 630 5.68 14.08 -25.41
N ALA A 631 6.20 15.04 -26.17
CA ALA A 631 7.63 15.05 -26.49
C ALA A 631 8.58 15.37 -25.36
N TYR A 632 8.06 15.95 -24.29
CA TYR A 632 8.88 16.47 -23.21
C TYR A 632 8.90 15.62 -21.96
N VAL A 633 7.97 14.69 -21.85
CA VAL A 633 7.79 13.86 -20.65
C VAL A 633 8.05 12.39 -21.02
N ASP A 634 8.55 11.61 -20.08
CA ASP A 634 8.74 10.17 -20.28
C ASP A 634 7.40 9.52 -20.55
N ALA A 635 7.42 8.45 -21.33
CA ALA A 635 6.21 7.76 -21.75
C ALA A 635 5.31 7.30 -20.61
N ALA A 636 5.89 6.82 -19.51
CA ALA A 636 5.10 6.25 -18.42
C ALA A 636 4.30 7.30 -17.67
N ARG A 637 4.97 8.34 -17.20
CA ARG A 637 4.29 9.40 -16.50
C ARG A 637 3.30 10.14 -17.40
N PHE A 638 3.67 10.30 -18.67
CA PHE A 638 2.78 10.92 -19.62
C PHE A 638 1.47 10.15 -19.68
N ALA A 639 1.56 8.83 -19.89
CA ALA A 639 0.39 7.98 -20.00
C ALA A 639 -0.45 8.02 -18.73
N GLN A 640 0.22 8.02 -17.60
CA GLN A 640 -0.45 8.00 -16.34
C GLN A 640 -1.27 9.27 -16.14
N VAL A 641 -0.65 10.44 -16.34
CA VAL A 641 -1.36 11.71 -16.15
C VAL A 641 -2.47 11.86 -17.20
N LYS A 642 -2.23 11.40 -18.42
CA LYS A 642 -3.23 11.47 -19.47
C LYS A 642 -4.46 10.67 -19.05
N ALA A 643 -4.25 9.45 -18.57
CA ALA A 643 -5.38 8.60 -18.13
C ALA A 643 -6.13 9.18 -16.92
N LEU A 644 -5.39 9.68 -15.94
CA LEU A 644 -6.01 10.31 -14.78
C LEU A 644 -6.85 11.52 -15.13
N LEU A 645 -6.37 12.35 -16.06
CA LEU A 645 -7.12 13.46 -16.54
C LEU A 645 -8.44 13.02 -17.18
N GLN A 646 -8.46 11.87 -17.86
CA GLN A 646 -9.71 11.33 -18.42
C GLN A 646 -10.67 10.99 -17.28
N VAL A 647 -10.16 10.39 -16.20
CA VAL A 647 -11.03 10.05 -15.06
C VAL A 647 -11.59 11.33 -14.44
N GLN A 648 -10.70 12.32 -14.28
CA GLN A 648 -11.08 13.61 -13.71
C GLN A 648 -12.17 14.26 -14.58
N GLU A 649 -12.00 14.20 -15.90
CA GLU A 649 -13.01 14.81 -16.79
C GLU A 649 -14.37 14.16 -16.58
N ARG A 650 -14.35 12.85 -16.46
CA ARG A 650 -15.57 12.09 -16.32
C ARG A 650 -16.22 12.43 -14.97
N GLU A 651 -15.41 12.61 -13.95
CA GLU A 651 -15.92 12.91 -12.64
C GLU A 651 -16.37 14.38 -12.59
N ALA A 652 -15.67 15.27 -13.29
CA ALA A 652 -16.06 16.68 -13.31
C ALA A 652 -17.45 16.82 -13.97
N VAL A 653 -17.70 16.05 -15.03
CA VAL A 653 -18.99 16.03 -15.68
C VAL A 653 -20.06 15.53 -14.70
N ARG A 654 -19.75 14.49 -13.96
CA ARG A 654 -20.67 13.94 -12.97
C ARG A 654 -20.96 14.98 -11.89
N TRP A 655 -19.92 15.68 -11.48
CA TRP A 655 -20.05 16.79 -10.50
C TRP A 655 -20.95 17.91 -11.04
N ARG A 656 -20.65 18.37 -12.24
CA ARG A 656 -21.41 19.42 -12.90
C ARG A 656 -22.88 19.07 -13.07
N ASN A 657 -23.13 17.89 -13.63
CA ASN A 657 -24.47 17.47 -13.92
C ASN A 657 -25.27 17.27 -12.65
N SER A 658 -24.65 16.70 -11.63
CA SER A 658 -25.32 16.42 -10.38
C SER A 658 -25.70 17.71 -9.66
N CYS A 659 -24.79 18.67 -9.63
CA CYS A 659 -25.07 19.90 -8.93
C CYS A 659 -26.04 20.80 -9.67
N VAL A 660 -25.84 20.97 -10.98
CA VAL A 660 -26.72 21.82 -11.76
C VAL A 660 -28.14 21.25 -11.74
N LEU A 661 -28.29 19.94 -11.96
CA LEU A 661 -29.61 19.35 -11.93
C LEU A 661 -30.27 19.45 -10.55
N TYR A 662 -29.49 19.29 -9.49
CA TYR A 662 -30.02 19.41 -8.15
C TYR A 662 -30.49 20.83 -7.89
N PHE A 663 -29.65 21.83 -8.16
CA PHE A 663 -30.05 23.21 -7.92
C PHE A 663 -31.21 23.61 -8.84
N GLN A 664 -31.24 23.08 -10.06
CA GLN A 664 -32.40 23.29 -10.93
C GLN A 664 -33.67 22.80 -10.27
N SER A 665 -33.61 21.60 -9.71
CA SER A 665 -34.80 21.00 -9.10
C SER A 665 -35.33 21.86 -7.98
N VAL A 666 -34.45 22.64 -7.35
CA VAL A 666 -34.87 23.52 -6.28
C VAL A 666 -35.31 24.85 -6.87
N ALA A 667 -34.53 25.46 -7.76
CA ALA A 667 -34.84 26.76 -8.33
C ALA A 667 -35.95 26.73 -9.40
N GLY A 668 -36.07 25.64 -10.14
CA GLY A 668 -37.08 25.55 -11.17
C GLY A 668 -36.80 26.44 -12.34
N ARG A 669 -35.53 26.58 -12.71
CA ARG A 669 -35.13 27.42 -13.83
C ARG A 669 -34.39 26.55 -14.84
N PRO A 670 -34.51 26.87 -16.12
CA PRO A 670 -33.89 26.07 -17.17
C PRO A 670 -32.41 26.33 -17.30
N ILE A 671 -31.68 25.33 -17.75
CA ILE A 671 -30.27 25.49 -18.10
C ILE A 671 -30.31 26.15 -19.47
N PRO A 672 -29.65 27.30 -19.68
CA PRO A 672 -29.65 27.94 -21.00
C PRO A 672 -29.18 26.99 -22.12
N ALA A 673 -29.79 27.14 -23.31
CA ALA A 673 -29.59 26.23 -24.45
C ALA A 673 -28.16 26.17 -24.98
N ASN A 674 -27.35 27.21 -24.74
CA ASN A 674 -25.93 27.14 -25.16
C ASN A 674 -25.06 26.23 -24.25
N TYR A 675 -25.66 25.64 -23.22
CA TYR A 675 -24.95 24.68 -22.37
C TYR A 675 -25.44 23.29 -22.70
N GLU A 676 -24.54 22.33 -22.85
CA GLU A 676 -24.91 20.96 -23.15
C GLU A 676 -25.78 20.41 -22.01
N GLN A 677 -26.95 19.94 -22.37
CA GLN A 677 -27.88 19.39 -21.37
C GLN A 677 -27.30 18.09 -20.86
N PRO A 678 -27.34 17.88 -19.55
CA PRO A 678 -26.85 16.63 -18.97
C PRO A 678 -27.41 15.38 -19.63
N GLU A 679 -26.54 14.37 -19.78
CA GLU A 679 -26.84 13.07 -20.38
C GLU A 679 -28.08 12.39 -19.77
N HIS A 680 -28.30 12.56 -18.46
CA HIS A 680 -29.44 11.93 -17.72
C HIS A 680 -30.12 12.88 -16.70
N ASP A 681 -31.13 12.41 -15.95
CA ASP A 681 -31.83 13.22 -14.95
C ASP A 681 -31.29 13.17 -13.49
N LEU A 682 -31.92 13.94 -12.60
CA LEU A 682 -31.42 14.09 -11.22
C LEU A 682 -31.39 12.75 -10.44
N GLU A 683 -32.46 11.96 -10.52
CA GLU A 683 -32.47 10.66 -9.88
C GLU A 683 -31.32 9.78 -10.36
N TYR A 684 -30.99 9.81 -11.64
CA TYR A 684 -29.88 9.03 -12.15
C TYR A 684 -28.58 9.44 -11.46
N TYR A 685 -28.41 10.74 -11.23
CA TYR A 685 -27.18 11.18 -10.56
C TYR A 685 -27.18 10.83 -9.08
N LYS A 686 -28.36 10.75 -8.47
CA LYS A 686 -28.47 10.27 -7.11
C LYS A 686 -28.05 8.80 -7.05
N MET A 687 -28.47 8.05 -8.06
CA MET A 687 -28.10 6.65 -8.21
C MET A 687 -26.58 6.53 -8.41
N LEU A 688 -26.01 7.38 -9.24
CA LEU A 688 -24.57 7.34 -9.42
C LEU A 688 -23.83 7.67 -8.11
N ALA A 689 -24.38 8.56 -7.30
CA ALA A 689 -23.76 8.91 -6.04
C ALA A 689 -23.72 7.71 -5.08
N ARG A 690 -24.78 6.91 -5.09
CA ARG A 690 -24.83 5.68 -4.28
C ARG A 690 -23.95 4.55 -4.81
N THR A 691 -23.67 4.53 -6.12
CA THR A 691 -23.03 3.40 -6.76
C THR A 691 -21.60 3.60 -7.30
N THR A 692 -21.15 4.84 -7.47
CA THR A 692 -19.86 5.10 -8.06
C THR A 692 -18.77 4.77 -7.07
N TYR A 693 -17.87 3.87 -7.47
CA TYR A 693 -16.78 3.48 -6.57
C TYR A 693 -16.02 4.67 -5.97
N VAL A 694 -15.79 4.60 -4.66
CA VAL A 694 -15.07 5.63 -3.93
C VAL A 694 -13.62 5.11 -3.77
N PRO A 695 -12.65 5.72 -4.44
CA PRO A 695 -11.27 5.19 -4.44
C PRO A 695 -10.39 5.61 -3.25
N GLU A 696 -10.69 5.05 -2.10
CA GLU A 696 -9.87 5.24 -0.89
C GLU A 696 -10.06 4.06 0.02
N PRO A 697 -8.99 3.42 0.42
CA PRO A 697 -9.11 2.26 1.31
C PRO A 697 -9.76 2.61 2.65
N TRP A 698 -9.46 3.76 3.23
CA TRP A 698 -9.96 4.07 4.56
C TRP A 698 -11.47 4.23 4.72
N HIS A 699 -12.12 5.05 3.93
CA HIS A 699 -13.53 5.32 4.23
C HIS A 699 -14.40 4.15 3.89
N PRO A 700 -15.30 3.78 4.78
CA PRO A 700 -16.24 2.67 4.56
C PRO A 700 -17.02 2.66 3.24
N ALA A 701 -17.25 3.82 2.66
CA ALA A 701 -17.94 3.89 1.38
C ALA A 701 -17.25 3.03 0.32
N SER A 702 -15.91 2.88 0.40
CA SER A 702 -15.23 2.05 -0.61
C SER A 702 -15.64 0.58 -0.52
N SER A 703 -16.24 0.19 0.60
CA SER A 703 -16.73 -1.16 0.80
C SER A 703 -18.23 -1.27 0.57
N SER A 704 -18.87 -0.15 0.23
CA SER A 704 -20.34 -0.18 0.08
C SER A 704 -20.75 -1.09 -1.06
N ARG A 705 -21.68 -1.99 -0.79
CA ARG A 705 -22.19 -2.92 -1.84
C ARG A 705 -23.50 -2.46 -2.48
N VAL A 706 -23.89 -1.21 -2.24
CA VAL A 706 -25.12 -0.64 -2.81
C VAL A 706 -24.98 -0.64 -4.33
N LEU A 707 -26.02 -1.14 -4.99
CA LEU A 707 -26.05 -1.31 -6.44
C LEU A 707 -27.25 -0.68 -7.14
N LYS A 708 -28.03 0.08 -6.40
CA LYS A 708 -29.19 0.79 -6.93
C LYS A 708 -29.28 2.18 -6.31
N GLU B 1 18.83 -3.34 -5.46
CA GLU B 1 17.84 -4.46 -5.55
C GLU B 1 16.67 -4.14 -4.60
N ASP B 2 15.55 -3.77 -5.16
CA ASP B 2 14.40 -3.54 -4.32
C ASP B 2 13.32 -4.60 -4.50
N GLY B 3 13.64 -5.68 -5.20
CA GLY B 3 12.72 -6.79 -5.31
C GLY B 3 11.60 -6.68 -6.31
N TYR B 4 11.46 -5.55 -7.00
CA TYR B 4 10.37 -5.37 -7.94
C TYR B 4 10.44 -6.35 -9.10
N ASP B 5 11.64 -6.73 -9.52
CA ASP B 5 11.77 -7.69 -10.61
C ASP B 5 11.58 -9.16 -10.19
N MET B 6 11.54 -9.37 -8.88
CA MET B 6 11.47 -10.72 -8.28
C MET B 6 12.54 -11.63 -8.81
N TRP B 7 12.17 -12.73 -9.45
CA TRP B 7 13.17 -13.68 -9.97
C TRP B 7 13.53 -13.44 -11.43
N LEU B 8 12.97 -12.39 -12.02
CA LEU B 8 13.28 -12.05 -13.38
C LEU B 8 14.35 -10.93 -13.41
N ARG B 9 15.52 -11.21 -12.84
CA ARG B 9 16.60 -10.26 -12.79
C ARG B 9 17.52 -10.55 -13.94
N TYR B 10 17.47 -9.70 -14.94
CA TYR B 10 18.27 -9.95 -16.12
C TYR B 10 19.59 -9.16 -16.04
N GLN B 11 20.44 -9.56 -15.10
CA GLN B 11 21.74 -8.94 -14.92
C GLN B 11 22.81 -9.78 -15.57
N PRO B 12 23.92 -9.17 -16.00
CA PRO B 12 24.98 -9.92 -16.67
C PRO B 12 25.50 -11.13 -15.88
N ILE B 13 25.67 -12.23 -16.59
CA ILE B 13 26.18 -13.46 -15.99
C ILE B 13 27.54 -13.15 -15.36
N ALA B 14 27.68 -13.45 -14.08
CA ALA B 14 28.88 -13.12 -13.30
C ALA B 14 30.09 -13.97 -13.70
N ASP B 15 29.86 -15.24 -14.01
CA ASP B 15 30.94 -16.13 -14.45
C ASP B 15 31.35 -15.72 -15.86
N GLN B 16 32.55 -15.14 -15.99
CA GLN B 16 33.01 -14.64 -17.25
C GLN B 16 33.19 -15.70 -18.34
N THR B 17 33.65 -16.90 -17.98
CA THR B 17 33.82 -17.98 -18.97
C THR B 17 32.47 -18.38 -19.50
N LEU B 18 31.52 -18.56 -18.59
CA LEU B 18 30.18 -18.97 -18.96
C LEU B 18 29.52 -17.93 -19.82
N LEU B 19 29.66 -16.67 -19.43
CA LEU B 19 29.10 -15.53 -20.17
C LEU B 19 29.57 -15.54 -21.62
N LYS B 20 30.86 -15.81 -21.85
CA LYS B 20 31.44 -15.88 -23.19
C LYS B 20 30.81 -17.00 -23.97
N THR B 21 30.62 -18.13 -23.33
CA THR B 21 29.99 -19.24 -24.01
C THR B 21 28.57 -18.86 -24.47
N TYR B 22 27.78 -18.23 -23.60
CA TYR B 22 26.43 -17.83 -23.97
C TYR B 22 26.45 -16.83 -25.12
N GLN B 23 27.41 -15.91 -25.03
CA GLN B 23 27.58 -14.88 -26.06
C GLN B 23 27.91 -15.46 -27.42
N LYS B 24 28.64 -16.57 -27.46
CA LYS B 24 28.98 -17.24 -28.72
C LYS B 24 27.80 -18.00 -29.24
N GLN B 25 27.01 -18.60 -28.35
CA GLN B 25 25.87 -19.38 -28.76
C GLN B 25 24.65 -18.53 -29.20
N ILE B 26 24.37 -17.43 -28.51
CA ILE B 26 23.21 -16.62 -28.88
C ILE B 26 23.62 -15.26 -29.35
N ARG B 27 23.79 -15.11 -30.67
CA ARG B 27 24.23 -13.85 -31.25
C ARG B 27 23.07 -13.10 -31.86
N HIS B 28 22.00 -13.81 -32.22
CA HIS B 28 20.83 -13.20 -32.85
C HIS B 28 19.55 -13.85 -32.29
N LEU B 29 18.43 -13.15 -32.45
CA LEU B 29 17.13 -13.60 -32.02
C LEU B 29 16.20 -13.51 -33.21
N HIS B 30 15.75 -14.67 -33.69
CA HIS B 30 14.86 -14.80 -34.84
C HIS B 30 13.43 -15.10 -34.41
N VAL B 31 12.54 -14.18 -34.74
CA VAL B 31 11.15 -14.34 -34.41
C VAL B 31 10.32 -13.99 -35.62
N ALA B 32 9.75 -15.00 -36.28
CA ALA B 32 8.91 -14.80 -37.48
C ALA B 32 7.48 -14.37 -37.17
N GLY B 33 6.93 -14.86 -36.06
CA GLY B 33 5.57 -14.54 -35.67
C GLY B 33 5.34 -13.13 -35.17
N ASP B 34 4.09 -12.70 -35.12
CA ASP B 34 3.76 -11.34 -34.67
C ASP B 34 2.42 -11.25 -33.91
N SER B 35 1.94 -12.36 -33.39
CA SER B 35 0.77 -12.33 -32.53
C SER B 35 1.14 -11.62 -31.20
N PRO B 36 0.14 -11.14 -30.47
CA PRO B 36 0.40 -10.55 -29.15
C PRO B 36 1.22 -11.43 -28.20
N THR B 37 0.98 -12.74 -28.19
CA THR B 37 1.73 -13.63 -27.32
C THR B 37 3.17 -13.81 -27.80
N ILE B 38 3.36 -14.00 -29.10
CA ILE B 38 4.67 -14.15 -29.67
C ILE B 38 5.45 -12.86 -29.41
N ASN B 39 4.80 -11.71 -29.61
CA ASN B 39 5.40 -10.40 -29.38
C ASN B 39 5.83 -10.26 -27.89
N ALA B 40 5.03 -10.81 -26.97
CA ALA B 40 5.39 -10.74 -25.54
C ALA B 40 6.61 -11.62 -25.25
N ALA B 41 6.68 -12.75 -25.95
CA ALA B 41 7.79 -13.67 -25.83
C ALA B 41 9.05 -12.99 -26.40
N ALA B 42 8.92 -12.42 -27.58
CA ALA B 42 10.02 -11.68 -28.20
C ALA B 42 10.55 -10.59 -27.28
N ALA B 43 9.63 -9.81 -26.74
CA ALA B 43 9.98 -8.73 -25.85
C ALA B 43 10.72 -9.23 -24.60
N GLU B 44 10.30 -10.38 -24.07
CA GLU B 44 10.92 -10.93 -22.90
C GLU B 44 12.33 -11.39 -23.21
N LEU B 45 12.50 -12.06 -24.36
CA LEU B 45 13.80 -12.56 -24.76
C LEU B 45 14.71 -11.38 -25.07
N GLN B 46 14.15 -10.34 -25.69
CA GLN B 46 14.96 -9.17 -25.97
C GLN B 46 15.55 -8.54 -24.69
N ARG B 47 14.71 -8.28 -23.71
CA ARG B 47 15.20 -7.67 -22.49
C ARG B 47 16.03 -8.63 -21.69
N GLY B 48 15.62 -9.88 -21.70
CA GLY B 48 16.31 -10.92 -20.95
C GLY B 48 17.70 -11.26 -21.45
N LEU B 49 17.79 -11.61 -22.73
CA LEU B 49 19.09 -11.91 -23.34
C LEU B 49 20.02 -10.70 -23.33
N SER B 50 19.46 -9.51 -23.54
CA SER B 50 20.28 -8.30 -23.60
C SER B 50 20.90 -8.06 -22.25
N GLY B 51 20.10 -8.28 -21.21
CA GLY B 51 20.59 -8.08 -19.87
C GLY B 51 21.59 -9.12 -19.38
N LEU B 52 21.24 -10.38 -19.57
CA LEU B 52 22.05 -11.50 -19.12
C LEU B 52 23.32 -11.64 -19.92
N LEU B 53 23.28 -11.29 -21.19
CA LEU B 53 24.44 -11.44 -22.08
C LEU B 53 25.23 -10.14 -22.25
N ASN B 54 24.75 -9.08 -21.61
CA ASN B 54 25.41 -7.77 -21.64
C ASN B 54 25.69 -7.27 -23.06
N LYS B 55 24.76 -7.49 -23.98
CA LYS B 55 24.88 -6.97 -25.35
C LYS B 55 23.50 -6.85 -25.99
N PRO B 56 23.34 -5.91 -26.92
CA PRO B 56 22.03 -5.68 -27.52
C PRO B 56 21.59 -6.82 -28.41
N ILE B 57 20.56 -7.52 -27.98
CA ILE B 57 19.96 -8.59 -28.76
C ILE B 57 18.54 -8.09 -29.12
N VAL B 58 18.26 -7.94 -30.40
CA VAL B 58 16.98 -7.44 -30.85
C VAL B 58 16.28 -8.51 -31.68
N ALA B 59 15.00 -8.75 -31.42
CA ALA B 59 14.21 -9.69 -32.17
C ALA B 59 13.99 -9.19 -33.60
N ARG B 60 14.27 -10.04 -34.58
CA ARG B 60 14.15 -9.69 -35.99
C ARG B 60 13.58 -10.85 -36.75
N ASP B 61 12.96 -10.55 -37.87
CA ASP B 61 12.47 -11.47 -38.82
C ASP B 61 13.30 -11.22 -40.02
N GLU B 62 14.39 -11.96 -40.19
CA GLU B 62 15.31 -11.74 -41.30
C GLU B 62 15.87 -13.10 -41.71
N LYS B 63 16.64 -13.12 -42.80
CA LYS B 63 17.28 -14.35 -43.26
C LYS B 63 18.15 -14.91 -42.09
N LEU B 64 17.97 -16.19 -41.81
CA LEU B 64 18.63 -16.79 -40.66
C LEU B 64 20.14 -16.61 -40.63
N LYS B 65 20.63 -16.15 -39.48
CA LYS B 65 22.05 -15.98 -39.25
C LYS B 65 22.58 -17.07 -38.31
N ASP B 66 23.86 -17.38 -38.49
CA ASP B 66 24.58 -18.35 -37.67
C ASP B 66 24.53 -17.90 -36.18
N TYR B 67 24.31 -18.86 -35.30
CA TYR B 67 24.24 -18.68 -33.84
C TYR B 67 23.05 -17.81 -33.40
N SER B 68 21.88 -18.30 -33.76
CA SER B 68 20.64 -17.64 -33.44
C SER B 68 19.79 -18.43 -32.46
N LEU B 69 18.96 -17.71 -31.70
CA LEU B 69 17.88 -18.33 -30.94
C LEU B 69 16.67 -18.14 -31.82
N VAL B 70 16.02 -19.25 -32.22
CA VAL B 70 14.89 -19.18 -33.12
C VAL B 70 13.64 -19.65 -32.41
N ILE B 71 12.61 -18.82 -32.35
CA ILE B 71 11.38 -19.22 -31.65
C ILE B 71 10.17 -19.24 -32.56
N GLY B 72 9.21 -20.11 -32.24
CA GLY B 72 7.96 -20.17 -32.97
C GLY B 72 7.30 -21.52 -33.01
N THR B 73 6.20 -21.57 -33.74
CA THR B 73 5.48 -22.80 -34.02
C THR B 73 5.70 -23.10 -35.49
N PRO B 74 5.43 -24.32 -35.92
CA PRO B 74 5.44 -24.65 -37.34
C PRO B 74 4.46 -23.77 -38.11
N ASP B 75 3.37 -23.34 -37.47
CA ASP B 75 2.43 -22.47 -38.16
C ASP B 75 2.91 -21.04 -38.36
N ASN B 76 3.76 -20.53 -37.47
CA ASN B 76 4.17 -19.14 -37.61
C ASN B 76 5.63 -18.94 -37.94
N SER B 77 6.41 -20.02 -38.04
CA SER B 77 7.84 -19.91 -38.34
C SER B 77 8.31 -21.02 -39.27
N PRO B 78 8.38 -20.73 -40.57
CA PRO B 78 8.83 -21.73 -41.55
C PRO B 78 10.11 -22.43 -41.17
N LEU B 79 11.00 -21.73 -40.46
CA LEU B 79 12.26 -22.31 -40.04
C LEU B 79 12.01 -23.43 -39.06
N ILE B 80 11.09 -23.22 -38.14
CA ILE B 80 10.71 -24.28 -37.19
C ILE B 80 10.05 -25.45 -37.92
N ALA B 81 9.16 -25.11 -38.85
CA ALA B 81 8.45 -26.13 -39.65
C ALA B 81 9.40 -27.01 -40.47
N SER B 82 10.47 -26.41 -40.99
CA SER B 82 11.45 -27.10 -41.83
C SER B 82 12.17 -28.19 -41.08
N LEU B 83 12.16 -28.13 -39.76
CA LEU B 83 12.82 -29.15 -38.97
C LEU B 83 11.99 -30.44 -38.88
N ASN B 84 10.77 -30.42 -39.40
CA ASN B 84 9.88 -31.58 -39.37
C ASN B 84 9.88 -32.34 -38.03
N LEU B 85 9.54 -31.64 -36.96
CA LEU B 85 9.63 -32.23 -35.63
C LEU B 85 8.64 -33.36 -35.39
N GLY B 86 7.47 -33.31 -36.01
CA GLY B 86 6.49 -34.41 -35.95
C GLY B 86 6.01 -34.85 -34.57
N GLU B 87 6.18 -36.14 -34.27
CA GLU B 87 5.77 -36.77 -33.00
C GLU B 87 6.36 -36.09 -31.78
N ARG B 88 7.54 -35.51 -31.97
CA ARG B 88 8.24 -34.80 -30.92
C ARG B 88 7.40 -33.61 -30.46
N LEU B 89 6.81 -32.90 -31.41
CA LEU B 89 5.94 -31.76 -31.09
C LEU B 89 4.59 -32.21 -30.64
N GLN B 90 4.10 -33.32 -31.21
CA GLN B 90 2.78 -33.87 -30.87
C GLN B 90 2.55 -34.08 -29.38
N ALA B 91 3.54 -34.67 -28.71
CA ALA B 91 3.46 -34.95 -27.27
C ALA B 91 3.46 -33.69 -26.37
N LEU B 92 3.82 -32.55 -26.93
CA LEU B 92 3.84 -31.31 -26.14
C LEU B 92 2.45 -30.72 -25.90
N GLY B 93 1.47 -31.11 -26.71
CA GLY B 93 0.14 -30.61 -26.60
C GLY B 93 0.00 -29.11 -26.78
N ALA B 94 -0.98 -28.55 -26.08
CA ALA B 94 -1.35 -27.16 -26.27
C ALA B 94 -0.52 -26.13 -25.47
N GLU B 95 0.23 -26.59 -24.48
CA GLU B 95 1.03 -25.64 -23.68
C GLU B 95 2.49 -26.00 -23.54
N GLY B 96 2.89 -27.15 -24.08
CA GLY B 96 4.28 -27.61 -24.02
C GLY B 96 5.21 -26.98 -25.02
N TYR B 97 6.50 -27.29 -24.90
CA TYR B 97 7.53 -26.74 -25.75
C TYR B 97 8.76 -27.65 -25.77
N LEU B 98 9.59 -27.42 -26.78
CA LEU B 98 10.85 -28.12 -26.97
C LEU B 98 11.94 -27.06 -27.03
N LEU B 99 13.01 -27.26 -26.27
CA LEU B 99 14.18 -26.39 -26.33
C LEU B 99 15.29 -27.29 -26.87
N GLU B 100 15.95 -26.86 -27.95
CA GLU B 100 16.96 -27.75 -28.60
C GLU B 100 18.02 -27.03 -29.35
N GLN B 101 19.28 -27.38 -29.09
CA GLN B 101 20.42 -26.92 -29.89
C GLN B 101 20.46 -27.79 -31.13
N THR B 102 20.38 -27.20 -32.31
CA THR B 102 20.31 -27.99 -33.52
C THR B 102 20.86 -27.18 -34.70
N ARG B 103 20.56 -27.60 -35.92
CA ARG B 103 21.00 -26.88 -37.13
C ARG B 103 19.85 -26.68 -38.10
N ILE B 104 19.81 -25.53 -38.77
CA ILE B 104 18.84 -25.26 -39.83
C ILE B 104 19.67 -24.71 -40.98
N ASN B 105 19.62 -25.39 -42.14
CA ASN B 105 20.49 -25.13 -43.32
C ASN B 105 21.90 -24.68 -42.98
N LYS B 106 22.59 -25.53 -42.24
CA LYS B 106 23.98 -25.38 -41.84
C LYS B 106 24.23 -24.30 -40.74
N ARG B 107 23.21 -23.50 -40.43
CA ARG B 107 23.33 -22.50 -39.40
C ARG B 107 23.14 -23.14 -38.00
N HIS B 108 23.98 -22.75 -37.05
CA HIS B 108 23.87 -23.20 -35.68
C HIS B 108 22.70 -22.46 -35.01
N VAL B 109 21.76 -23.20 -34.42
CA VAL B 109 20.62 -22.57 -33.75
C VAL B 109 20.25 -23.23 -32.43
N VAL B 110 19.56 -22.46 -31.58
CA VAL B 110 18.87 -23.05 -30.43
C VAL B 110 17.43 -22.69 -30.70
N ILE B 111 16.54 -23.68 -30.65
CA ILE B 111 15.14 -23.45 -30.92
C ILE B 111 14.29 -23.50 -29.64
N VAL B 112 13.25 -22.69 -29.65
CA VAL B 112 12.16 -22.73 -28.70
C VAL B 112 10.96 -23.02 -29.61
N ALA B 113 10.52 -24.28 -29.63
CA ALA B 113 9.45 -24.70 -30.53
C ALA B 113 8.25 -25.21 -29.76
N ALA B 114 7.05 -24.96 -30.28
CA ALA B 114 5.85 -25.42 -29.62
C ALA B 114 4.73 -25.51 -30.63
N ASN B 115 3.59 -26.06 -30.24
CA ASN B 115 2.41 -26.11 -31.10
C ASN B 115 1.64 -24.80 -31.02
N SER B 116 1.66 -24.15 -29.85
CA SER B 116 0.94 -22.90 -29.67
C SER B 116 1.82 -21.69 -29.37
N ASP B 117 1.26 -20.51 -29.44
CA ASP B 117 2.02 -19.32 -29.09
C ASP B 117 2.34 -19.28 -27.58
N VAL B 118 1.43 -19.71 -26.76
CA VAL B 118 1.67 -19.73 -25.33
C VAL B 118 2.77 -20.71 -24.95
N GLY B 119 2.84 -21.81 -25.69
CA GLY B 119 3.88 -22.80 -25.50
C GLY B 119 5.21 -22.16 -25.81
N VAL B 120 5.24 -21.32 -26.84
CA VAL B 120 6.47 -20.58 -27.19
C VAL B 120 6.84 -19.60 -26.05
N LEU B 121 5.84 -18.94 -25.52
CA LEU B 121 6.06 -18.04 -24.38
C LEU B 121 6.64 -18.77 -23.15
N TYR B 122 6.04 -19.92 -22.79
CA TYR B 122 6.53 -20.68 -21.62
C TYR B 122 7.96 -21.19 -21.86
N GLY B 123 8.17 -21.66 -23.08
CA GLY B 123 9.47 -22.14 -23.48
C GLY B 123 10.51 -21.04 -23.45
N SER B 124 10.12 -19.82 -23.81
CA SER B 124 11.03 -18.66 -23.81
C SER B 124 11.45 -18.32 -22.39
N PHE B 125 10.51 -18.39 -21.47
CA PHE B 125 10.85 -18.19 -20.06
C PHE B 125 11.78 -19.30 -19.52
N HIS B 126 11.57 -20.56 -19.89
CA HIS B 126 12.48 -21.62 -19.49
C HIS B 126 13.88 -21.40 -20.07
N LEU B 127 13.96 -20.99 -21.34
CA LEU B 127 15.25 -20.70 -21.97
C LEU B 127 16.00 -19.67 -21.17
N LEU B 128 15.29 -18.62 -20.79
CA LEU B 128 15.89 -17.61 -19.94
C LEU B 128 16.34 -18.17 -18.59
N ARG B 129 15.48 -18.97 -17.97
CA ARG B 129 15.77 -19.59 -16.68
C ARG B 129 17.06 -20.42 -16.69
N LEU B 130 17.31 -21.11 -17.80
CA LEU B 130 18.54 -21.92 -17.96
C LEU B 130 19.75 -21.02 -17.90
N ILE B 131 19.66 -19.86 -18.57
CA ILE B 131 20.77 -18.93 -18.50
C ILE B 131 20.87 -18.26 -17.13
N GLN B 132 19.70 -17.92 -16.57
CA GLN B 132 19.69 -17.29 -15.26
C GLN B 132 20.35 -18.18 -14.21
N THR B 133 20.18 -19.50 -14.41
CA THR B 133 20.70 -20.46 -13.45
C THR B 133 22.03 -21.05 -13.90
N GLN B 134 22.59 -20.47 -14.98
CA GLN B 134 23.90 -20.87 -15.43
C GLN B 134 23.97 -22.34 -15.87
N HIS B 135 22.89 -22.77 -16.54
CA HIS B 135 22.93 -24.10 -17.15
C HIS B 135 23.49 -24.04 -18.57
N ALA B 136 24.23 -25.06 -18.96
CA ALA B 136 24.87 -25.09 -20.26
C ALA B 136 23.85 -25.26 -21.39
N LEU B 137 24.09 -24.59 -22.51
CA LEU B 137 23.24 -24.72 -23.67
C LEU B 137 23.74 -25.77 -24.65
N GLU B 138 25.03 -26.10 -24.57
CA GLU B 138 25.59 -27.10 -25.49
C GLU B 138 24.86 -28.43 -25.33
N LYS B 139 24.44 -28.99 -26.46
CA LYS B 139 23.69 -30.24 -26.55
C LYS B 139 22.33 -30.19 -25.86
N LEU B 140 21.81 -28.98 -25.65
CA LEU B 140 20.48 -28.85 -25.09
C LEU B 140 19.44 -29.59 -25.91
N SER B 141 18.63 -30.40 -25.24
CA SER B 141 17.52 -31.08 -25.87
C SER B 141 16.53 -31.45 -24.76
N LEU B 142 15.50 -30.63 -24.59
CA LEU B 142 14.53 -30.94 -23.57
C LEU B 142 13.16 -30.49 -23.94
N SER B 143 12.19 -31.23 -23.46
CA SER B 143 10.80 -30.87 -23.70
C SER B 143 10.05 -30.88 -22.35
N SER B 144 8.98 -30.10 -22.27
CA SER B 144 8.17 -30.05 -21.07
C SER B 144 6.75 -29.66 -21.43
N ALA B 145 5.80 -30.30 -20.77
CA ALA B 145 4.38 -29.97 -20.89
C ALA B 145 3.87 -29.91 -19.47
N PRO B 146 2.92 -29.03 -19.19
CA PRO B 146 2.40 -28.92 -17.83
C PRO B 146 1.58 -30.15 -17.47
N ARG B 147 1.61 -30.58 -16.20
CA ARG B 147 0.86 -31.74 -15.78
C ARG B 147 -0.56 -31.45 -15.26
N LEU B 148 -0.88 -30.18 -15.05
CA LEU B 148 -2.20 -29.77 -14.60
C LEU B 148 -2.72 -28.71 -15.56
N GLN B 149 -4.03 -28.73 -15.81
CA GLN B 149 -4.65 -27.83 -16.78
C GLN B 149 -4.82 -26.39 -16.32
N HIS B 150 -5.31 -26.24 -15.08
CA HIS B 150 -5.59 -24.93 -14.51
C HIS B 150 -4.58 -24.62 -13.44
N ARG B 151 -3.67 -23.71 -13.76
CA ARG B 151 -2.66 -23.38 -12.82
C ARG B 151 -2.85 -21.93 -12.46
N VAL B 152 -3.57 -21.72 -11.35
CA VAL B 152 -4.06 -20.41 -11.02
C VAL B 152 -3.46 -19.88 -9.70
N VAL B 153 -3.48 -18.52 -9.57
CA VAL B 153 -3.33 -17.90 -8.29
C VAL B 153 -4.66 -17.28 -7.90
N ASN B 154 -4.80 -17.13 -6.60
CA ASN B 154 -5.96 -16.50 -5.98
C ASN B 154 -5.53 -15.32 -5.14
N HIS B 155 -6.34 -14.26 -5.18
CA HIS B 155 -6.09 -13.01 -4.47
C HIS B 155 -7.31 -12.74 -3.59
N TRP B 156 -7.13 -12.68 -2.29
CA TRP B 156 -8.26 -12.41 -1.42
C TRP B 156 -8.42 -10.92 -1.24
N ASP B 157 -8.62 -10.22 -2.37
CA ASP B 157 -8.64 -8.77 -2.39
C ASP B 157 -10.06 -8.23 -2.25
N ASN B 158 -10.25 -7.29 -1.34
CA ASN B 158 -11.52 -6.55 -1.27
C ASN B 158 -11.46 -5.37 -2.24
N LEU B 159 -12.61 -4.88 -2.66
CA LEU B 159 -12.66 -3.81 -3.65
C LEU B 159 -12.16 -2.45 -3.12
N ASN B 160 -12.16 -2.29 -1.80
CA ASN B 160 -11.57 -1.11 -1.20
C ASN B 160 -10.04 -1.15 -1.28
N ARG B 161 -9.54 -2.28 -1.77
CA ARG B 161 -8.13 -2.55 -2.00
C ARG B 161 -7.36 -3.04 -0.78
N VAL B 162 -8.06 -3.32 0.31
CA VAL B 162 -7.43 -3.97 1.47
C VAL B 162 -7.52 -5.46 1.16
N VAL B 163 -6.41 -6.15 1.33
CA VAL B 163 -6.33 -7.59 1.10
C VAL B 163 -6.55 -8.40 2.42
N GLU B 164 -7.48 -9.33 2.38
CA GLU B 164 -7.76 -10.21 3.54
C GLU B 164 -6.64 -11.28 3.59
N ARG B 165 -5.93 -11.33 4.72
CA ARG B 165 -4.73 -12.17 4.90
C ARG B 165 -3.69 -11.68 3.88
N GLY B 166 -3.47 -10.38 3.91
CA GLY B 166 -2.59 -9.66 3.01
C GLY B 166 -1.53 -8.85 3.74
N TYR B 167 -0.30 -9.29 3.62
CA TYR B 167 0.79 -8.79 4.38
C TYR B 167 1.79 -8.12 3.44
N ALA B 168 1.34 -7.82 2.22
CA ALA B 168 2.24 -7.29 1.19
C ALA B 168 1.73 -6.01 0.56
N GLY B 169 0.84 -5.30 1.23
CA GLY B 169 0.34 -4.04 0.71
C GLY B 169 -1.10 -4.05 0.26
N LEU B 170 -1.52 -2.99 -0.41
CA LEU B 170 -2.86 -2.89 -0.92
C LEU B 170 -2.97 -3.75 -2.19
N SER B 171 -4.21 -4.06 -2.57
CA SER B 171 -4.52 -4.77 -3.79
C SER B 171 -3.89 -4.03 -4.98
N LEU B 172 -3.31 -4.80 -5.89
CA LEU B 172 -2.66 -4.29 -7.08
C LEU B 172 -3.63 -3.57 -8.02
N TRP B 173 -4.93 -3.91 -7.95
CA TRP B 173 -5.93 -3.38 -8.87
C TRP B 173 -6.44 -1.98 -8.44
N ASP B 174 -6.02 -0.97 -9.19
CA ASP B 174 -6.34 0.40 -8.88
C ASP B 174 -7.67 0.79 -9.51
N TRP B 175 -8.75 0.33 -8.89
CA TRP B 175 -10.08 0.55 -9.44
C TRP B 175 -10.43 2.00 -9.75
N GLY B 176 -9.94 2.95 -8.95
CA GLY B 176 -10.21 4.34 -9.22
C GLY B 176 -9.72 4.85 -10.57
N SER B 177 -8.63 4.30 -11.09
CA SER B 177 -8.05 4.72 -12.37
C SER B 177 -8.34 3.77 -13.52
N LEU B 178 -8.99 2.64 -13.23
CA LEU B 178 -9.37 1.66 -14.26
C LEU B 178 -10.73 2.09 -14.82
N PRO B 179 -11.02 1.81 -16.10
CA PRO B 179 -10.13 1.10 -17.03
C PRO B 179 -9.14 1.97 -17.75
N ASN B 180 -9.19 3.28 -17.53
CA ASN B 180 -8.38 4.26 -18.26
C ASN B 180 -6.89 4.07 -18.15
N TYR B 181 -6.38 3.82 -16.94
CA TYR B 181 -4.94 3.68 -16.77
C TYR B 181 -4.44 2.25 -16.80
N LEU B 182 -3.75 1.89 -17.88
CA LEU B 182 -3.17 0.57 -18.04
C LEU B 182 -1.77 0.61 -17.46
N ALA B 183 -1.71 0.47 -16.15
CA ALA B 183 -0.46 0.56 -15.43
C ALA B 183 0.54 -0.50 -15.89
N PRO B 184 1.80 -0.14 -16.03
CA PRO B 184 2.85 -1.12 -16.35
C PRO B 184 2.85 -2.30 -15.38
N ARG B 185 2.56 -2.04 -14.13
CA ARG B 185 2.59 -3.11 -13.13
C ARG B 185 1.65 -4.27 -13.45
N TYR B 186 0.53 -3.97 -14.11
CA TYR B 186 -0.38 -5.03 -14.51
C TYR B 186 0.32 -6.00 -15.47
N THR B 187 1.13 -5.47 -16.38
CA THR B 187 1.93 -6.26 -17.30
C THR B 187 3.07 -7.03 -16.58
N ASP B 188 3.70 -6.37 -15.62
CA ASP B 188 4.72 -7.04 -14.86
C ASP B 188 4.17 -8.22 -14.08
N TYR B 189 2.98 -8.03 -13.52
CA TYR B 189 2.26 -9.06 -12.79
C TYR B 189 2.05 -10.25 -13.70
N ALA B 190 1.64 -9.95 -14.92
CA ALA B 190 1.42 -10.99 -15.94
C ALA B 190 2.72 -11.72 -16.30
N ARG B 191 3.82 -10.98 -16.39
CA ARG B 191 5.12 -11.54 -16.71
C ARG B 191 5.58 -12.48 -15.59
N ILE B 192 5.45 -12.04 -14.34
CA ILE B 192 5.81 -12.85 -13.20
C ILE B 192 5.09 -14.20 -13.24
N ASN B 193 3.77 -14.19 -13.43
CA ASN B 193 3.02 -15.43 -13.41
C ASN B 193 3.26 -16.33 -14.64
N ALA B 194 3.35 -15.74 -15.82
CA ALA B 194 3.63 -16.49 -17.04
C ALA B 194 5.01 -17.11 -16.99
N SER B 195 5.95 -16.48 -16.28
CA SER B 195 7.28 -17.06 -16.17
C SER B 195 7.27 -18.43 -15.47
N LEU B 196 6.20 -18.72 -14.76
CA LEU B 196 6.03 -19.98 -14.07
C LEU B 196 5.01 -20.89 -14.74
N GLY B 197 4.40 -20.37 -15.79
CA GLY B 197 3.39 -21.11 -16.53
C GLY B 197 2.02 -20.98 -15.92
N ILE B 198 1.86 -20.05 -15.00
CA ILE B 198 0.56 -19.82 -14.35
C ILE B 198 -0.37 -19.24 -15.42
N ASN B 199 -1.55 -19.83 -15.60
CA ASN B 199 -2.44 -19.45 -16.70
C ASN B 199 -3.81 -18.95 -16.30
N GLY B 200 -3.95 -18.54 -15.04
CA GLY B 200 -5.23 -18.08 -14.53
C GLY B 200 -5.06 -17.32 -13.26
N THR B 201 -5.93 -16.37 -13.04
CA THR B 201 -5.94 -15.60 -11.82
C THR B 201 -7.37 -15.29 -11.40
N VAL B 202 -7.65 -15.50 -10.12
CA VAL B 202 -8.90 -15.07 -9.50
C VAL B 202 -8.50 -13.83 -8.69
N ILE B 203 -8.98 -12.66 -9.10
CA ILE B 203 -8.45 -11.39 -8.58
C ILE B 203 -9.12 -10.83 -7.35
N ASN B 204 -10.22 -11.42 -6.93
CA ASN B 204 -11.03 -10.86 -5.87
C ASN B 204 -11.40 -11.91 -4.80
N ASN B 205 -11.59 -11.39 -3.60
CA ASN B 205 -11.84 -12.17 -2.39
C ASN B 205 -12.97 -13.17 -2.52
N VAL B 206 -12.70 -14.34 -2.00
CA VAL B 206 -13.66 -15.44 -1.88
C VAL B 206 -14.85 -15.01 -1.01
N ASN B 207 -14.63 -14.12 -0.04
CA ASN B 207 -15.73 -13.49 0.70
C ASN B 207 -16.14 -12.41 -0.24
N ALA B 208 -17.00 -12.80 -1.17
CA ALA B 208 -17.20 -12.04 -2.37
C ALA B 208 -18.18 -10.88 -2.37
N ASP B 209 -17.76 -9.88 -3.09
CA ASP B 209 -18.44 -8.61 -3.25
C ASP B 209 -19.18 -8.69 -4.59
N PRO B 210 -20.49 -8.58 -4.55
CA PRO B 210 -21.31 -8.67 -5.77
C PRO B 210 -21.00 -7.59 -6.82
N ARG B 211 -20.40 -6.47 -6.40
CA ARG B 211 -20.08 -5.42 -7.31
C ARG B 211 -19.17 -5.84 -8.47
N VAL B 212 -18.34 -6.86 -8.30
CA VAL B 212 -17.46 -7.26 -9.40
C VAL B 212 -18.25 -7.70 -10.64
N LEU B 213 -19.52 -8.07 -10.48
CA LEU B 213 -20.34 -8.50 -11.63
C LEU B 213 -21.11 -7.34 -12.27
N SER B 214 -21.02 -6.13 -11.70
CA SER B 214 -21.72 -4.99 -12.27
C SER B 214 -20.95 -4.43 -13.44
N ASP B 215 -21.65 -3.76 -14.34
CA ASP B 215 -21.03 -3.12 -15.49
C ASP B 215 -19.84 -2.24 -15.11
N GLN B 216 -20.04 -1.45 -14.06
CA GLN B 216 -19.01 -0.55 -13.57
C GLN B 216 -17.68 -1.27 -13.38
N PHE B 217 -17.72 -2.40 -12.69
CA PHE B 217 -16.51 -3.16 -12.44
C PHE B 217 -16.07 -4.10 -13.57
N LEU B 218 -16.99 -4.62 -14.36
CA LEU B 218 -16.61 -5.45 -15.49
C LEU B 218 -15.78 -4.64 -16.50
N GLN B 219 -16.07 -3.36 -16.67
CA GLN B 219 -15.26 -2.54 -17.59
C GLN B 219 -13.82 -2.44 -17.06
N LYS B 220 -13.70 -2.35 -15.75
CA LYS B 220 -12.37 -2.24 -15.16
C LYS B 220 -11.66 -3.58 -15.26
N ILE B 221 -12.39 -4.64 -14.93
CA ILE B 221 -11.83 -5.99 -14.94
C ILE B 221 -11.38 -6.40 -16.33
N ALA B 222 -12.13 -5.97 -17.35
CA ALA B 222 -11.78 -6.25 -18.74
C ALA B 222 -10.44 -5.66 -19.17
N ALA B 223 -10.08 -4.49 -18.62
CA ALA B 223 -8.82 -3.85 -18.92
C ALA B 223 -7.70 -4.69 -18.34
N LEU B 224 -7.94 -5.20 -17.15
CA LEU B 224 -6.96 -6.13 -16.53
C LEU B 224 -6.80 -7.38 -17.41
N ALA B 225 -7.93 -7.97 -17.78
CA ALA B 225 -7.93 -9.16 -18.62
C ALA B 225 -7.20 -8.90 -19.93
N ASP B 226 -7.38 -7.72 -20.50
CA ASP B 226 -6.68 -7.34 -21.71
C ASP B 226 -5.15 -7.32 -21.48
N ALA B 227 -4.71 -6.83 -20.32
CA ALA B 227 -3.29 -6.82 -20.04
C ALA B 227 -2.69 -8.24 -19.80
N PHE B 228 -3.50 -9.15 -19.28
CA PHE B 228 -3.07 -10.50 -18.92
C PHE B 228 -3.08 -11.47 -20.12
N ARG B 229 -3.99 -11.21 -21.06
CA ARG B 229 -4.22 -12.06 -22.24
C ARG B 229 -2.98 -12.44 -23.07
N PRO B 230 -2.12 -11.53 -23.45
CA PRO B 230 -0.97 -11.94 -24.24
C PRO B 230 -0.07 -12.85 -23.49
N TYR B 231 -0.15 -12.86 -22.18
CA TYR B 231 0.68 -13.70 -21.36
C TYR B 231 0.03 -15.04 -21.03
N GLY B 232 -1.10 -15.30 -21.67
CA GLY B 232 -1.84 -16.55 -21.51
C GLY B 232 -2.62 -16.72 -20.24
N ILE B 233 -2.80 -15.65 -19.46
CA ILE B 233 -3.51 -15.72 -18.18
C ILE B 233 -4.97 -15.33 -18.32
N LYS B 234 -5.85 -16.29 -18.04
CA LYS B 234 -7.28 -16.05 -18.10
C LYS B 234 -7.78 -15.45 -16.82
N MET B 235 -8.83 -14.64 -16.94
CA MET B 235 -9.45 -13.94 -15.81
C MET B 235 -10.57 -14.81 -15.19
N TYR B 236 -10.59 -14.87 -13.89
CA TYR B 236 -11.63 -15.54 -13.11
C TYR B 236 -12.03 -14.61 -11.95
N LEU B 237 -13.26 -14.76 -11.47
CA LEU B 237 -13.77 -13.97 -10.37
C LEU B 237 -14.41 -14.85 -9.32
N SER B 238 -14.28 -14.46 -8.08
CA SER B 238 -15.01 -15.06 -6.98
C SER B 238 -16.38 -14.44 -7.06
N ILE B 239 -17.41 -15.23 -6.81
CA ILE B 239 -18.77 -14.75 -6.83
C ILE B 239 -19.51 -14.93 -5.52
N ASN B 240 -20.44 -14.04 -5.29
CA ASN B 240 -21.34 -14.10 -4.16
C ASN B 240 -22.59 -14.79 -4.66
N PHE B 241 -22.95 -15.90 -4.01
CA PHE B 241 -24.07 -16.69 -4.46
C PHE B 241 -25.39 -15.90 -4.41
N ASN B 242 -25.49 -14.94 -3.51
CA ASN B 242 -26.72 -14.13 -3.40
C ASN B 242 -26.77 -12.93 -4.34
N SER B 243 -25.89 -12.89 -5.34
CA SER B 243 -25.88 -11.79 -6.32
C SER B 243 -27.23 -11.38 -6.94
N PRO B 244 -28.08 -12.31 -7.38
CA PRO B 244 -29.38 -11.91 -7.94
C PRO B 244 -30.16 -11.01 -6.96
N ARG B 245 -30.09 -11.28 -5.67
CA ARG B 245 -30.72 -10.45 -4.66
C ARG B 245 -29.96 -9.14 -4.42
N ALA B 246 -28.65 -9.25 -4.36
CA ALA B 246 -27.82 -8.07 -4.13
C ALA B 246 -28.03 -7.02 -5.20
N PHE B 247 -28.23 -7.44 -6.44
CA PHE B 247 -28.51 -6.51 -7.54
C PHE B 247 -29.95 -6.03 -7.54
N GLY B 248 -30.74 -6.58 -6.63
CA GLY B 248 -32.15 -6.21 -6.54
C GLY B 248 -32.98 -6.68 -7.69
N ASP B 249 -32.56 -7.74 -8.37
CA ASP B 249 -33.25 -8.26 -9.55
C ASP B 249 -34.17 -9.47 -9.29
N VAL B 250 -33.85 -10.24 -8.24
CA VAL B 250 -34.63 -11.42 -7.87
C VAL B 250 -34.72 -11.44 -6.36
N ASP B 251 -35.87 -11.84 -5.84
CA ASP B 251 -36.11 -11.88 -4.40
C ASP B 251 -35.60 -13.18 -3.76
N THR B 252 -34.92 -14.00 -4.53
CA THR B 252 -34.26 -15.19 -4.01
C THR B 252 -33.00 -15.53 -4.79
N ALA B 253 -32.21 -16.44 -4.25
CA ALA B 253 -31.00 -16.92 -5.00
C ALA B 253 -31.02 -18.42 -5.13
N ASP B 254 -32.17 -19.02 -4.84
CA ASP B 254 -32.39 -20.46 -4.97
C ASP B 254 -32.04 -20.92 -6.39
N PRO B 255 -31.04 -21.81 -6.51
CA PRO B 255 -30.57 -22.24 -7.82
C PRO B 255 -31.58 -23.01 -8.66
N LEU B 256 -32.62 -23.53 -8.02
CA LEU B 256 -33.66 -24.25 -8.74
C LEU B 256 -34.74 -23.31 -9.25
N ASP B 257 -34.71 -22.05 -8.83
CA ASP B 257 -35.67 -21.08 -9.33
C ASP B 257 -35.26 -20.64 -10.75
N PRO B 258 -36.14 -20.81 -11.74
CA PRO B 258 -35.84 -20.39 -13.12
C PRO B 258 -35.39 -18.94 -13.26
N ARG B 259 -35.91 -18.01 -12.46
CA ARG B 259 -35.47 -16.62 -12.56
C ARG B 259 -33.98 -16.47 -12.16
N VAL B 260 -33.58 -17.24 -11.19
CA VAL B 260 -32.21 -17.24 -10.73
C VAL B 260 -31.28 -17.81 -11.78
N GLN B 261 -31.72 -18.90 -12.38
CA GLN B 261 -30.99 -19.55 -13.47
C GLN B 261 -30.79 -18.59 -14.61
N GLN B 262 -31.85 -17.88 -14.99
CA GLN B 262 -31.77 -16.90 -16.05
C GLN B 262 -30.85 -15.69 -15.69
N TRP B 263 -30.92 -15.25 -14.45
CA TRP B 263 -30.10 -14.12 -14.02
C TRP B 263 -28.61 -14.45 -14.25
N TRP B 264 -28.19 -15.64 -13.84
CA TRP B 264 -26.77 -16.02 -14.01
C TRP B 264 -26.42 -16.20 -15.49
N LYS B 265 -27.37 -16.74 -16.27
CA LYS B 265 -27.16 -16.90 -17.71
C LYS B 265 -26.97 -15.54 -18.36
N THR B 266 -27.85 -14.60 -18.05
CA THR B 266 -27.71 -13.26 -18.61
C THR B 266 -26.42 -12.57 -18.11
N ARG B 267 -26.04 -12.80 -16.85
CA ARG B 267 -24.81 -12.21 -16.33
C ARG B 267 -23.57 -12.77 -17.01
N ALA B 268 -23.57 -14.09 -17.27
CA ALA B 268 -22.48 -14.69 -17.98
C ALA B 268 -22.37 -14.07 -19.40
N GLN B 269 -23.50 -13.85 -20.07
CA GLN B 269 -23.48 -13.20 -21.38
C GLN B 269 -22.79 -11.83 -21.26
N LYS B 270 -23.16 -11.09 -20.22
CA LYS B 270 -22.60 -9.76 -20.01
C LYS B 270 -21.07 -9.82 -19.79
N ILE B 271 -20.66 -10.73 -18.93
CA ILE B 271 -19.23 -10.91 -18.68
C ILE B 271 -18.48 -11.24 -19.95
N TYR B 272 -19.01 -12.18 -20.73
CA TYR B 272 -18.33 -12.63 -21.95
C TYR B 272 -18.32 -11.59 -23.06
N SER B 273 -19.26 -10.66 -23.04
CA SER B 273 -19.24 -9.54 -23.98
C SER B 273 -18.04 -8.66 -23.69
N TYR B 274 -17.65 -8.58 -22.42
CA TYR B 274 -16.45 -7.82 -22.05
C TYR B 274 -15.14 -8.59 -22.17
N ILE B 275 -15.18 -9.86 -21.80
CA ILE B 275 -14.03 -10.73 -21.73
C ILE B 275 -14.39 -12.05 -22.40
N PRO B 276 -14.16 -12.15 -23.71
CA PRO B 276 -14.59 -13.31 -24.49
C PRO B 276 -13.92 -14.62 -24.14
N ASP B 277 -12.79 -14.57 -23.43
CA ASP B 277 -12.11 -15.77 -22.99
C ASP B 277 -12.10 -15.92 -21.46
N PHE B 278 -13.07 -15.33 -20.81
CA PHE B 278 -13.20 -15.37 -19.37
C PHE B 278 -13.14 -16.82 -18.89
N GLY B 279 -12.41 -17.03 -17.80
CA GLY B 279 -12.17 -18.37 -17.28
C GLY B 279 -13.35 -19.00 -16.58
N GLY B 280 -13.99 -18.23 -15.71
CA GLY B 280 -15.08 -18.76 -14.92
C GLY B 280 -15.10 -18.21 -13.50
N PHE B 281 -15.74 -18.94 -12.59
CA PHE B 281 -15.96 -18.50 -11.22
C PHE B 281 -15.28 -19.34 -10.14
N LEU B 282 -14.90 -18.67 -9.04
CA LEU B 282 -14.45 -19.28 -7.81
C LEU B 282 -15.61 -19.07 -6.85
N VAL B 283 -15.96 -20.07 -6.07
CA VAL B 283 -17.12 -19.94 -5.19
C VAL B 283 -16.86 -20.44 -3.79
N LYS B 284 -17.00 -19.52 -2.83
CA LYS B 284 -17.05 -19.83 -1.40
C LYS B 284 -18.50 -19.67 -1.00
N ALA B 285 -19.14 -20.79 -0.72
CA ALA B 285 -20.58 -20.84 -0.42
C ALA B 285 -20.88 -21.68 0.82
N ASP B 286 -21.85 -21.18 1.59
CA ASP B 286 -22.36 -21.80 2.81
C ASP B 286 -21.24 -22.07 3.81
N SER B 287 -20.33 -21.10 3.91
CA SER B 287 -19.13 -21.26 4.72
C SER B 287 -18.83 -19.95 5.38
N GLU B 288 -18.65 -19.99 6.68
CA GLU B 288 -18.29 -18.80 7.46
C GLU B 288 -19.23 -17.61 7.25
N GLY B 289 -20.49 -17.89 7.03
CA GLY B 289 -21.45 -16.83 6.81
C GLY B 289 -21.62 -16.37 5.39
N GLN B 290 -20.85 -16.90 4.44
CA GLN B 290 -21.02 -16.56 3.04
C GLN B 290 -22.25 -17.31 2.54
N PRO B 291 -23.09 -16.67 1.72
CA PRO B 291 -24.31 -17.28 1.22
C PRO B 291 -24.07 -18.46 0.31
N GLY B 292 -25.10 -19.28 0.14
CA GLY B 292 -25.00 -20.43 -0.74
C GLY B 292 -26.33 -21.16 -0.91
N PRO B 293 -26.28 -22.25 -1.66
CA PRO B 293 -27.46 -23.06 -1.91
C PRO B 293 -28.11 -23.64 -0.62
N GLN B 294 -27.32 -23.98 0.39
CA GLN B 294 -27.91 -24.52 1.62
C GLN B 294 -28.79 -23.51 2.31
N GLY B 295 -28.55 -22.21 2.05
CA GLY B 295 -29.43 -21.17 2.56
C GLY B 295 -30.84 -21.22 1.98
N TYR B 296 -31.02 -22.03 0.92
CA TYR B 296 -32.33 -22.17 0.21
C TYR B 296 -32.75 -23.63 0.27
N GLY B 297 -32.14 -24.37 1.20
CA GLY B 297 -32.39 -25.78 1.36
C GLY B 297 -31.95 -26.63 0.18
N ARG B 298 -30.96 -26.16 -0.60
CA ARG B 298 -30.47 -26.88 -1.77
C ARG B 298 -29.06 -27.38 -1.50
N ASP B 299 -28.57 -28.29 -2.32
CA ASP B 299 -27.22 -28.82 -2.09
C ASP B 299 -26.19 -28.16 -3.00
N HIS B 300 -24.93 -28.50 -2.76
CA HIS B 300 -23.84 -27.84 -3.47
C HIS B 300 -23.73 -28.27 -4.90
N ALA B 301 -24.20 -29.46 -5.22
CA ALA B 301 -24.26 -29.86 -6.65
C ALA B 301 -25.28 -28.99 -7.38
N GLU B 302 -26.45 -28.82 -6.77
CA GLU B 302 -27.51 -27.98 -7.35
C GLU B 302 -27.02 -26.55 -7.58
N GLY B 303 -26.29 -26.00 -6.61
CA GLY B 303 -25.75 -24.67 -6.76
C GLY B 303 -24.66 -24.55 -7.81
N ALA B 304 -23.72 -25.48 -7.74
CA ALA B 304 -22.62 -25.47 -8.68
C ALA B 304 -23.08 -25.67 -10.11
N ASN B 305 -24.02 -26.59 -10.34
CA ASN B 305 -24.48 -26.90 -11.68
C ASN B 305 -25.26 -25.79 -12.33
N MET B 306 -25.99 -25.04 -11.52
CA MET B 306 -26.73 -23.89 -12.00
C MET B 306 -25.73 -22.84 -12.55
N LEU B 307 -24.67 -22.55 -11.78
CA LEU B 307 -23.60 -21.66 -12.26
C LEU B 307 -22.90 -22.25 -13.48
N ALA B 308 -22.63 -23.56 -13.45
CA ALA B 308 -21.93 -24.21 -14.55
C ALA B 308 -22.74 -24.16 -15.83
N ALA B 309 -24.06 -24.28 -15.72
CA ALA B 309 -24.92 -24.22 -16.92
C ALA B 309 -24.85 -22.82 -17.57
N ALA B 310 -24.70 -21.77 -16.75
CA ALA B 310 -24.61 -20.40 -17.26
C ALA B 310 -23.30 -20.21 -17.99
N LEU B 311 -22.23 -20.87 -17.53
CA LEU B 311 -20.90 -20.69 -18.14
C LEU B 311 -20.62 -21.66 -19.31
N LYS B 312 -21.27 -22.81 -19.30
CA LYS B 312 -21.03 -23.84 -20.33
C LYS B 312 -20.99 -23.37 -21.79
N PRO B 313 -21.94 -22.61 -22.28
CA PRO B 313 -21.91 -22.19 -23.69
C PRO B 313 -20.71 -21.32 -24.02
N PHE B 314 -20.05 -20.78 -23.00
CA PHE B 314 -18.94 -19.91 -23.26
C PHE B 314 -17.62 -20.58 -22.94
N GLY B 315 -17.64 -21.84 -22.56
CA GLY B 315 -16.43 -22.55 -22.22
C GLY B 315 -15.89 -22.30 -20.81
N GLY B 316 -16.70 -21.70 -19.95
CA GLY B 316 -16.27 -21.35 -18.61
C GLY B 316 -16.39 -22.48 -17.59
N VAL B 317 -15.58 -22.39 -16.53
CA VAL B 317 -15.61 -23.42 -15.49
C VAL B 317 -15.95 -22.83 -14.13
N VAL B 318 -16.47 -23.68 -13.25
CA VAL B 318 -16.76 -23.31 -11.90
C VAL B 318 -15.80 -24.01 -10.95
N PHE B 319 -14.99 -23.23 -10.23
CA PHE B 319 -14.10 -23.76 -9.21
C PHE B 319 -14.92 -23.67 -7.91
N TRP B 320 -15.52 -24.78 -7.50
CA TRP B 320 -16.37 -24.75 -6.29
C TRP B 320 -15.56 -25.20 -5.09
N ARG B 321 -15.44 -24.34 -4.07
CA ARG B 321 -14.60 -24.70 -2.93
C ARG B 321 -15.26 -25.65 -1.96
N ALA B 322 -14.47 -26.58 -1.46
CA ALA B 322 -14.91 -27.56 -0.51
C ALA B 322 -14.68 -27.08 0.91
N PHE B 323 -14.18 -25.85 1.08
CA PHE B 323 -13.92 -25.28 2.42
C PHE B 323 -15.25 -24.96 3.09
N VAL B 324 -15.87 -26.00 3.61
CA VAL B 324 -17.22 -25.92 4.19
C VAL B 324 -17.21 -26.79 5.42
N TYR B 325 -17.74 -26.27 6.52
CA TYR B 325 -17.82 -26.98 7.79
C TYR B 325 -18.84 -26.29 8.69
N HIS B 326 -19.88 -27.05 9.08
CA HIS B 326 -20.94 -26.55 9.95
C HIS B 326 -20.55 -26.59 11.43
N PRO B 327 -20.96 -25.60 12.22
CA PRO B 327 -20.56 -25.58 13.65
C PRO B 327 -21.12 -26.69 14.47
N ASP B 328 -22.24 -27.26 14.08
CA ASP B 328 -22.87 -28.27 14.95
C ASP B 328 -22.42 -29.70 14.74
N ILE B 329 -21.44 -29.97 13.88
CA ILE B 329 -20.97 -31.33 13.71
C ILE B 329 -20.01 -31.68 14.84
N GLU B 330 -19.81 -32.97 15.08
CA GLU B 330 -18.94 -33.45 16.16
C GLU B 330 -17.50 -33.05 15.91
N ASP B 331 -17.06 -33.15 14.66
CA ASP B 331 -15.63 -32.91 14.41
C ASP B 331 -15.37 -32.19 13.09
N ARG B 332 -14.89 -30.96 13.20
CA ARG B 332 -14.56 -30.18 11.97
C ARG B 332 -13.69 -30.92 10.95
N PHE B 333 -12.76 -31.69 11.44
CA PHE B 333 -11.89 -32.52 10.60
C PHE B 333 -12.68 -33.34 9.60
N ARG B 334 -13.83 -33.85 10.01
CA ARG B 334 -14.75 -34.65 9.21
C ARG B 334 -15.56 -33.83 8.18
N GLY B 335 -15.57 -32.51 8.40
CA GLY B 335 -16.55 -31.66 7.72
C GLY B 335 -16.67 -31.85 6.20
N ALA B 336 -15.61 -31.47 5.49
CA ALA B 336 -15.69 -31.38 4.02
C ALA B 336 -16.01 -32.73 3.37
N TYR B 337 -15.41 -33.79 3.89
CA TYR B 337 -15.65 -35.13 3.40
C TYR B 337 -17.13 -35.52 3.56
N ASP B 338 -17.69 -35.29 4.72
CA ASP B 338 -19.10 -35.64 4.96
C ASP B 338 -20.05 -34.77 4.16
N GLU B 339 -19.64 -33.55 3.84
CA GLU B 339 -20.46 -32.67 3.00
C GLU B 339 -20.46 -33.11 1.53
N PHE B 340 -19.28 -33.49 1.02
CA PHE B 340 -19.16 -33.67 -0.44
C PHE B 340 -19.19 -35.12 -0.93
N MET B 341 -18.78 -36.08 -0.13
CA MET B 341 -18.84 -37.44 -0.57
C MET B 341 -20.22 -37.86 -1.09
N PRO B 342 -21.34 -37.52 -0.43
CA PRO B 342 -22.67 -37.90 -0.99
C PRO B 342 -22.94 -37.27 -2.38
N LEU B 343 -22.16 -36.28 -2.77
CA LEU B 343 -22.35 -35.58 -4.03
C LEU B 343 -21.40 -36.05 -5.14
N ASP B 344 -20.55 -37.01 -4.82
CA ASP B 344 -19.63 -37.50 -5.83
C ASP B 344 -20.40 -37.96 -7.05
N GLY B 345 -20.02 -37.49 -8.23
CA GLY B 345 -20.73 -37.83 -9.45
C GLY B 345 -21.90 -36.96 -9.79
N LYS B 346 -22.32 -36.08 -8.88
CA LYS B 346 -23.47 -35.24 -9.18
C LYS B 346 -23.12 -33.88 -9.78
N PHE B 347 -21.83 -33.58 -9.90
CA PHE B 347 -21.42 -32.28 -10.45
C PHE B 347 -21.24 -32.34 -11.92
N ALA B 348 -21.59 -31.27 -12.60
CA ALA B 348 -21.43 -31.17 -14.05
C ALA B 348 -19.94 -31.20 -14.41
N ASP B 349 -19.64 -31.55 -15.66
CA ASP B 349 -18.23 -31.74 -16.07
C ASP B 349 -17.39 -30.44 -16.08
N ASN B 350 -18.02 -29.26 -16.11
CA ASN B 350 -17.27 -28.03 -15.99
C ASN B 350 -17.29 -27.47 -14.57
N VAL B 351 -17.54 -28.33 -13.61
CA VAL B 351 -17.37 -28.00 -12.19
C VAL B 351 -16.11 -28.74 -11.67
N ILE B 352 -15.26 -28.02 -10.98
CA ILE B 352 -14.10 -28.62 -10.34
C ILE B 352 -14.16 -28.25 -8.85
N LEU B 353 -14.06 -29.24 -7.98
CA LEU B 353 -14.09 -29.04 -6.56
C LEU B 353 -12.69 -28.65 -6.11
N GLN B 354 -12.58 -27.43 -5.59
CA GLN B 354 -11.30 -26.88 -5.10
C GLN B 354 -11.13 -27.15 -3.59
N ILE B 355 -10.14 -27.96 -3.29
CA ILE B 355 -9.93 -28.48 -1.96
C ILE B 355 -8.58 -28.06 -1.39
N LYS B 356 -8.60 -27.52 -0.17
CA LYS B 356 -7.40 -27.20 0.55
C LYS B 356 -6.58 -28.47 0.81
N ASN B 357 -5.28 -28.32 1.02
CA ASN B 357 -4.41 -29.45 1.21
C ASN B 357 -4.78 -30.36 2.37
N GLY B 358 -5.32 -29.78 3.42
CA GLY B 358 -5.82 -30.48 4.59
C GLY B 358 -7.24 -30.14 4.96
N PRO B 359 -7.85 -30.91 5.86
CA PRO B 359 -9.26 -30.73 6.20
C PRO B 359 -9.55 -29.62 7.20
N ILE B 360 -8.54 -28.96 7.79
CA ILE B 360 -8.83 -27.87 8.70
C ILE B 360 -8.68 -26.52 7.98
N ASP B 361 -7.49 -25.91 8.00
CA ASP B 361 -7.37 -24.56 7.46
C ASP B 361 -5.90 -24.10 7.31
N PHE B 362 -5.19 -24.70 6.36
CA PHE B 362 -3.83 -24.27 6.04
C PHE B 362 -2.85 -24.23 7.24
N GLN B 363 -3.10 -25.05 8.24
CA GLN B 363 -2.23 -25.08 9.43
C GLN B 363 -0.82 -25.62 9.09
N PRO B 364 0.20 -25.26 9.88
CA PRO B 364 1.59 -25.60 9.53
C PRO B 364 1.83 -27.02 9.09
N ARG B 365 1.17 -27.98 9.72
CA ARG B 365 1.11 -29.33 9.16
C ARG B 365 -0.28 -29.89 9.34
N GLU B 366 -0.84 -30.41 8.25
CA GLU B 366 -2.13 -31.11 8.30
C GLU B 366 -1.99 -32.42 7.47
N PRO B 367 -2.73 -33.44 7.85
CA PRO B 367 -2.81 -34.65 7.02
C PRO B 367 -3.55 -34.26 5.75
N PHE B 368 -3.47 -35.07 4.72
CA PHE B 368 -4.13 -34.74 3.46
C PHE B 368 -5.63 -34.76 3.62
N SER B 369 -6.30 -33.87 2.86
CA SER B 369 -7.75 -33.86 2.79
C SER B 369 -8.29 -35.19 2.26
N ALA B 370 -9.05 -35.89 3.11
CA ALA B 370 -9.57 -37.20 2.74
C ALA B 370 -10.37 -37.15 1.43
N LEU B 371 -10.97 -36.00 1.10
CA LEU B 371 -11.69 -35.87 -0.19
C LEU B 371 -10.86 -36.27 -1.40
N PHE B 372 -9.56 -35.96 -1.40
CA PHE B 372 -8.71 -36.30 -2.54
C PHE B 372 -8.71 -37.80 -2.85
N ALA B 373 -8.80 -38.64 -1.82
CA ALA B 373 -8.75 -40.09 -2.00
C ALA B 373 -10.13 -40.73 -2.10
N GLY B 374 -11.16 -39.95 -1.83
CA GLY B 374 -12.53 -40.45 -1.83
C GLY B 374 -13.42 -40.09 -2.98
N MET B 375 -13.22 -38.94 -3.62
CA MET B 375 -14.05 -38.55 -4.75
C MET B 375 -13.49 -39.14 -6.04
N SER B 376 -14.24 -40.07 -6.63
CA SER B 376 -13.79 -40.77 -7.82
C SER B 376 -14.49 -40.39 -9.10
N ARG B 377 -15.53 -39.57 -9.02
CA ARG B 377 -16.31 -39.21 -10.19
C ARG B 377 -16.51 -37.71 -10.27
N THR B 378 -15.63 -36.95 -9.65
CA THR B 378 -15.72 -35.50 -9.61
C THR B 378 -14.34 -34.90 -9.87
N ASN B 379 -14.29 -33.84 -10.68
CA ASN B 379 -13.05 -33.11 -10.94
C ASN B 379 -12.59 -32.45 -9.65
N MET B 380 -11.31 -32.52 -9.36
CA MET B 380 -10.79 -31.88 -8.18
C MET B 380 -9.56 -31.05 -8.52
N MET B 381 -9.27 -30.05 -7.68
CA MET B 381 -8.06 -29.29 -7.78
C MET B 381 -7.61 -28.91 -6.35
N MET B 382 -6.33 -28.68 -6.19
CA MET B 382 -5.73 -28.35 -4.93
C MET B 382 -5.74 -26.87 -4.67
N GLU B 383 -5.90 -26.50 -3.40
CA GLU B 383 -5.75 -25.11 -2.97
C GLU B 383 -4.67 -25.06 -1.90
N PHE B 384 -3.54 -24.39 -2.20
CA PHE B 384 -2.43 -24.17 -1.27
C PHE B 384 -2.38 -22.70 -0.82
N GLN B 385 -1.84 -22.44 0.35
CA GLN B 385 -1.67 -21.05 0.79
C GLN B 385 -0.18 -20.63 0.71
N ILE B 386 0.08 -19.49 0.07
CA ILE B 386 1.41 -18.91 -0.06
C ILE B 386 1.55 -17.77 0.95
N THR B 387 0.55 -16.88 0.98
CA THR B 387 0.55 -15.77 1.93
C THR B 387 0.64 -16.40 3.29
N GLN B 388 1.39 -15.80 4.19
CA GLN B 388 1.71 -16.43 5.43
C GLN B 388 0.76 -16.16 6.59
N GLU B 389 -0.51 -16.49 6.37
CA GLU B 389 -1.55 -16.33 7.38
C GLU B 389 -1.17 -17.02 8.64
N TYR B 390 -0.61 -18.20 8.48
CA TYR B 390 -0.28 -19.05 9.62
C TYR B 390 1.22 -19.27 9.78
N PHE B 391 2.02 -18.63 8.93
CA PHE B 391 3.45 -18.75 9.04
C PHE B 391 4.16 -17.44 9.33
N GLY B 392 3.42 -16.45 9.84
CA GLY B 392 4.01 -15.25 10.37
C GLY B 392 3.97 -13.97 9.53
N PHE B 393 2.93 -13.82 8.73
CA PHE B 393 2.67 -12.59 7.99
C PHE B 393 3.89 -12.24 7.15
N ALA B 394 4.38 -11.00 7.25
CA ALA B 394 5.54 -10.59 6.49
C ALA B 394 6.79 -10.50 7.33
N THR B 395 6.76 -11.00 8.55
CA THR B 395 7.95 -10.86 9.38
C THR B 395 8.72 -12.13 9.59
N HIS B 396 8.11 -13.27 9.32
CA HIS B 396 8.79 -14.58 9.49
C HIS B 396 9.23 -15.15 8.16
N LEU B 397 10.39 -15.78 8.16
CA LEU B 397 10.92 -16.41 6.98
C LEU B 397 10.41 -17.85 6.97
N ALA B 398 9.60 -18.19 5.95
CA ALA B 398 8.98 -19.53 5.85
C ALA B 398 8.71 -19.99 4.38
N TYR B 399 9.74 -20.51 3.75
CA TYR B 399 9.66 -21.10 2.42
C TYR B 399 8.66 -22.22 2.51
N GLN B 400 7.63 -22.16 1.65
CA GLN B 400 6.53 -23.11 1.69
C GLN B 400 6.71 -24.29 0.76
N GLY B 401 7.79 -24.26 -0.03
CA GLY B 401 8.13 -25.38 -0.89
C GLY B 401 7.98 -26.77 -0.22
N PRO B 402 8.55 -26.95 0.96
CA PRO B 402 8.46 -28.24 1.63
C PRO B 402 7.05 -28.64 2.02
N LEU B 403 6.16 -27.73 2.34
CA LEU B 403 4.79 -28.06 2.65
C LEU B 403 4.08 -28.57 1.37
N PHE B 404 4.26 -27.85 0.27
CA PHE B 404 3.67 -28.22 -1.01
C PHE B 404 4.20 -29.58 -1.43
N GLU B 405 5.52 -29.75 -1.38
CA GLU B 405 6.08 -31.04 -1.78
C GLU B 405 5.55 -32.19 -0.93
N GLU B 406 5.55 -32.01 0.38
CA GLU B 406 5.07 -33.03 1.31
C GLU B 406 3.65 -33.46 0.92
N SER B 407 2.80 -32.49 0.68
CA SER B 407 1.44 -32.76 0.26
C SER B 407 1.40 -33.54 -1.05
N LEU B 408 2.07 -33.00 -2.07
CA LEU B 408 1.99 -33.56 -3.41
C LEU B 408 2.57 -34.96 -3.49
N LYS B 409 3.60 -35.25 -2.69
CA LYS B 409 4.19 -36.59 -2.71
C LYS B 409 3.57 -37.56 -1.69
N THR B 410 2.51 -37.14 -1.02
CA THR B 410 1.87 -37.98 0.00
C THR B 410 1.14 -39.14 -0.68
N GLU B 411 1.48 -40.37 -0.28
CA GLU B 411 0.78 -41.55 -0.75
C GLU B 411 -0.55 -41.65 -0.02
N THR B 412 -1.63 -41.78 -0.78
CA THR B 412 -2.96 -41.96 -0.22
C THR B 412 -3.48 -43.40 -0.24
N HIS B 413 -2.88 -44.27 -1.04
CA HIS B 413 -3.38 -45.63 -1.28
C HIS B 413 -4.85 -45.65 -1.76
N ALA B 414 -5.32 -44.62 -2.44
CA ALA B 414 -6.72 -44.60 -2.90
C ALA B 414 -7.02 -45.71 -3.92
N ARG B 415 -6.07 -45.97 -4.79
CA ARG B 415 -6.23 -47.00 -5.82
C ARG B 415 -4.85 -47.58 -6.06
N GLY B 416 -4.40 -48.36 -5.10
CA GLY B 416 -3.09 -48.95 -5.20
C GLY B 416 -1.98 -47.98 -4.82
N GLU B 417 -0.77 -48.53 -4.79
CA GLU B 417 0.42 -47.70 -4.51
C GLU B 417 0.68 -46.78 -5.67
N GLY B 418 1.20 -45.58 -5.38
CA GLY B 418 1.38 -44.60 -6.42
C GLY B 418 0.16 -43.69 -6.47
N SER B 419 -0.77 -43.83 -5.55
CA SER B 419 -1.91 -42.91 -5.49
C SER B 419 -1.51 -41.64 -4.72
N THR B 420 -0.45 -40.98 -5.16
CA THR B 420 -0.03 -39.75 -4.49
C THR B 420 -1.03 -38.63 -4.82
N ILE B 421 -1.03 -37.60 -3.99
CA ILE B 421 -1.88 -36.47 -4.17
C ILE B 421 -1.59 -35.89 -5.53
N GLY B 422 -0.32 -35.80 -5.90
CA GLY B 422 0.04 -35.27 -7.21
C GLY B 422 -0.55 -36.10 -8.35
N ASN B 423 -0.48 -37.42 -8.24
CA ASN B 423 -1.04 -38.30 -9.26
C ASN B 423 -2.54 -38.19 -9.31
N ILE B 424 -3.17 -38.01 -8.14
CA ILE B 424 -4.61 -37.80 -8.06
C ILE B 424 -4.94 -36.50 -8.81
N LEU B 425 -4.22 -35.44 -8.49
CA LEU B 425 -4.47 -34.14 -9.12
C LEU B 425 -4.30 -34.22 -10.65
N GLU B 426 -3.27 -34.92 -11.09
CA GLU B 426 -3.01 -35.06 -12.51
C GLU B 426 -4.16 -35.75 -13.25
N GLY B 427 -5.00 -36.47 -12.50
CA GLY B 427 -6.20 -37.10 -13.06
C GLY B 427 -6.02 -38.56 -13.45
N LYS B 428 -4.83 -39.11 -13.21
CA LYS B 428 -4.51 -40.49 -13.59
C LYS B 428 -5.12 -41.54 -12.67
N VAL B 429 -5.42 -41.16 -11.43
CA VAL B 429 -5.90 -42.12 -10.48
C VAL B 429 -7.35 -42.42 -10.70
N PHE B 430 -8.16 -41.37 -10.81
CA PHE B 430 -9.59 -41.51 -10.95
C PHE B 430 -10.12 -41.24 -12.34
N LYS B 431 -9.24 -40.84 -13.24
CA LYS B 431 -9.52 -40.57 -14.66
C LYS B 431 -10.52 -39.44 -14.88
N THR B 432 -10.16 -38.25 -14.41
CA THR B 432 -11.02 -37.10 -14.60
C THR B 432 -10.45 -36.18 -15.66
N ARG B 433 -11.22 -35.16 -16.04
CA ARG B 433 -10.90 -34.38 -17.23
C ARG B 433 -10.26 -33.00 -16.98
N HIS B 434 -10.73 -32.28 -15.99
CA HIS B 434 -10.23 -30.95 -15.66
C HIS B 434 -9.41 -30.99 -14.39
N THR B 435 -8.16 -30.58 -14.46
CA THR B 435 -7.25 -30.71 -13.34
C THR B 435 -6.70 -29.35 -12.93
N GLY B 436 -6.16 -29.23 -11.73
CA GLY B 436 -5.54 -27.97 -11.36
C GLY B 436 -5.01 -27.80 -9.96
N MET B 437 -4.45 -26.63 -9.74
CA MET B 437 -3.89 -26.24 -8.46
C MET B 437 -4.02 -24.71 -8.36
N ALA B 438 -4.47 -24.23 -7.20
CA ALA B 438 -4.67 -22.82 -6.94
C ALA B 438 -3.82 -22.42 -5.77
N GLY B 439 -3.24 -21.24 -5.85
CA GLY B 439 -2.35 -20.74 -4.81
C GLY B 439 -2.74 -19.36 -4.33
N VAL B 440 -3.09 -19.27 -3.04
CA VAL B 440 -3.52 -18.01 -2.45
C VAL B 440 -2.27 -17.21 -2.17
N ILE B 441 -1.94 -16.27 -3.06
CA ILE B 441 -0.65 -15.55 -2.98
C ILE B 441 -0.78 -14.22 -2.23
N ASN B 442 -1.93 -13.56 -2.36
CA ASN B 442 -2.17 -12.27 -1.71
C ASN B 442 -1.02 -11.24 -1.72
N PRO B 443 -0.45 -10.97 -2.90
CA PRO B 443 0.57 -9.94 -2.96
C PRO B 443 -0.07 -8.56 -2.94
N GLY B 444 0.75 -7.51 -2.96
CA GLY B 444 0.20 -6.17 -2.94
C GLY B 444 1.17 -5.15 -3.49
N THR B 445 0.85 -3.86 -3.27
CA THR B 445 1.59 -2.76 -3.84
C THR B 445 3.00 -2.56 -3.22
N ASP B 446 3.36 -3.30 -2.19
CA ASP B 446 4.72 -3.18 -1.64
C ASP B 446 5.70 -3.37 -2.83
N ARG B 447 6.79 -2.64 -2.80
CA ARG B 447 7.75 -2.64 -3.91
C ARG B 447 8.20 -4.05 -4.33
N ASN B 448 8.35 -4.95 -3.38
CA ASN B 448 8.81 -6.31 -3.66
C ASN B 448 7.68 -7.32 -3.82
N TRP B 449 6.44 -6.81 -3.91
CA TRP B 449 5.23 -7.60 -4.13
C TRP B 449 4.73 -8.45 -2.96
N THR B 450 5.65 -8.98 -2.13
CA THR B 450 5.33 -9.95 -1.13
C THR B 450 5.61 -9.54 0.29
N GLY B 451 6.20 -8.36 0.48
CA GLY B 451 6.47 -7.90 1.82
C GLY B 451 7.81 -8.50 2.23
N HIS B 452 7.78 -9.74 2.69
CA HIS B 452 9.00 -10.46 3.08
C HIS B 452 9.59 -11.00 1.82
N PRO B 453 10.86 -10.71 1.57
CA PRO B 453 11.49 -11.20 0.36
C PRO B 453 11.32 -12.69 0.13
N PHE B 454 11.33 -13.51 1.18
CA PHE B 454 11.28 -14.94 1.00
C PHE B 454 9.88 -15.49 0.65
N VAL B 455 8.83 -14.68 0.77
CA VAL B 455 7.51 -15.11 0.31
C VAL B 455 7.55 -15.30 -1.24
N GLN B 456 8.44 -14.54 -1.91
CA GLN B 456 8.64 -14.73 -3.33
C GLN B 456 8.96 -16.17 -3.66
N SER B 457 9.80 -16.80 -2.84
CA SER B 457 10.22 -18.18 -3.08
C SER B 457 9.05 -19.17 -2.99
N SER B 458 8.11 -18.88 -2.11
CA SER B 458 6.92 -19.70 -1.95
C SER B 458 6.01 -19.59 -3.21
N TRP B 459 5.82 -18.37 -3.71
CA TRP B 459 5.05 -18.12 -4.95
C TRP B 459 5.78 -18.88 -6.09
N TYR B 460 7.11 -18.77 -6.13
CA TYR B 460 7.92 -19.42 -7.13
C TYR B 460 7.72 -20.93 -7.14
N ALA B 461 7.90 -21.55 -5.98
CA ALA B 461 7.75 -22.99 -5.84
C ALA B 461 6.35 -23.41 -6.20
N PHE B 462 5.35 -22.64 -5.75
CA PHE B 462 3.96 -22.93 -6.10
C PHE B 462 3.77 -23.08 -7.60
N GLY B 463 4.23 -22.09 -8.35
CA GLY B 463 4.04 -22.11 -9.78
C GLY B 463 4.82 -23.26 -10.45
N ARG B 464 6.05 -23.50 -10.01
CA ARG B 464 6.83 -24.57 -10.60
C ARG B 464 6.11 -25.91 -10.40
N MET B 465 5.60 -26.11 -9.20
CA MET B 465 4.90 -27.33 -8.85
C MET B 465 3.54 -27.46 -9.51
N ALA B 466 2.89 -26.35 -9.83
CA ALA B 466 1.65 -26.42 -10.58
C ALA B 466 1.96 -26.91 -12.00
N TRP B 467 3.14 -26.59 -12.50
CA TRP B 467 3.57 -27.08 -13.80
C TRP B 467 3.99 -28.54 -13.75
N ASP B 468 4.81 -28.90 -12.74
CA ASP B 468 5.21 -30.32 -12.54
C ASP B 468 5.18 -30.63 -11.07
N HIS B 469 4.16 -31.39 -10.62
CA HIS B 469 3.94 -31.68 -9.22
C HIS B 469 4.98 -32.57 -8.54
N GLN B 470 5.91 -33.11 -9.31
CA GLN B 470 7.01 -33.87 -8.81
C GLN B 470 8.27 -33.02 -8.63
N ILE B 471 8.26 -31.74 -9.01
CA ILE B 471 9.41 -30.88 -8.74
C ILE B 471 9.58 -30.74 -7.21
N SER B 472 10.79 -30.89 -6.71
CA SER B 472 11.04 -30.82 -5.30
C SER B 472 11.19 -29.39 -4.80
N ALA B 473 11.03 -29.24 -3.51
CA ALA B 473 11.24 -27.96 -2.83
C ALA B 473 12.67 -27.52 -2.99
N ALA B 474 13.60 -28.48 -2.93
CA ALA B 474 15.03 -28.20 -3.12
C ALA B 474 15.34 -27.64 -4.53
N THR B 475 14.80 -28.29 -5.54
CA THR B 475 14.98 -27.87 -6.90
C THR B 475 14.47 -26.45 -7.12
N ALA B 476 13.26 -26.19 -6.65
CA ALA B 476 12.66 -24.89 -6.80
C ALA B 476 13.48 -23.83 -6.08
N ALA B 477 13.97 -24.16 -4.89
CA ALA B 477 14.76 -23.24 -4.12
C ALA B 477 16.09 -22.96 -4.79
N ASP B 478 16.71 -23.99 -5.35
CA ASP B 478 17.95 -23.82 -6.08
C ASP B 478 17.76 -22.82 -7.25
N GLU B 479 16.73 -23.03 -8.06
CA GLU B 479 16.43 -22.12 -9.15
C GLU B 479 16.19 -20.70 -8.64
N TRP B 480 15.31 -20.57 -7.66
CA TRP B 480 14.93 -19.27 -7.13
C TRP B 480 16.10 -18.48 -6.57
N LEU B 481 16.99 -19.15 -5.82
CA LEU B 481 18.12 -18.46 -5.22
C LEU B 481 19.08 -17.91 -6.26
N ARG B 482 19.32 -18.71 -7.29
CA ARG B 482 20.15 -18.35 -8.43
C ARG B 482 19.57 -17.17 -9.20
N MET B 483 18.28 -17.21 -9.42
CA MET B 483 17.61 -16.15 -10.16
C MET B 483 17.49 -14.85 -9.36
N THR B 484 17.27 -14.97 -8.06
CA THR B 484 16.98 -13.82 -7.16
C THR B 484 18.17 -13.21 -6.49
N PHE B 485 19.17 -14.02 -6.19
CA PHE B 485 20.30 -13.54 -5.41
C PHE B 485 21.70 -13.78 -5.97
N SER B 486 22.05 -15.03 -6.23
CA SER B 486 23.43 -15.33 -6.56
C SER B 486 23.57 -16.74 -7.07
N ASN B 487 24.55 -16.92 -7.94
CA ASN B 487 24.93 -18.22 -8.45
C ASN B 487 26.14 -18.82 -7.77
N GLN B 488 26.65 -18.17 -6.72
CA GLN B 488 27.79 -18.67 -5.99
C GLN B 488 27.43 -19.94 -5.20
N PRO B 489 28.09 -21.05 -5.47
CA PRO B 489 27.81 -22.31 -4.78
C PRO B 489 27.89 -22.17 -3.27
N ALA B 490 28.85 -21.39 -2.79
CA ALA B 490 28.99 -21.27 -1.36
C ALA B 490 27.81 -20.55 -0.68
N PHE B 491 27.06 -19.79 -1.45
CA PHE B 491 25.88 -19.10 -1.00
C PHE B 491 24.70 -20.02 -1.12
N ILE B 492 24.55 -20.67 -2.27
CA ILE B 492 23.39 -21.48 -2.56
C ILE B 492 23.12 -22.60 -1.56
N GLU B 493 24.14 -23.41 -1.21
CA GLU B 493 23.91 -24.54 -0.34
C GLU B 493 23.37 -24.16 1.04
N PRO B 494 24.04 -23.31 1.83
CA PRO B 494 23.53 -23.01 3.15
C PRO B 494 22.22 -22.24 3.11
N VAL B 495 22.01 -21.35 2.15
CA VAL B 495 20.72 -20.64 2.07
C VAL B 495 19.59 -21.57 1.65
N LYS B 496 19.87 -22.53 0.76
CA LYS B 496 18.86 -23.49 0.37
C LYS B 496 18.42 -24.33 1.59
N GLN B 497 19.42 -24.82 2.34
CA GLN B 497 19.16 -25.59 3.52
C GLN B 497 18.39 -24.77 4.54
N MET B 498 18.74 -23.49 4.68
CA MET B 498 18.04 -22.58 5.58
C MET B 498 16.55 -22.46 5.12
N MET B 499 16.35 -22.31 3.82
CA MET B 499 14.99 -22.25 3.26
C MET B 499 14.24 -23.54 3.58
N LEU B 500 14.93 -24.67 3.39
CA LEU B 500 14.29 -25.94 3.55
C LEU B 500 13.91 -26.24 4.98
N VAL B 501 14.63 -25.71 5.97
CA VAL B 501 14.28 -25.98 7.35
C VAL B 501 13.23 -24.99 7.91
N SER B 502 13.04 -23.86 7.22
CA SER B 502 12.18 -22.78 7.72
C SER B 502 10.73 -23.21 7.98
N ARG B 503 10.16 -24.04 7.10
CA ARG B 503 8.83 -24.54 7.31
C ARG B 503 8.73 -25.32 8.59
N GLU B 504 9.64 -26.26 8.75
CA GLU B 504 9.61 -27.08 9.94
C GLU B 504 9.87 -26.28 11.21
N ALA B 505 10.73 -25.28 11.12
CA ALA B 505 10.91 -24.40 12.27
C ALA B 505 9.55 -23.78 12.69
N GLY B 506 8.80 -23.29 11.70
CA GLY B 506 7.49 -22.69 11.92
C GLY B 506 6.44 -23.65 12.50
N VAL B 507 6.58 -24.93 12.22
CA VAL B 507 5.74 -25.95 12.84
C VAL B 507 6.16 -26.07 14.32
N ASN B 508 7.48 -26.15 14.54
CA ASN B 508 8.07 -26.45 15.83
C ASN B 508 7.80 -25.41 16.92
N TYR B 509 7.95 -24.12 16.61
CA TYR B 509 7.67 -23.12 17.65
C TYR B 509 6.18 -22.77 17.79
N ARG B 510 5.31 -23.33 16.95
CA ARG B 510 3.87 -23.07 17.06
C ARG B 510 3.00 -24.23 17.54
N SER B 511 3.16 -25.40 16.89
CA SER B 511 2.30 -26.54 17.11
C SER B 511 2.85 -27.80 16.49
N PRO B 512 3.82 -28.40 17.14
CA PRO B 512 4.40 -29.65 16.68
C PRO B 512 3.57 -30.90 17.07
N LEU B 513 4.01 -32.07 16.62
CA LEU B 513 3.45 -33.35 17.00
C LEU B 513 2.00 -33.57 16.68
N GLY B 514 1.42 -32.78 15.78
CA GLY B 514 0.04 -32.94 15.45
C GLY B 514 -0.83 -31.91 16.11
N LEU B 515 -0.25 -31.06 16.97
CA LEU B 515 -1.01 -29.96 17.51
C LEU B 515 -1.35 -29.00 16.35
N THR B 516 -2.39 -28.21 16.56
CA THR B 516 -2.91 -27.36 15.51
C THR B 516 -3.82 -26.26 16.06
N HIS B 517 -4.03 -25.22 15.27
CA HIS B 517 -5.00 -24.18 15.59
C HIS B 517 -4.78 -23.50 16.95
N LEU B 518 -3.54 -23.15 17.25
CA LEU B 518 -3.18 -22.51 18.55
C LEU B 518 -3.00 -21.01 18.44
N TYR B 519 -3.48 -20.45 17.33
CA TYR B 519 -3.33 -19.01 17.04
C TYR B 519 -4.27 -18.08 17.75
N SER B 520 -3.82 -16.85 17.94
CA SER B 520 -4.69 -15.77 18.33
C SER B 520 -5.82 -15.70 17.30
N GLN B 521 -7.04 -15.56 17.77
CA GLN B 521 -8.18 -15.51 16.89
C GLN B 521 -8.74 -14.12 16.90
N GLY B 522 -9.12 -13.58 15.74
CA GLY B 522 -9.01 -14.25 14.44
C GLY B 522 -7.92 -13.67 13.55
N ASP B 523 -6.97 -12.95 14.13
CA ASP B 523 -5.92 -12.29 13.37
C ASP B 523 -4.83 -13.26 12.96
N HIS B 524 -4.55 -14.23 13.81
CA HIS B 524 -3.56 -15.29 13.56
C HIS B 524 -2.08 -14.92 13.58
N TYR B 525 -1.71 -13.83 14.21
CA TYR B 525 -0.28 -13.49 14.23
C TYR B 525 0.47 -14.26 15.30
N GLY B 526 -0.02 -14.19 16.51
CA GLY B 526 0.70 -14.75 17.65
C GLY B 526 0.00 -15.91 18.32
N PRO B 527 0.64 -16.41 19.36
CA PRO B 527 0.11 -17.54 20.12
C PRO B 527 -1.09 -17.22 20.96
N ALA B 528 -2.02 -18.18 21.00
CA ALA B 528 -3.11 -18.12 21.95
C ALA B 528 -3.69 -19.51 22.21
N PRO B 529 -2.89 -20.46 22.72
CA PRO B 529 -3.36 -21.86 22.89
C PRO B 529 -4.44 -22.02 23.98
N TRP B 530 -4.62 -20.99 24.80
CA TRP B 530 -5.67 -20.96 25.81
C TRP B 530 -7.05 -20.63 25.21
N THR B 531 -7.10 -20.15 23.99
CA THR B 531 -8.37 -19.67 23.41
C THR B 531 -9.55 -20.65 23.57
N ASP B 532 -10.59 -20.15 24.22
CA ASP B 532 -11.85 -20.86 24.31
C ASP B 532 -12.99 -19.86 24.37
N ASP B 533 -14.20 -20.27 24.67
CA ASP B 533 -15.33 -19.31 24.73
C ASP B 533 -15.45 -18.33 23.53
N LEU B 534 -15.62 -18.89 22.32
CA LEU B 534 -15.94 -18.12 21.12
C LEU B 534 -17.34 -18.60 20.70
N PRO B 535 -18.04 -17.88 19.84
CA PRO B 535 -19.40 -18.29 19.44
C PRO B 535 -19.41 -19.69 18.84
N ARG B 536 -18.32 -20.12 18.23
CA ARG B 536 -18.28 -21.50 17.80
C ARG B 536 -17.04 -22.18 18.33
N ALA B 537 -17.26 -23.34 18.95
CA ALA B 537 -16.20 -24.12 19.57
C ALA B 537 -15.05 -24.45 18.59
N ASP B 538 -15.40 -24.70 17.34
CA ASP B 538 -14.41 -25.06 16.36
C ASP B 538 -13.53 -23.88 15.89
N TRP B 539 -13.72 -22.70 16.47
CA TRP B 539 -12.82 -21.56 16.24
C TRP B 539 -11.78 -21.43 17.34
N THR B 540 -11.93 -22.20 18.43
CA THR B 540 -11.05 -22.08 19.58
C THR B 540 -9.81 -22.93 19.43
N ALA B 541 -8.94 -22.87 20.43
CA ALA B 541 -7.72 -23.66 20.45
C ALA B 541 -7.95 -24.97 21.21
N VAL B 542 -8.63 -24.85 22.35
CA VAL B 542 -8.84 -25.99 23.23
C VAL B 542 -9.63 -27.11 22.55
N TYR B 543 -10.53 -26.76 21.66
CA TYR B 543 -11.29 -27.73 20.88
C TYR B 543 -10.38 -28.71 20.18
N TYR B 544 -9.22 -28.22 19.70
CA TYR B 544 -8.31 -29.05 18.94
C TYR B 544 -7.29 -29.86 19.76
N HIS B 545 -6.73 -29.24 20.80
CA HIS B 545 -5.67 -29.91 21.57
C HIS B 545 -6.22 -30.77 22.71
N ARG B 546 -7.36 -30.36 23.25
CA ARG B 546 -8.01 -31.06 24.36
C ARG B 546 -7.07 -31.37 25.54
N ALA B 547 -6.13 -30.49 25.79
CA ALA B 547 -5.16 -30.75 26.85
C ALA B 547 -5.80 -30.83 28.23
N SER B 548 -5.29 -31.72 29.06
CA SER B 548 -5.71 -31.87 30.45
C SER B 548 -4.53 -32.29 31.29
N LYS B 549 -4.79 -32.46 32.57
CA LYS B 549 -3.80 -32.91 33.55
C LYS B 549 -3.28 -34.28 33.14
N THR B 550 -4.11 -35.10 32.51
CA THR B 550 -3.66 -36.44 32.18
C THR B 550 -3.11 -36.64 30.78
N GLY B 551 -3.54 -35.82 29.82
CA GLY B 551 -3.06 -35.95 28.46
C GLY B 551 -3.39 -34.87 27.45
N ILE B 552 -3.14 -35.17 26.18
CA ILE B 552 -3.38 -34.17 25.12
C ILE B 552 -3.61 -34.89 23.79
N GLY B 553 -4.33 -34.24 22.89
CA GLY B 553 -4.60 -34.81 21.59
C GLY B 553 -6.05 -35.02 21.34
N PHE B 554 -6.38 -35.31 20.08
CA PHE B 554 -7.77 -35.44 19.67
C PHE B 554 -7.98 -36.84 19.12
N ASN B 555 -8.90 -37.61 19.70
CA ASN B 555 -9.14 -38.98 19.28
C ASN B 555 -9.99 -39.03 18.02
N ARG B 556 -9.35 -39.41 16.92
CA ARG B 556 -10.01 -39.54 15.62
C ARG B 556 -10.04 -40.97 15.12
N THR B 557 -9.76 -41.89 16.05
CA THR B 557 -9.83 -43.32 15.74
C THR B 557 -11.27 -43.83 15.89
N LYS B 558 -11.44 -45.12 15.68
CA LYS B 558 -12.73 -45.77 15.87
C LYS B 558 -13.35 -45.51 17.24
N THR B 559 -12.55 -45.30 18.26
CA THR B 559 -13.12 -45.01 19.59
C THR B 559 -13.39 -43.54 19.81
N GLY B 560 -13.02 -42.70 18.85
CA GLY B 560 -13.29 -41.25 18.97
C GLY B 560 -14.26 -40.79 17.90
N SER B 561 -13.85 -39.79 17.08
CA SER B 561 -14.70 -39.26 16.02
C SER B 561 -14.70 -40.15 14.78
N ASN B 562 -13.78 -41.10 14.74
CA ASN B 562 -13.63 -42.04 13.62
C ASN B 562 -13.42 -41.39 12.26
N ALA B 563 -12.75 -40.24 12.26
CA ALA B 563 -12.39 -39.60 11.01
C ALA B 563 -11.41 -40.46 10.22
N LEU B 564 -10.63 -41.33 10.89
CA LEU B 564 -9.73 -42.21 10.15
C LEU B 564 -10.45 -43.11 9.14
N ALA B 565 -11.70 -43.46 9.43
CA ALA B 565 -12.54 -44.26 8.49
C ALA B 565 -12.88 -43.49 7.20
N GLN B 566 -12.59 -42.20 7.16
CA GLN B 566 -12.82 -41.44 5.92
C GLN B 566 -11.67 -41.62 4.95
N TYR B 567 -10.60 -42.26 5.43
CA TYR B 567 -9.42 -42.53 4.62
C TYR B 567 -9.38 -43.94 4.07
N PRO B 568 -8.60 -44.19 3.01
CA PRO B 568 -8.43 -45.57 2.55
C PRO B 568 -7.84 -46.45 3.66
N GLU B 569 -8.27 -47.70 3.68
CA GLU B 569 -7.86 -48.66 4.71
C GLU B 569 -6.37 -48.64 5.08
N PRO B 570 -5.44 -48.68 4.14
CA PRO B 570 -4.05 -48.64 4.53
C PRO B 570 -3.67 -47.40 5.34
N ILE B 571 -4.26 -46.25 5.04
CA ILE B 571 -4.03 -45.02 5.80
C ILE B 571 -4.69 -45.10 7.19
N ALA B 572 -5.94 -45.52 7.25
CA ALA B 572 -6.61 -45.69 8.54
C ALA B 572 -5.84 -46.61 9.47
N LYS B 573 -5.31 -47.68 8.91
CA LYS B 573 -4.54 -48.66 9.66
C LYS B 573 -3.22 -48.11 10.16
N ALA B 574 -2.46 -47.47 9.29
CA ALA B 574 -1.17 -46.90 9.69
C ALA B 574 -1.33 -45.82 10.74
N TRP B 575 -2.32 -44.93 10.57
CA TRP B 575 -2.46 -43.83 11.50
C TRP B 575 -3.20 -44.20 12.77
N GLY B 576 -3.98 -45.28 12.74
CA GLY B 576 -4.76 -45.67 13.90
C GLY B 576 -3.96 -46.54 14.90
N ASP B 577 -2.79 -47.00 14.49
CA ASP B 577 -1.93 -47.85 15.36
C ASP B 577 -0.81 -47.01 15.90
N LEU B 578 -0.67 -46.97 17.20
CA LEU B 578 0.38 -46.20 17.83
C LEU B 578 1.76 -46.61 17.46
N ASN B 579 1.91 -47.84 17.01
CA ASN B 579 3.17 -48.32 16.60
C ASN B 579 3.60 -47.77 15.24
N SER B 580 2.65 -47.30 14.42
CA SER B 580 2.97 -46.88 13.03
C SER B 580 2.60 -45.45 12.68
N VAL B 581 1.79 -44.78 13.52
CA VAL B 581 1.38 -43.40 13.22
C VAL B 581 2.62 -42.48 13.26
N PRO B 582 2.81 -41.65 12.25
CA PRO B 582 3.91 -40.69 12.26
C PRO B 582 3.75 -39.76 13.45
N GLU B 583 4.83 -39.56 14.17
CA GLU B 583 4.84 -38.64 15.29
C GLU B 583 4.52 -37.22 14.89
N ASP B 584 4.88 -36.84 13.66
CA ASP B 584 4.55 -35.51 13.18
C ASP B 584 3.05 -35.26 12.93
N LEU B 585 2.24 -36.30 13.06
CA LEU B 585 0.81 -36.19 12.95
C LEU B 585 0.06 -36.76 14.16
N ILE B 586 0.78 -37.34 15.12
CA ILE B 586 0.17 -38.17 16.20
C ILE B 586 -1.07 -37.59 16.94
N LEU B 587 -1.01 -36.33 17.38
CA LEU B 587 -2.05 -35.70 18.15
C LEU B 587 -3.27 -35.27 17.32
N TRP B 588 -3.18 -35.41 15.99
CA TRP B 588 -4.35 -35.26 15.14
C TRP B 588 -5.33 -36.40 15.37
N PHE B 589 -4.82 -37.57 15.75
CA PHE B 589 -5.66 -38.76 15.80
C PHE B 589 -5.77 -39.44 17.15
N HIS B 590 -4.85 -39.13 18.06
CA HIS B 590 -4.77 -39.80 19.34
C HIS B 590 -4.70 -38.84 20.49
N HIS B 591 -5.45 -39.15 21.52
CA HIS B 591 -5.38 -38.45 22.78
C HIS B 591 -4.48 -39.35 23.63
N LEU B 592 -3.32 -38.83 24.00
CA LEU B 592 -2.32 -39.61 24.68
C LEU B 592 -1.98 -39.06 26.03
N SER B 593 -1.68 -39.95 26.96
CA SER B 593 -1.21 -39.55 28.29
C SER B 593 0.16 -38.86 28.19
N TRP B 594 0.43 -37.93 29.10
CA TRP B 594 1.69 -37.24 29.08
C TRP B 594 2.90 -38.14 29.28
N ASP B 595 2.68 -39.33 29.83
CA ASP B 595 3.80 -40.26 30.06
C ASP B 595 4.07 -41.19 28.86
N HIS B 596 3.31 -41.06 27.79
CA HIS B 596 3.57 -41.88 26.60
C HIS B 596 5.01 -41.62 26.13
N ARG B 597 5.80 -42.65 25.88
CA ARG B 597 7.16 -42.48 25.42
C ARG B 597 7.29 -42.41 23.93
N MET B 598 7.97 -41.38 23.45
CA MET B 598 8.18 -41.13 22.04
C MET B 598 9.44 -41.81 21.52
N GLN B 599 9.62 -41.81 20.20
CA GLN B 599 10.77 -42.48 19.58
C GLN B 599 12.08 -42.03 20.18
N SER B 600 12.17 -40.75 20.55
CA SER B 600 13.38 -40.19 21.11
C SER B 600 13.70 -40.67 22.53
N GLY B 601 12.73 -41.28 23.21
CA GLY B 601 12.91 -41.73 24.57
C GLY B 601 12.29 -40.78 25.58
N ARG B 602 11.97 -39.57 25.12
CA ARG B 602 11.32 -38.59 25.96
C ARG B 602 9.86 -38.96 26.13
N ASN B 603 9.28 -38.60 27.27
CA ASN B 603 7.80 -38.69 27.36
C ASN B 603 7.16 -37.56 26.53
N LEU B 604 5.87 -37.62 26.29
CA LEU B 604 5.18 -36.67 25.43
C LEU B 604 5.33 -35.26 25.93
N TRP B 605 5.25 -35.04 27.24
CA TRP B 605 5.46 -33.69 27.75
C TRP B 605 6.87 -33.15 27.38
N GLN B 606 7.87 -33.99 27.62
CA GLN B 606 9.26 -33.66 27.33
C GLN B 606 9.49 -33.43 25.84
N GLU B 607 8.83 -34.22 25.00
CA GLU B 607 8.97 -34.10 23.56
C GLU B 607 8.33 -32.79 23.10
N LEU B 608 7.17 -32.50 23.65
CA LEU B 608 6.49 -31.23 23.36
C LEU B 608 7.40 -30.06 23.62
N VAL B 609 7.96 -30.01 24.82
CA VAL B 609 8.87 -28.95 25.20
C VAL B 609 10.09 -28.91 24.27
N HIS B 610 10.68 -30.08 24.02
CA HIS B 610 11.81 -30.18 23.14
C HIS B 610 11.56 -29.58 21.75
N LYS B 611 10.41 -29.89 21.16
CA LYS B 611 10.08 -29.38 19.83
C LYS B 611 9.92 -27.85 19.80
N TYR B 612 9.23 -27.31 20.79
CA TYR B 612 9.03 -25.88 20.89
C TYR B 612 10.35 -25.16 21.02
N TYR B 613 11.24 -25.70 21.86
CA TYR B 613 12.58 -25.09 22.00
C TYR B 613 13.40 -25.24 20.73
N GLN B 614 13.24 -26.38 20.06
CA GLN B 614 13.96 -26.64 18.83
C GLN B 614 13.60 -25.62 17.74
N GLY B 615 12.33 -25.23 17.66
CA GLY B 615 11.88 -24.25 16.65
C GLY B 615 12.62 -22.93 16.82
N VAL B 616 12.76 -22.46 18.05
CA VAL B 616 13.48 -21.24 18.33
C VAL B 616 14.95 -21.39 17.98
N GLU B 617 15.54 -22.54 18.31
CA GLU B 617 16.94 -22.80 17.97
C GLU B 617 17.11 -22.83 16.44
N GLN B 618 16.14 -23.35 15.72
CA GLN B 618 16.21 -23.37 14.27
C GLN B 618 16.23 -21.93 13.67
N VAL B 619 15.41 -21.03 14.22
CA VAL B 619 15.41 -19.63 13.83
C VAL B 619 16.76 -18.96 14.13
N ARG B 620 17.30 -19.22 15.30
CA ARG B 620 18.61 -18.66 15.70
C ARG B 620 19.69 -19.16 14.76
N ALA B 621 19.58 -20.42 14.35
CA ALA B 621 20.49 -20.99 13.39
C ALA B 621 20.32 -20.34 11.97
N MET B 622 19.08 -20.01 11.60
CA MET B 622 18.82 -19.30 10.36
C MET B 622 19.47 -17.93 10.37
N GLN B 623 19.38 -17.25 11.52
CA GLN B 623 20.00 -15.97 11.72
C GLN B 623 21.50 -16.05 11.45
N ARG B 624 22.16 -17.02 12.07
CA ARG B 624 23.61 -17.17 11.88
C ARG B 624 23.95 -17.49 10.44
N THR B 625 23.18 -18.39 9.84
CA THR B 625 23.38 -18.73 8.45
C THR B 625 23.29 -17.49 7.58
N TRP B 626 22.24 -16.71 7.79
CA TRP B 626 22.06 -15.52 6.95
C TRP B 626 23.22 -14.53 7.08
N ASP B 627 23.67 -14.33 8.31
CA ASP B 627 24.79 -13.43 8.56
C ASP B 627 26.06 -13.81 7.81
N GLN B 628 26.25 -15.09 7.55
CA GLN B 628 27.40 -15.58 6.83
C GLN B 628 27.32 -15.33 5.33
N GLN B 629 26.24 -14.73 4.86
CA GLN B 629 26.07 -14.53 3.44
C GLN B 629 26.25 -13.10 2.99
N GLU B 630 26.70 -12.23 3.89
CA GLU B 630 26.79 -10.83 3.59
C GLU B 630 27.56 -10.47 2.31
N ALA B 631 28.64 -11.20 2.03
CA ALA B 631 29.45 -10.95 0.84
C ALA B 631 28.76 -11.30 -0.49
N TYR B 632 27.66 -12.04 -0.46
CA TYR B 632 27.01 -12.52 -1.70
C TYR B 632 25.70 -11.83 -2.05
N VAL B 633 25.20 -11.01 -1.16
CA VAL B 633 23.90 -10.35 -1.35
C VAL B 633 24.07 -8.84 -1.33
N ASP B 634 23.25 -8.12 -2.06
CA ASP B 634 23.30 -6.65 -2.02
C ASP B 634 23.01 -6.18 -0.61
N ALA B 635 23.57 -5.05 -0.23
CA ALA B 635 23.45 -4.53 1.14
C ALA B 635 21.98 -4.36 1.63
N ALA B 636 21.14 -3.85 0.75
CA ALA B 636 19.75 -3.55 1.12
C ALA B 636 18.94 -4.77 1.49
N ARG B 637 18.90 -5.76 0.62
CA ARG B 637 18.14 -6.96 0.89
C ARG B 637 18.76 -7.72 2.04
N PHE B 638 20.09 -7.69 2.13
CA PHE B 638 20.75 -8.34 3.26
C PHE B 638 20.29 -7.73 4.57
N ALA B 639 20.33 -6.41 4.67
CA ALA B 639 19.93 -5.75 5.91
C ALA B 639 18.46 -6.05 6.24
N GLN B 640 17.61 -6.05 5.23
CA GLN B 640 16.20 -6.26 5.41
C GLN B 640 15.91 -7.66 5.95
N VAL B 641 16.48 -8.69 5.33
CA VAL B 641 16.27 -10.07 5.80
C VAL B 641 16.91 -10.27 7.19
N LYS B 642 18.06 -9.65 7.42
CA LYS B 642 18.71 -9.73 8.74
C LYS B 642 17.76 -9.17 9.81
N ALA B 643 17.19 -8.00 9.55
CA ALA B 643 16.28 -7.41 10.53
C ALA B 643 15.02 -8.22 10.71
N LEU B 644 14.43 -8.71 9.63
CA LEU B 644 13.21 -9.51 9.74
C LEU B 644 13.42 -10.76 10.59
N LEU B 645 14.57 -11.41 10.40
CA LEU B 645 14.94 -12.56 11.18
C LEU B 645 15.07 -12.25 12.67
N GLN B 646 15.47 -11.03 13.00
CA GLN B 646 15.49 -10.63 14.41
C GLN B 646 14.05 -10.58 14.96
N VAL B 647 13.12 -10.05 14.16
CA VAL B 647 11.71 -9.95 14.58
C VAL B 647 11.14 -11.35 14.72
N GLN B 648 11.48 -12.20 13.77
CA GLN B 648 11.05 -13.60 13.79
C GLN B 648 11.57 -14.32 15.05
N GLU B 649 12.83 -14.12 15.39
CA GLU B 649 13.39 -14.74 16.57
C GLU B 649 12.67 -14.29 17.83
N ARG B 650 12.38 -13.00 17.91
CA ARG B 650 11.65 -12.44 19.05
C ARG B 650 10.25 -13.09 19.13
N GLU B 651 9.57 -13.12 18.01
CA GLU B 651 8.23 -13.73 17.97
C GLU B 651 8.24 -15.25 18.25
N ALA B 652 9.27 -15.91 17.74
CA ALA B 652 9.38 -17.36 17.97
C ALA B 652 9.56 -17.62 19.47
N VAL B 653 10.34 -16.80 20.17
CA VAL B 653 10.49 -16.93 21.61
C VAL B 653 9.15 -16.72 22.32
N ARG B 654 8.40 -15.72 21.87
CA ARG B 654 7.10 -15.44 22.46
C ARG B 654 6.14 -16.62 22.23
N TRP B 655 6.18 -17.16 21.02
CA TRP B 655 5.41 -18.36 20.72
C TRP B 655 5.80 -19.54 21.63
N ARG B 656 7.10 -19.79 21.75
CA ARG B 656 7.60 -20.89 22.53
C ARG B 656 7.19 -20.76 23.98
N ASN B 657 7.49 -19.59 24.54
CA ASN B 657 7.20 -19.31 25.93
C ASN B 657 5.72 -19.37 26.24
N SER B 658 4.91 -18.78 25.38
CA SER B 658 3.46 -18.77 25.55
C SER B 658 2.88 -20.17 25.54
N CYS B 659 3.28 -20.97 24.57
CA CYS B 659 2.75 -22.32 24.45
C CYS B 659 3.23 -23.25 25.55
N VAL B 660 4.53 -23.27 25.79
CA VAL B 660 5.11 -24.13 26.82
C VAL B 660 4.54 -23.78 28.20
N LEU B 661 4.43 -22.50 28.51
CA LEU B 661 3.87 -22.13 29.80
C LEU B 661 2.40 -22.46 29.88
N TYR B 662 1.67 -22.33 28.76
CA TYR B 662 0.27 -22.65 28.80
C TYR B 662 0.09 -24.16 29.07
N PHE B 663 0.71 -25.00 28.24
CA PHE B 663 0.57 -26.43 28.37
C PHE B 663 1.12 -26.89 29.74
N GLN B 664 2.15 -26.22 30.25
CA GLN B 664 2.59 -26.49 31.64
C GLN B 664 1.52 -26.23 32.68
N SER B 665 0.77 -25.14 32.52
CA SER B 665 -0.28 -24.79 33.45
C SER B 665 -1.40 -25.84 33.46
N VAL B 666 -1.54 -26.57 32.37
CA VAL B 666 -2.56 -27.60 32.26
C VAL B 666 -2.00 -28.96 32.72
N ALA B 667 -0.80 -29.33 32.27
CA ALA B 667 -0.18 -30.60 32.63
C ALA B 667 0.39 -30.62 34.07
N GLY B 668 0.84 -29.48 34.58
CA GLY B 668 1.42 -29.41 35.90
C GLY B 668 2.75 -30.12 35.94
N ARG B 669 3.57 -29.97 34.92
CA ARG B 669 4.86 -30.66 34.88
C ARG B 669 5.94 -29.63 34.66
N PRO B 670 7.14 -29.86 35.17
CA PRO B 670 8.19 -28.87 35.04
C PRO B 670 8.85 -28.89 33.69
N ILE B 671 9.36 -27.74 33.27
CA ILE B 671 10.20 -27.65 32.09
C ILE B 671 11.56 -28.21 32.53
N PRO B 672 12.10 -29.19 31.83
CA PRO B 672 13.39 -29.77 32.17
C PRO B 672 14.45 -28.70 32.33
N ALA B 673 15.30 -28.90 33.33
CA ALA B 673 16.32 -27.94 33.78
C ALA B 673 17.33 -27.45 32.75
N ASN B 674 17.63 -28.26 31.74
CA ASN B 674 18.59 -27.84 30.73
C ASN B 674 18.09 -26.70 29.80
N TYR B 675 16.77 -26.53 29.69
CA TYR B 675 16.19 -25.47 28.85
C TYR B 675 16.19 -24.15 29.60
N GLU B 676 16.27 -23.04 28.86
CA GLU B 676 16.16 -21.72 29.49
C GLU B 676 14.73 -21.55 29.98
N GLN B 677 14.57 -21.32 31.26
CA GLN B 677 13.24 -21.11 31.85
C GLN B 677 12.74 -19.72 31.50
N PRO B 678 11.50 -19.59 31.04
CA PRO B 678 10.94 -18.24 30.87
C PRO B 678 10.95 -17.51 32.21
N GLU B 679 11.27 -16.23 32.19
CA GLU B 679 11.37 -15.47 33.45
C GLU B 679 10.00 -15.00 33.88
N HIS B 680 9.11 -14.77 32.92
CA HIS B 680 7.76 -14.35 33.23
C HIS B 680 6.80 -15.52 33.26
N ASP B 681 5.62 -15.29 33.82
CA ASP B 681 4.60 -16.30 33.94
C ASP B 681 3.61 -16.29 32.74
N LEU B 682 2.65 -17.19 32.81
CA LEU B 682 1.65 -17.34 31.77
C LEU B 682 0.82 -16.06 31.60
N GLU B 683 0.42 -15.40 32.70
CA GLU B 683 -0.35 -14.17 32.60
C GLU B 683 0.38 -13.11 31.77
N TYR B 684 1.69 -12.99 31.94
CA TYR B 684 2.46 -12.04 31.16
C TYR B 684 2.32 -12.28 29.66
N TYR B 685 2.35 -13.55 29.25
CA TYR B 685 2.20 -13.88 27.81
C TYR B 685 0.76 -13.71 27.34
N LYS B 686 -0.20 -13.87 28.24
CA LYS B 686 -1.57 -13.55 27.89
C LYS B 686 -1.70 -12.04 27.64
N MET B 687 -1.01 -11.25 28.47
CA MET B 687 -0.96 -9.81 28.33
C MET B 687 -0.30 -9.45 27.00
N LEU B 688 0.82 -10.06 26.70
CA LEU B 688 1.45 -9.83 25.40
C LEU B 688 0.54 -10.20 24.19
N ALA B 689 -0.24 -11.26 24.32
CA ALA B 689 -1.16 -11.63 23.26
C ALA B 689 -2.20 -10.54 23.05
N ARG B 690 -2.63 -9.89 24.12
CA ARG B 690 -3.60 -8.80 24.01
C ARG B 690 -2.97 -7.51 23.50
N THR B 691 -1.65 -7.32 23.69
CA THR B 691 -1.06 -6.03 23.36
C THR B 691 -0.03 -5.94 22.25
N THR B 692 0.47 -7.06 21.75
CA THR B 692 1.48 -7.07 20.72
C THR B 692 0.85 -6.72 19.40
N TYR B 693 1.38 -5.67 18.80
CA TYR B 693 0.90 -5.20 17.51
C TYR B 693 0.76 -6.32 16.48
N VAL B 694 -0.40 -6.39 15.85
CA VAL B 694 -0.68 -7.32 14.76
C VAL B 694 -0.39 -6.63 13.42
N PRO B 695 0.68 -7.01 12.71
CA PRO B 695 1.05 -6.29 11.48
C PRO B 695 0.30 -6.70 10.21
N GLU B 696 -0.96 -6.31 10.13
CA GLU B 696 -1.75 -6.52 8.92
C GLU B 696 -2.81 -5.44 8.92
N PRO B 697 -2.89 -4.69 7.83
CA PRO B 697 -3.96 -3.70 7.71
C PRO B 697 -5.39 -4.26 7.85
N TRP B 698 -5.70 -5.40 7.23
CA TRP B 698 -7.07 -5.94 7.18
C TRP B 698 -7.69 -6.31 8.52
N HIS B 699 -7.03 -7.12 9.33
CA HIS B 699 -7.72 -7.63 10.50
C HIS B 699 -7.89 -6.55 11.55
N PRO B 700 -9.09 -6.46 12.13
CA PRO B 700 -9.40 -5.49 13.20
C PRO B 700 -8.40 -5.43 14.38
N ALA B 701 -7.77 -6.57 14.69
CA ALA B 701 -6.81 -6.59 15.79
C ALA B 701 -5.69 -5.54 15.63
N SER B 702 -5.32 -5.19 14.40
CA SER B 702 -4.28 -4.16 14.24
C SER B 702 -4.72 -2.78 14.74
N SER B 703 -6.04 -2.56 14.86
CA SER B 703 -6.62 -1.33 15.35
C SER B 703 -6.97 -1.39 16.83
N SER B 704 -6.73 -2.56 17.43
CA SER B 704 -7.06 -2.75 18.86
C SER B 704 -6.24 -1.85 19.75
N ARG B 705 -6.93 -1.14 20.64
CA ARG B 705 -6.24 -0.21 21.55
C ARG B 705 -6.06 -0.79 22.96
N VAL B 706 -6.20 -2.11 23.10
CA VAL B 706 -6.01 -2.75 24.38
C VAL B 706 -4.57 -2.56 24.81
N LEU B 707 -4.40 -2.12 26.04
CA LEU B 707 -3.08 -1.81 26.59
C LEU B 707 -2.78 -2.51 27.94
N LYS B 708 -3.60 -3.47 28.33
CA LYS B 708 -3.41 -4.28 29.55
C LYS B 708 -3.75 -5.75 29.27
#